data_3C7R
# 
_entry.id   3C7R 
# 
_audit_conform.dict_name       mmcif_pdbx.dic 
_audit_conform.dict_version    5.380 
_audit_conform.dict_location   http://mmcif.pdb.org/dictionaries/ascii/mmcif_pdbx.dic 
# 
loop_
_database_2.database_id 
_database_2.database_code 
_database_2.pdbx_database_accession 
_database_2.pdbx_DOI 
PDB   3C7R         pdb_00003c7r 10.2210/pdb3c7r/pdb 
NDB   DR0044       ?            ?                   
RCSB  RCSB046447   ?            ?                   
WWPDB D_1000046447 ?            ?                   
# 
loop_
_pdbx_database_related.db_name 
_pdbx_database_related.db_id 
_pdbx_database_related.details 
_pdbx_database_related.content_type 
PDB 2QEK 'free subtype F extended duplex'                            unspecified 
PDB 3C44 'subtype F HIV-1 DIS extended duplex bound to paromomycin'  unspecified 
PDB 3C3Z 'subtype F HIV-1 DIS extended duplex bound to ribostamycin' unspecified 
PDB 3C5D 'subtype F HIV-1 DIS extended duplex bound to lividomycin'  unspecified 
# 
_pdbx_database_status.status_code                     REL 
_pdbx_database_status.entry_id                        3C7R 
_pdbx_database_status.recvd_initial_deposition_date   2008-02-08 
_pdbx_database_status.deposit_site                    RCSB 
_pdbx_database_status.process_site                    PDBJ 
_pdbx_database_status.status_code_sf                  REL 
_pdbx_database_status.status_code_mr                  ? 
_pdbx_database_status.SG_entry                        ? 
_pdbx_database_status.pdb_format_compatible           Y 
_pdbx_database_status.status_code_cs                  ? 
_pdbx_database_status.methods_development_category    ? 
_pdbx_database_status.status_code_nmr_data            ? 
# 
loop_
_audit_author.name 
_audit_author.pdbx_ordinal 
_audit_author.identifier_ORCID 
'Freisz, S.'  1 ? 
'Lang, K.'    2 ? 
'Micura, R.'  3 ? 
'Dumas, P.'   4 ? 
'Ennifar, E.' 5 ? 
# 
_citation.id                        primary 
_citation.title                     
'Binding of aminoglycoside antibiotics to the duplex form of the HIV-1 genomic RNA dimerization initiation site.' 
_citation.journal_abbrev            Angew.Chem.Int.Ed.Engl. 
_citation.journal_volume            47 
_citation.page_first                4110 
_citation.page_last                 4113 
_citation.year                      2008 
_citation.journal_id_ASTM           ACIEAY 
_citation.country                   GE 
_citation.journal_id_ISSN           0570-0833 
_citation.journal_id_CSD            0179 
_citation.book_publisher            ? 
_citation.pdbx_database_id_PubMed   18435520 
_citation.pdbx_database_id_DOI      10.1002/anie.200800726 
# 
loop_
_citation_author.citation_id 
_citation_author.name 
_citation_author.ordinal 
_citation_author.identifier_ORCID 
primary 'Freisz, S.'  1 ? 
primary 'Lang, K.'    2 ? 
primary 'Micura, R.'  3 ? 
primary 'Dumas, P.'   4 ? 
primary 'Ennifar, E.' 5 ? 
# 
_cell.entry_id           3C7R 
_cell.length_a           100.130 
_cell.length_b           30.330 
_cell.length_c           58.330 
_cell.angle_alpha        90.00 
_cell.angle_beta         120.79 
_cell.angle_gamma        90.00 
_cell.Z_PDB              8 
_cell.pdbx_unique_axis   ? 
_cell.length_a_esd       ? 
_cell.length_b_esd       ? 
_cell.length_c_esd       ? 
_cell.angle_alpha_esd    ? 
_cell.angle_beta_esd     ? 
_cell.angle_gamma_esd    ? 
# 
_symmetry.entry_id                         3C7R 
_symmetry.space_group_name_H-M             'C 1 2 1' 
_symmetry.pdbx_full_space_group_name_H-M   ? 
_symmetry.cell_setting                     ? 
_symmetry.Int_Tables_number                5 
_symmetry.space_group_name_Hall            ? 
# 
loop_
_entity.id 
_entity.type 
_entity.src_method 
_entity.pdbx_description 
_entity.formula_weight 
_entity.pdbx_number_of_molecules 
_entity.pdbx_ec 
_entity.pdbx_mutation 
_entity.pdbx_fragment 
_entity.details 
1 polymer     syn 'HIV-1 subtype F genomic RNA' 7463.459 2  ? ? ? ? 
2 non-polymer syn NEOMYCIN                      614.644  2  ? ? ? ? 
3 non-polymer syn 'POTASSIUM ION'               39.098   2  ? ? ? ? 
4 water       nat water                         18.015   96 ? ? ? ? 
# 
_entity_poly.entity_id                      1 
_entity_poly.type                           'polydeoxyribonucleotide/polyribonucleotide hybrid' 
_entity_poly.nstd_linkage                   no 
_entity_poly.nstd_monomer                   yes 
_entity_poly.pdbx_seq_one_letter_code       'CU(UMS)GCUGAAGUGCACACAGCAAG' 
_entity_poly.pdbx_seq_one_letter_code_can   CUUGCUGAAGUGCACACAGCAAG 
_entity_poly.pdbx_strand_id                 A,B 
_entity_poly.pdbx_target_identifier         ? 
# 
loop_
_entity_poly_seq.entity_id 
_entity_poly_seq.num 
_entity_poly_seq.mon_id 
_entity_poly_seq.hetero 
1 1  C   n 
1 2  U   n 
1 3  UMS n 
1 4  G   n 
1 5  C   n 
1 6  U   n 
1 7  G   n 
1 8  A   n 
1 9  A   n 
1 10 G   n 
1 11 U   n 
1 12 G   n 
1 13 C   n 
1 14 A   n 
1 15 C   n 
1 16 A   n 
1 17 C   n 
1 18 A   n 
1 19 G   n 
1 20 C   n 
1 21 A   n 
1 22 A   n 
1 23 G   n 
# 
_struct_ref.id                         1 
_struct_ref.db_name                    PDB 
_struct_ref.db_code                    3C7R 
_struct_ref.pdbx_db_accession          3C7R 
_struct_ref.entity_id                  1 
_struct_ref.pdbx_align_begin           ? 
_struct_ref.pdbx_seq_one_letter_code   ? 
_struct_ref.pdbx_db_isoform            ? 
# 
loop_
_struct_ref_seq.align_id 
_struct_ref_seq.ref_id 
_struct_ref_seq.pdbx_PDB_id_code 
_struct_ref_seq.pdbx_strand_id 
_struct_ref_seq.seq_align_beg 
_struct_ref_seq.pdbx_seq_align_beg_ins_code 
_struct_ref_seq.seq_align_end 
_struct_ref_seq.pdbx_seq_align_end_ins_code 
_struct_ref_seq.pdbx_db_accession 
_struct_ref_seq.db_align_beg 
_struct_ref_seq.pdbx_db_align_beg_ins_code 
_struct_ref_seq.db_align_end 
_struct_ref_seq.pdbx_db_align_end_ins_code 
_struct_ref_seq.pdbx_auth_seq_align_beg 
_struct_ref_seq.pdbx_auth_seq_align_end 
1 1 3C7R A 1 ? 23 ? 3C7R 1 ? 23 ? 1 23 
2 1 3C7R B 1 ? 23 ? 3C7R 1 ? 23 ? 1 23 
# 
loop_
_chem_comp.id 
_chem_comp.type 
_chem_comp.mon_nstd_flag 
_chem_comp.name 
_chem_comp.pdbx_synonyms 
_chem_comp.formula 
_chem_comp.formula_weight 
A   'RNA linking' y "ADENOSINE-5'-MONOPHOSPHATE"                    ?                                           'C10 H14 N5 O7 P' 
347.221 
C   'RNA linking' y "CYTIDINE-5'-MONOPHOSPHATE"                     ?                                           'C9 H14 N3 O8 P' 
323.197 
G   'RNA linking' y "GUANOSINE-5'-MONOPHOSPHATE"                    ?                                           'C10 H14 N5 O8 P' 
363.221 
HOH non-polymer   . WATER                                           ?                                           'H2 O' 18.015  
K   non-polymer   . 'POTASSIUM ION'                                 ?                                           'K 1' 39.098  
NMY non-polymer   . NEOMYCIN                                        'MYCIFRADIN; NEOMAS; PIMAVECORT; VONAMYCIN' 'C23 H46 N6 O13' 
614.644 
U   'RNA linking' y "URIDINE-5'-MONOPHOSPHATE"                      ?                                           'C9 H13 N2 O9 P' 
324.181 
UMS 'DNA linking' n "2'-METHYLSELENYL-2'-DEOXYURIDINE-5'-PHOSPHATE" ?                                           
'C10 H15 N2 O8 P Se' 401.168 
# 
_exptl.entry_id          3C7R 
_exptl.method            'X-RAY DIFFRACTION' 
_exptl.crystals_number   1 
# 
_exptl_crystal.id                    1 
_exptl_crystal.density_meas          ? 
_exptl_crystal.density_Matthews      2.55 
_exptl_crystal.density_percent_sol   51.74 
_exptl_crystal.description           ? 
_exptl_crystal.F_000                 ? 
_exptl_crystal.preparation           ? 
# 
_exptl_crystal_grow.crystal_id      1 
_exptl_crystal_grow.method          'VAPOR DIFFUSION, SITTING DROP' 
_exptl_crystal_grow.temp            310 
_exptl_crystal_grow.temp_details    ? 
_exptl_crystal_grow.pH              6.5 
_exptl_crystal_grow.pdbx_details    'MPD, KCl, MgCl2, Na cacodylate, pH 6.5, VAPOR DIFFUSION, SITTING DROP, temperature 310K' 
_exptl_crystal_grow.pdbx_pH_range   . 
# 
loop_
_exptl_crystal_grow_comp.crystal_id 
_exptl_crystal_grow_comp.id 
_exptl_crystal_grow_comp.sol_id 
_exptl_crystal_grow_comp.name 
_exptl_crystal_grow_comp.conc 
_exptl_crystal_grow_comp.volume 
_exptl_crystal_grow_comp.details 
1 1 1 'Na cacodylate' ? ? ? 
1 2 1 MgCl2           ? ? ? 
1 3 1 KCl             ? ? ? 
1 4 1 MPD             ? ? ? 
1 5 2 'Na cacodylate' ? ? ? 
1 6 2 MgCl2           ? ? ? 
1 7 2 KCl             ? ? ? 
1 8 2 MPD             ? ? ? 
# 
_diffrn.id                     1 
_diffrn.ambient_temp           90 
_diffrn.ambient_temp_details   ? 
_diffrn.crystal_id             1 
# 
_diffrn_detector.diffrn_id              1 
_diffrn_detector.detector               CCD 
_diffrn_detector.type                   'ADSC QUANTUM 4' 
_diffrn_detector.pdbx_collection_date   2006-11-19 
_diffrn_detector.details                ? 
# 
_diffrn_radiation.diffrn_id                        1 
_diffrn_radiation.wavelength_id                    1 
_diffrn_radiation.pdbx_monochromatic_or_laue_m_l   M 
_diffrn_radiation.monochromator                    crystal 
_diffrn_radiation.pdbx_diffrn_protocol             'SINGLE WAVELENGTH' 
_diffrn_radiation.pdbx_scattering_type             x-ray 
# 
_diffrn_radiation_wavelength.id           1 
_diffrn_radiation_wavelength.wavelength   0.933 
_diffrn_radiation_wavelength.wt           1.0 
# 
_diffrn_source.diffrn_id                   1 
_diffrn_source.source                      SYNCHROTRON 
_diffrn_source.type                        'ESRF BEAMLINE ID14-2' 
_diffrn_source.pdbx_synchrotron_site       ESRF 
_diffrn_source.pdbx_synchrotron_beamline   ID14-2 
_diffrn_source.pdbx_wavelength             ? 
_diffrn_source.pdbx_wavelength_list        0.933 
# 
_reflns.entry_id                     3C7R 
_reflns.observed_criterion_sigma_I   ? 
_reflns.observed_criterion_sigma_F   ? 
_reflns.d_resolution_low             29.07 
_reflns.d_resolution_high            1.7 
_reflns.number_obs                   31607 
_reflns.number_all                   ? 
_reflns.percent_possible_obs         97.5 
_reflns.pdbx_Rmerge_I_obs            ? 
_reflns.pdbx_Rsym_value              0.039 
_reflns.pdbx_netI_over_sigmaI        43.2 
_reflns.B_iso_Wilson_estimate        30.6 
_reflns.pdbx_redundancy              8.5 
_reflns.R_free_details               ? 
_reflns.pdbx_chi_squared             ? 
_reflns.pdbx_scaling_rejects         ? 
_reflns.pdbx_diffrn_id               1 
_reflns.pdbx_ordinal                 1 
_reflns.pdbx_CC_half                 ? 
_reflns.pdbx_Rpim_I_all              ? 
_reflns.pdbx_Rrim_I_all              ? 
# 
_reflns_shell.d_res_high             1.70 
_reflns_shell.d_res_low              1.75 
_reflns_shell.percent_possible_all   79.1 
_reflns_shell.Rmerge_I_obs           ? 
_reflns_shell.pdbx_Rsym_value        0.354 
_reflns_shell.meanI_over_sigI_obs    3.3 
_reflns_shell.pdbx_redundancy        6.4 
_reflns_shell.percent_possible_obs   ? 
_reflns_shell.number_unique_all      2156 
_reflns_shell.number_measured_all    ? 
_reflns_shell.number_measured_obs    ? 
_reflns_shell.number_unique_obs      ? 
_reflns_shell.pdbx_chi_squared       ? 
_reflns_shell.pdbx_diffrn_id         ? 
_reflns_shell.pdbx_ordinal           1 
_reflns_shell.pdbx_CC_half           ? 
_reflns_shell.pdbx_Rpim_I_all        ? 
_reflns_shell.pdbx_Rrim_I_all        ? 
# 
_refine.entry_id                                 3C7R 
_refine.ls_number_reflns_obs                     31550 
_refine.ls_number_reflns_all                     31607 
_refine.pdbx_ls_sigma_I                          0 
_refine.pdbx_ls_sigma_F                          0.0 
_refine.pdbx_data_cutoff_high_absF               791991.66 
_refine.pdbx_data_cutoff_low_absF                0.000000 
_refine.pdbx_data_cutoff_high_rms_absF           ? 
_refine.ls_d_res_low                             29.07 
_refine.ls_d_res_high                            1.70 
_refine.ls_percent_reflns_obs                    97.2 
_refine.ls_R_factor_obs                          0.251 
_refine.ls_R_factor_all                          ? 
_refine.ls_R_factor_R_work                       0.251 
_refine.ls_R_factor_R_free                       0.261 
_refine.ls_R_factor_R_free_error                 0.005 
_refine.ls_R_factor_R_free_error_details         ? 
_refine.ls_percent_reflns_R_free                 7.9 
_refine.ls_number_reflns_R_free                  2485 
_refine.ls_number_parameters                     ? 
_refine.ls_number_restraints                     ? 
_refine.occupancy_min                            ? 
_refine.occupancy_max                            ? 
_refine.correlation_coeff_Fo_to_Fc               ? 
_refine.correlation_coeff_Fo_to_Fc_free          ? 
_refine.B_iso_mean                               46.4 
_refine.aniso_B[1][1]                            -8.60 
_refine.aniso_B[2][2]                            20.87 
_refine.aniso_B[3][3]                            -12.27 
_refine.aniso_B[1][2]                            0.00 
_refine.aniso_B[1][3]                            -1.75 
_refine.aniso_B[2][3]                            0.00 
_refine.solvent_model_details                    'FLAT MODEL' 
_refine.solvent_model_param_ksol                 0.466491 
_refine.solvent_model_param_bsol                 70.0801 
_refine.pdbx_solvent_vdw_probe_radii             ? 
_refine.pdbx_solvent_ion_probe_radii             ? 
_refine.pdbx_solvent_shrinkage_radii             ? 
_refine.pdbx_ls_cross_valid_method               THROUGHOUT 
_refine.details                                  ? 
_refine.pdbx_starting_model                      3C3Z 
_refine.pdbx_method_to_determine_struct          'MOLECULAR REPLACEMENT' 
_refine.pdbx_isotropic_thermal_model             RESTRAINED 
_refine.pdbx_stereochemistry_target_values       ? 
_refine.pdbx_stereochem_target_val_spec_case     ? 
_refine.pdbx_R_Free_selection_details            RANDOM 
_refine.pdbx_overall_ESU_R                       ? 
_refine.pdbx_overall_ESU_R_Free                  ? 
_refine.overall_SU_ML                            ? 
_refine.overall_SU_B                             ? 
_refine.ls_redundancy_reflns_obs                 ? 
_refine.overall_SU_R_Cruickshank_DPI             ? 
_refine.overall_SU_R_free                        ? 
_refine.ls_wR_factor_R_free                      ? 
_refine.ls_wR_factor_R_work                      ? 
_refine.overall_FOM_free_R_set                   ? 
_refine.overall_FOM_work_R_set                   ? 
_refine.pdbx_overall_phase_error                 ? 
_refine.pdbx_refine_id                           'X-RAY DIFFRACTION' 
_refine.pdbx_diffrn_id                           1 
_refine.pdbx_TLS_residual_ADP_flag               ? 
_refine.pdbx_overall_SU_R_free_Cruickshank_DPI   ? 
_refine.pdbx_overall_SU_R_Blow_DPI               ? 
_refine.pdbx_overall_SU_R_free_Blow_DPI          ? 
# 
_refine_analyze.entry_id                        3C7R 
_refine_analyze.Luzzati_coordinate_error_obs    0.36 
_refine_analyze.Luzzati_sigma_a_obs             0.51 
_refine_analyze.Luzzati_d_res_low_obs           5.00 
_refine_analyze.Luzzati_coordinate_error_free   0.33 
_refine_analyze.Luzzati_sigma_a_free            0.58 
_refine_analyze.Luzzati_d_res_low_free          ? 
_refine_analyze.number_disordered_residues      ? 
_refine_analyze.occupancy_sum_hydrogen          ? 
_refine_analyze.occupancy_sum_non_hydrogen      ? 
_refine_analyze.pdbx_refine_id                  'X-RAY DIFFRACTION' 
# 
_refine_hist.pdbx_refine_id                   'X-RAY DIFFRACTION' 
_refine_hist.cycle_id                         LAST 
_refine_hist.pdbx_number_atoms_protein        0 
_refine_hist.pdbx_number_atoms_nucleic_acid   980 
_refine_hist.pdbx_number_atoms_ligand         86 
_refine_hist.number_atoms_solvent             96 
_refine_hist.number_atoms_total               1162 
_refine_hist.d_res_high                       1.70 
_refine_hist.d_res_low                        29.07 
# 
loop_
_refine_ls_restr.type 
_refine_ls_restr.dev_ideal 
_refine_ls_restr.dev_ideal_target 
_refine_ls_restr.weight 
_refine_ls_restr.number 
_refine_ls_restr.pdbx_refine_id 
_refine_ls_restr.pdbx_restraint_function 
c_bond_d           0.007 ? ? ? 'X-RAY DIFFRACTION' ? 
c_angle_deg        1.2   ? ? ? 'X-RAY DIFFRACTION' ? 
c_dihedral_angle_d 9.6   ? ? ? 'X-RAY DIFFRACTION' ? 
c_improper_angle_d 4.92  ? ? ? 'X-RAY DIFFRACTION' ? 
# 
_refine_ls_shell.pdbx_total_number_of_bins_used   6 
_refine_ls_shell.d_res_high                       1.70 
_refine_ls_shell.d_res_low                        1.81 
_refine_ls_shell.number_reflns_R_work             4345 
_refine_ls_shell.R_factor_R_work                  0.498 
_refine_ls_shell.percent_reflns_obs               87.0 
_refine_ls_shell.R_factor_R_free                  0.543 
_refine_ls_shell.R_factor_R_free_error            0.029 
_refine_ls_shell.percent_reflns_R_free            7.7 
_refine_ls_shell.number_reflns_R_free             362 
_refine_ls_shell.number_reflns_all                ? 
_refine_ls_shell.R_factor_all                     ? 
_refine_ls_shell.number_reflns_obs                4768 
_refine_ls_shell.redundancy_reflns_obs            ? 
_refine_ls_shell.pdbx_refine_id                   'X-RAY DIFFRACTION' 
_refine_ls_shell.R_factor_obs                     ? 
# 
loop_
_pdbx_xplor_file.serial_no 
_pdbx_xplor_file.param_file 
_pdbx_xplor_file.topol_file 
_pdbx_xplor_file.pdbx_refine_id 
1 dna-rna_multi_end.param dna-rna.top   'X-RAY DIFFRACTION' 
2 neomycine.param         neomycine.top 'X-RAY DIFFRACTION' 
3 water_rep.param         water_rep.top 'X-RAY DIFFRACTION' 
4 ion.param               ion.top       'X-RAY DIFFRACTION' 
5 ums_xplor.param         ums_xplor.top 'X-RAY DIFFRACTION' 
# 
_struct.entry_id                  3C7R 
_struct.title                     'Crystal Structure of HIV-1 subtype F DIS extended duplex RNA bound to neomycin' 
_struct.pdbx_model_details        ? 
_struct.pdbx_CASP_flag            ? 
_struct.pdbx_model_type_details   ? 
# 
_struct_keywords.entry_id        3C7R 
_struct_keywords.pdbx_keywords   RNA 
_struct_keywords.text            'HIV-1, RNA, Aminoglycoside, neomycin, extended duplex' 
# 
loop_
_struct_asym.id 
_struct_asym.pdbx_blank_PDB_chainid_flag 
_struct_asym.pdbx_modified 
_struct_asym.entity_id 
_struct_asym.details 
A N N 1 ? 
B N N 1 ? 
C N N 2 ? 
D N N 3 ? 
E N N 2 ? 
F N N 3 ? 
G N N 4 ? 
H N N 4 ? 
# 
loop_
_struct_conn.id 
_struct_conn.conn_type_id 
_struct_conn.pdbx_leaving_atom_flag 
_struct_conn.pdbx_PDB_id 
_struct_conn.ptnr1_label_asym_id 
_struct_conn.ptnr1_label_comp_id 
_struct_conn.ptnr1_label_seq_id 
_struct_conn.ptnr1_label_atom_id 
_struct_conn.pdbx_ptnr1_label_alt_id 
_struct_conn.pdbx_ptnr1_PDB_ins_code 
_struct_conn.pdbx_ptnr1_standard_comp_id 
_struct_conn.ptnr1_symmetry 
_struct_conn.ptnr2_label_asym_id 
_struct_conn.ptnr2_label_comp_id 
_struct_conn.ptnr2_label_seq_id 
_struct_conn.ptnr2_label_atom_id 
_struct_conn.pdbx_ptnr2_label_alt_id 
_struct_conn.pdbx_ptnr2_PDB_ins_code 
_struct_conn.ptnr1_auth_asym_id 
_struct_conn.ptnr1_auth_comp_id 
_struct_conn.ptnr1_auth_seq_id 
_struct_conn.ptnr2_auth_asym_id 
_struct_conn.ptnr2_auth_comp_id 
_struct_conn.ptnr2_auth_seq_id 
_struct_conn.ptnr2_symmetry 
_struct_conn.pdbx_ptnr3_label_atom_id 
_struct_conn.pdbx_ptnr3_label_seq_id 
_struct_conn.pdbx_ptnr3_label_comp_id 
_struct_conn.pdbx_ptnr3_label_asym_id 
_struct_conn.pdbx_ptnr3_label_alt_id 
_struct_conn.pdbx_ptnr3_PDB_ins_code 
_struct_conn.details 
_struct_conn.pdbx_dist_value 
_struct_conn.pdbx_value_order 
_struct_conn.pdbx_role 
covale1  covale both ? A U   2  "O3'" ? ? ? 1_555 A UMS 3  P  ? ? A U   2  A UMS 3  1_555 ? ? ? ? ? ? ?            1.603 ? ? 
covale2  covale both ? A UMS 3  "O3'" ? ? ? 1_555 A G   4  P  ? ? A UMS 3  A G   4  1_555 ? ? ? ? ? ? ?            1.604 ? ? 
covale3  covale both ? B U   2  "O3'" ? ? ? 1_555 B UMS 3  P  ? ? B U   2  B UMS 3  1_555 ? ? ? ? ? ? ?            1.602 ? ? 
covale4  covale both ? B UMS 3  "O3'" ? ? ? 1_555 B G   4  P  ? ? B UMS 3  B G   4  1_555 ? ? ? ? ? ? ?            1.601 ? ? 
metalc1  metalc ?    ? D K   .  K     ? ? ? 1_555 G HOH .  O  ? ? A K   25 A HOH 51 1_555 ? ? ? ? ? ? ?            2.830 ? ? 
metalc2  metalc ?    ? B UMS 3  O4    ? ? ? 1_555 F K   .  K  ? ? B UMS 3  B K   25 1_555 ? ? ? ? ? ? ?            2.729 ? ? 
metalc3  metalc ?    ? B G   4  O6    ? ? ? 1_555 F K   .  K  ? ? B G   4  B K   25 1_555 ? ? ? ? ? ? ?            2.768 ? ? 
metalc4  metalc ?    ? F K   .  K     ? ? ? 1_555 H HOH .  O  ? ? B K   25 B HOH 63 1_555 ? ? ? ? ? ? ?            2.830 ? ? 
hydrog1  hydrog ?    ? A C   1  N3    ? ? ? 1_555 B G   23 N1 ? ? A C   1  B G   23 1_555 ? ? ? ? ? ? WATSON-CRICK ?     ? ? 
hydrog2  hydrog ?    ? A C   1  N4    ? ? ? 1_555 B G   23 O6 ? ? A C   1  B G   23 1_555 ? ? ? ? ? ? WATSON-CRICK ?     ? ? 
hydrog3  hydrog ?    ? A C   1  O2    ? ? ? 1_555 B G   23 N2 ? ? A C   1  B G   23 1_555 ? ? ? ? ? ? WATSON-CRICK ?     ? ? 
hydrog4  hydrog ?    ? A U   2  N3    ? ? ? 1_555 B A   22 N1 ? ? A U   2  B A   22 1_555 ? ? ? ? ? ? WATSON-CRICK ?     ? ? 
hydrog5  hydrog ?    ? A U   2  O4    ? ? ? 1_555 B A   22 N6 ? ? A U   2  B A   22 1_555 ? ? ? ? ? ? WATSON-CRICK ?     ? ? 
hydrog6  hydrog ?    ? A UMS 3  N3    ? ? ? 1_555 B A   21 N1 ? ? A UMS 3  B A   21 1_555 ? ? ? ? ? ? WATSON-CRICK ?     ? ? 
hydrog7  hydrog ?    ? A UMS 3  O4    ? ? ? 1_555 B A   21 N6 ? ? A UMS 3  B A   21 1_555 ? ? ? ? ? ? WATSON-CRICK ?     ? ? 
hydrog8  hydrog ?    ? A G   4  N1    ? ? ? 1_555 B C   20 N3 ? ? A G   4  B C   20 1_555 ? ? ? ? ? ? WATSON-CRICK ?     ? ? 
hydrog9  hydrog ?    ? A G   4  N2    ? ? ? 1_555 B C   20 O2 ? ? A G   4  B C   20 1_555 ? ? ? ? ? ? WATSON-CRICK ?     ? ? 
hydrog10 hydrog ?    ? A G   4  O6    ? ? ? 1_555 B C   20 N4 ? ? A G   4  B C   20 1_555 ? ? ? ? ? ? WATSON-CRICK ?     ? ? 
hydrog11 hydrog ?    ? A C   5  N3    ? ? ? 1_555 B G   19 N1 ? ? A C   5  B G   19 1_555 ? ? ? ? ? ? WATSON-CRICK ?     ? ? 
hydrog12 hydrog ?    ? A C   5  N4    ? ? ? 1_555 B G   19 O6 ? ? A C   5  B G   19 1_555 ? ? ? ? ? ? WATSON-CRICK ?     ? ? 
hydrog13 hydrog ?    ? A C   5  O2    ? ? ? 1_555 B G   19 N2 ? ? A C   5  B G   19 1_555 ? ? ? ? ? ? WATSON-CRICK ?     ? ? 
hydrog14 hydrog ?    ? A U   6  N3    ? ? ? 1_555 B A   18 N1 ? ? A U   6  B A   18 1_555 ? ? ? ? ? ? WATSON-CRICK ?     ? ? 
hydrog15 hydrog ?    ? A U   6  O4    ? ? ? 1_555 B A   18 N6 ? ? A U   6  B A   18 1_555 ? ? ? ? ? ? WATSON-CRICK ?     ? ? 
hydrog16 hydrog ?    ? A G   7  N1    ? ? ? 1_555 B C   17 N3 ? ? A G   7  B C   17 1_555 ? ? ? ? ? ? WATSON-CRICK ?     ? ? 
hydrog17 hydrog ?    ? A G   7  N2    ? ? ? 1_555 B C   17 O2 ? ? A G   7  B C   17 1_555 ? ? ? ? ? ? WATSON-CRICK ?     ? ? 
hydrog18 hydrog ?    ? A G   7  O6    ? ? ? 1_555 B C   17 N4 ? ? A G   7  B C   17 1_555 ? ? ? ? ? ? WATSON-CRICK ?     ? ? 
hydrog19 hydrog ?    ? A G   10 N1    ? ? ? 1_555 B C   15 N3 ? ? A G   10 B C   15 1_555 ? ? ? ? ? ? WATSON-CRICK ?     ? ? 
hydrog20 hydrog ?    ? A G   10 N2    ? ? ? 1_555 B C   15 O2 ? ? A G   10 B C   15 1_555 ? ? ? ? ? ? WATSON-CRICK ?     ? ? 
hydrog21 hydrog ?    ? A G   10 O6    ? ? ? 1_555 B C   15 N4 ? ? A G   10 B C   15 1_555 ? ? ? ? ? ? WATSON-CRICK ?     ? ? 
hydrog22 hydrog ?    ? A U   11 N3    ? ? ? 1_555 B A   14 N1 ? ? A U   11 B A   14 1_555 ? ? ? ? ? ? WATSON-CRICK ?     ? ? 
hydrog23 hydrog ?    ? A U   11 O4    ? ? ? 1_555 B A   14 N6 ? ? A U   11 B A   14 1_555 ? ? ? ? ? ? WATSON-CRICK ?     ? ? 
hydrog24 hydrog ?    ? A G   12 N1    ? ? ? 1_555 B C   13 N3 ? ? A G   12 B C   13 1_555 ? ? ? ? ? ? WATSON-CRICK ?     ? ? 
hydrog25 hydrog ?    ? A G   12 N2    ? ? ? 1_555 B C   13 O2 ? ? A G   12 B C   13 1_555 ? ? ? ? ? ? WATSON-CRICK ?     ? ? 
hydrog26 hydrog ?    ? A G   12 O6    ? ? ? 1_555 B C   13 N4 ? ? A G   12 B C   13 1_555 ? ? ? ? ? ? WATSON-CRICK ?     ? ? 
hydrog27 hydrog ?    ? A C   13 N3    ? ? ? 1_555 B G   12 N1 ? ? A C   13 B G   12 1_555 ? ? ? ? ? ? WATSON-CRICK ?     ? ? 
hydrog28 hydrog ?    ? A C   13 N4    ? ? ? 1_555 B G   12 O6 ? ? A C   13 B G   12 1_555 ? ? ? ? ? ? WATSON-CRICK ?     ? ? 
hydrog29 hydrog ?    ? A C   13 O2    ? ? ? 1_555 B G   12 N2 ? ? A C   13 B G   12 1_555 ? ? ? ? ? ? WATSON-CRICK ?     ? ? 
hydrog30 hydrog ?    ? A A   14 N1    ? ? ? 1_555 B U   11 N3 ? ? A A   14 B U   11 1_555 ? ? ? ? ? ? WATSON-CRICK ?     ? ? 
hydrog31 hydrog ?    ? A A   14 N6    ? ? ? 1_555 B U   11 O4 ? ? A A   14 B U   11 1_555 ? ? ? ? ? ? WATSON-CRICK ?     ? ? 
hydrog32 hydrog ?    ? A C   15 N3    ? ? ? 1_555 B G   10 N1 ? ? A C   15 B G   10 1_555 ? ? ? ? ? ? WATSON-CRICK ?     ? ? 
hydrog33 hydrog ?    ? A C   15 N4    ? ? ? 1_555 B G   10 O6 ? ? A C   15 B G   10 1_555 ? ? ? ? ? ? WATSON-CRICK ?     ? ? 
hydrog34 hydrog ?    ? A C   15 O2    ? ? ? 1_555 B G   10 N2 ? ? A C   15 B G   10 1_555 ? ? ? ? ? ? WATSON-CRICK ?     ? ? 
hydrog35 hydrog ?    ? A C   17 N3    ? ? ? 1_555 B G   7  N1 ? ? A C   17 B G   7  1_555 ? ? ? ? ? ? WATSON-CRICK ?     ? ? 
hydrog36 hydrog ?    ? A C   17 N4    ? ? ? 1_555 B G   7  O6 ? ? A C   17 B G   7  1_555 ? ? ? ? ? ? WATSON-CRICK ?     ? ? 
hydrog37 hydrog ?    ? A C   17 O2    ? ? ? 1_555 B G   7  N2 ? ? A C   17 B G   7  1_555 ? ? ? ? ? ? WATSON-CRICK ?     ? ? 
hydrog38 hydrog ?    ? A A   18 N1    ? ? ? 1_555 B U   6  N3 ? ? A A   18 B U   6  1_555 ? ? ? ? ? ? WATSON-CRICK ?     ? ? 
hydrog39 hydrog ?    ? A A   18 N6    ? ? ? 1_555 B U   6  O4 ? ? A A   18 B U   6  1_555 ? ? ? ? ? ? WATSON-CRICK ?     ? ? 
hydrog40 hydrog ?    ? A G   19 N1    ? ? ? 1_555 B C   5  N3 ? ? A G   19 B C   5  1_555 ? ? ? ? ? ? WATSON-CRICK ?     ? ? 
hydrog41 hydrog ?    ? A G   19 N2    ? ? ? 1_555 B C   5  O2 ? ? A G   19 B C   5  1_555 ? ? ? ? ? ? WATSON-CRICK ?     ? ? 
hydrog42 hydrog ?    ? A G   19 O6    ? ? ? 1_555 B C   5  N4 ? ? A G   19 B C   5  1_555 ? ? ? ? ? ? WATSON-CRICK ?     ? ? 
hydrog43 hydrog ?    ? A C   20 N3    ? ? ? 1_555 B G   4  N1 ? ? A C   20 B G   4  1_555 ? ? ? ? ? ? WATSON-CRICK ?     ? ? 
hydrog44 hydrog ?    ? A C   20 N4    ? ? ? 1_555 B G   4  O6 ? ? A C   20 B G   4  1_555 ? ? ? ? ? ? WATSON-CRICK ?     ? ? 
hydrog45 hydrog ?    ? A C   20 O2    ? ? ? 1_555 B G   4  N2 ? ? A C   20 B G   4  1_555 ? ? ? ? ? ? WATSON-CRICK ?     ? ? 
hydrog46 hydrog ?    ? A A   21 N1    ? ? ? 1_555 B UMS 3  N3 ? ? A A   21 B UMS 3  1_555 ? ? ? ? ? ? WATSON-CRICK ?     ? ? 
hydrog47 hydrog ?    ? A A   21 N6    ? ? ? 1_555 B UMS 3  O4 ? ? A A   21 B UMS 3  1_555 ? ? ? ? ? ? WATSON-CRICK ?     ? ? 
hydrog48 hydrog ?    ? A A   22 N1    ? ? ? 1_555 B U   2  N3 ? ? A A   22 B U   2  1_555 ? ? ? ? ? ? WATSON-CRICK ?     ? ? 
hydrog49 hydrog ?    ? A A   22 N6    ? ? ? 1_555 B U   2  O4 ? ? A A   22 B U   2  1_555 ? ? ? ? ? ? WATSON-CRICK ?     ? ? 
hydrog50 hydrog ?    ? A G   23 N1    ? ? ? 1_555 B C   1  N3 ? ? A G   23 B C   1  1_555 ? ? ? ? ? ? WATSON-CRICK ?     ? ? 
hydrog51 hydrog ?    ? A G   23 N2    ? ? ? 1_555 B C   1  O2 ? ? A G   23 B C   1  1_555 ? ? ? ? ? ? WATSON-CRICK ?     ? ? 
hydrog52 hydrog ?    ? A G   23 O6    ? ? ? 1_555 B C   1  N4 ? ? A G   23 B C   1  1_555 ? ? ? ? ? ? WATSON-CRICK ?     ? ? 
# 
loop_
_struct_conn_type.id 
_struct_conn_type.criteria 
_struct_conn_type.reference 
covale ? ? 
metalc ? ? 
hydrog ? ? 
# 
loop_
_struct_site.id 
_struct_site.pdbx_evidence_code 
_struct_site.pdbx_auth_asym_id 
_struct_site.pdbx_auth_comp_id 
_struct_site.pdbx_auth_seq_id 
_struct_site.pdbx_auth_ins_code 
_struct_site.pdbx_num_residues 
_struct_site.details 
AC1 Software A NMY 24 ? 26 'BINDING SITE FOR RESIDUE NMY A 24' 
AC2 Software B NMY 24 ? 16 'BINDING SITE FOR RESIDUE NMY B 24' 
AC3 Software A K   25 ? 3  'BINDING SITE FOR RESIDUE K A 25'   
AC4 Software B K   25 ? 3  'BINDING SITE FOR RESIDUE K B 25'   
1   ?        ? ?   ?  ? ?  ?                                   
# 
loop_
_struct_site_gen.id 
_struct_site_gen.site_id 
_struct_site_gen.pdbx_num_res 
_struct_site_gen.label_comp_id 
_struct_site_gen.label_asym_id 
_struct_site_gen.label_seq_id 
_struct_site_gen.pdbx_auth_ins_code 
_struct_site_gen.auth_comp_id 
_struct_site_gen.auth_asym_id 
_struct_site_gen.auth_seq_id 
_struct_site_gen.label_atom_id 
_struct_site_gen.label_alt_id 
_struct_site_gen.symmetry 
_struct_site_gen.details 
1  AC1 26 U   A 6  ? U   A 6  . ? 1_555 ? 
2  AC1 26 G   A 7  ? G   A 7  . ? 1_555 ? 
3  AC1 26 A   A 8  ? A   A 8  . ? 1_555 ? 
4  AC1 26 A   A 9  ? A   A 9  . ? 1_555 ? 
5  AC1 26 G   A 10 ? G   A 10 . ? 1_555 ? 
6  AC1 26 U   A 11 ? U   A 11 . ? 1_555 ? 
7  AC1 26 HOH G .  ? HOH A 27 . ? 1_555 ? 
8  AC1 26 HOH G .  ? HOH A 32 . ? 1_555 ? 
9  AC1 26 HOH G .  ? HOH A 33 . ? 1_555 ? 
10 AC1 26 HOH G .  ? HOH A 37 . ? 1_555 ? 
11 AC1 26 HOH G .  ? HOH A 38 . ? 1_555 ? 
12 AC1 26 HOH G .  ? HOH A 40 . ? 1_555 ? 
13 AC1 26 HOH G .  ? HOH A 45 . ? 1_555 ? 
14 AC1 26 HOH G .  ? HOH A 57 . ? 1_555 ? 
15 AC1 26 HOH G .  ? HOH A 62 . ? 1_555 ? 
16 AC1 26 HOH G .  ? HOH A 66 . ? 1_555 ? 
17 AC1 26 HOH G .  ? HOH A 67 . ? 1_555 ? 
18 AC1 26 C   B 13 ? C   B 13 . ? 1_555 ? 
19 AC1 26 A   B 14 ? A   B 14 . ? 1_555 ? 
20 AC1 26 C   B 15 ? C   B 15 . ? 1_555 ? 
21 AC1 26 A   B 16 ? A   B 16 . ? 1_555 ? 
22 AC1 26 HOH H .  ? HOH B 27 . ? 1_555 ? 
23 AC1 26 HOH H .  ? HOH B 29 . ? 1_555 ? 
24 AC1 26 HOH H .  ? HOH B 30 . ? 1_555 ? 
25 AC1 26 HOH H .  ? HOH B 46 . ? 1_555 ? 
26 AC1 26 HOH H .  ? HOH B 69 . ? 1_555 ? 
27 AC2 16 C   A 13 ? C   A 13 . ? 1_555 ? 
28 AC2 16 A   A 14 ? A   A 14 . ? 1_555 ? 
29 AC2 16 C   A 15 ? C   A 15 . ? 1_555 ? 
30 AC2 16 A   A 16 ? A   A 16 . ? 1_555 ? 
31 AC2 16 C   A 17 ? C   A 17 . ? 1_555 ? 
32 AC2 16 HOH G .  ? HOH A 64 . ? 1_555 ? 
33 AC2 16 G   B 7  ? G   B 7  . ? 1_555 ? 
34 AC2 16 A   B 8  ? A   B 8  . ? 1_555 ? 
35 AC2 16 A   B 9  ? A   B 9  . ? 1_555 ? 
36 AC2 16 G   B 10 ? G   B 10 . ? 1_555 ? 
37 AC2 16 U   B 11 ? U   B 11 . ? 1_555 ? 
38 AC2 16 HOH H .  ? HOH B 26 . ? 1_555 ? 
39 AC2 16 HOH H .  ? HOH B 30 . ? 1_555 ? 
40 AC2 16 HOH H .  ? HOH B 33 . ? 1_555 ? 
41 AC2 16 HOH H .  ? HOH B 40 . ? 1_555 ? 
42 AC2 16 HOH H .  ? HOH B 57 . ? 1_555 ? 
43 AC3 3  HOH G .  ? HOH A 28 . ? 1_555 ? 
44 AC3 3  HOH G .  ? HOH A 33 . ? 1_555 ? 
45 AC3 3  HOH G .  ? HOH A 51 . ? 1_555 ? 
46 AC4 3  UMS B 3  ? UMS B 3  . ? 1_555 ? 
47 AC4 3  G   B 4  ? G   B 4  . ? 1_555 ? 
48 AC4 3  HOH H .  ? HOH B 63 . ? 1_555 ? 
# 
_atom_sites.entry_id                    3C7R 
_atom_sites.fract_transf_matrix[1][1]   -0.00936281 
_atom_sites.fract_transf_matrix[1][2]   -0.00666412 
_atom_sites.fract_transf_matrix[1][3]   0.00175554 
_atom_sites.fract_transf_matrix[2][1]   -0.01696607 
_atom_sites.fract_transf_matrix[2][2]   0.01812008 
_atom_sites.fract_transf_matrix[2][3]   -0.02170028 
_atom_sites.fract_transf_matrix[3][1]   -0.00318207 
_atom_sites.fract_transf_matrix[3][2]   -0.01627550 
_atom_sites.fract_transf_matrix[3][3]   -0.01110245 
_atom_sites.fract_transf_vector[1]      0.234448 
_atom_sites.fract_transf_vector[2]      -0.003277 
_atom_sites.fract_transf_vector[3]      0.233234 
# 
loop_
_atom_type.symbol 
C  
K  
N  
O  
P  
SE 
# 
loop_
_atom_site.group_PDB 
_atom_site.id 
_atom_site.type_symbol 
_atom_site.label_atom_id 
_atom_site.label_alt_id 
_atom_site.label_comp_id 
_atom_site.label_asym_id 
_atom_site.label_entity_id 
_atom_site.label_seq_id 
_atom_site.pdbx_PDB_ins_code 
_atom_site.Cartn_x 
_atom_site.Cartn_y 
_atom_site.Cartn_z 
_atom_site.occupancy 
_atom_site.B_iso_or_equiv 
_atom_site.pdbx_formal_charge 
_atom_site.auth_seq_id 
_atom_site.auth_comp_id 
_atom_site.auth_asym_id 
_atom_site.auth_atom_id 
_atom_site.pdbx_PDB_model_num 
ATOM   1    O  "O5'"  . C   A 1 1  ? 15.619  15.196  5.929   1.00 50.89 ? 1  C   A "O5'"  1 
ATOM   2    C  "C5'"  . C   A 1 1  ? 16.643  15.292  4.926   1.00 50.88 ? 1  C   A "C5'"  1 
ATOM   3    C  "C4'"  . C   A 1 1  ? 17.973  14.745  5.393   1.00 50.82 ? 1  C   A "C4'"  1 
ATOM   4    O  "O4'"  . C   A 1 1  ? 18.475  15.553  6.490   1.00 50.47 ? 1  C   A "O4'"  1 
ATOM   5    C  "C3'"  . C   A 1 1  ? 17.937  13.333  5.956   1.00 50.91 ? 1  C   A "C3'"  1 
ATOM   6    O  "O3'"  . C   A 1 1  ? 18.020  12.361  4.917   1.00 52.38 ? 1  C   A "O3'"  1 
ATOM   7    C  "C2'"  . C   A 1 1  ? 19.172  13.298  6.848   1.00 49.66 ? 1  C   A "C2'"  1 
ATOM   8    O  "O2'"  . C   A 1 1  ? 20.360  13.029  6.145   1.00 50.15 ? 1  C   A "O2'"  1 
ATOM   9    C  "C1'"  . C   A 1 1  ? 19.210  14.729  7.386   1.00 49.17 ? 1  C   A "C1'"  1 
ATOM   10   N  N1     . C   A 1 1  ? 18.630  14.856  8.730   1.00 48.28 ? 1  C   A N1     1 
ATOM   11   C  C2     . C   A 1 1  ? 19.409  14.482  9.831   1.00 45.93 ? 1  C   A C2     1 
ATOM   12   O  O2     . C   A 1 1  ? 20.542  14.027  9.629   1.00 43.99 ? 1  C   A O2     1 
ATOM   13   N  N3     . C   A 1 1  ? 18.904  14.625  11.077  1.00 46.03 ? 1  C   A N3     1 
ATOM   14   C  C4     . C   A 1 1  ? 17.676  15.120  11.247  1.00 46.65 ? 1  C   A C4     1 
ATOM   15   N  N4     . C   A 1 1  ? 17.237  15.275  12.489  1.00 46.06 ? 1  C   A N4     1 
ATOM   16   C  C5     . C   A 1 1  ? 16.849  15.486  10.142  1.00 47.78 ? 1  C   A C5     1 
ATOM   17   C  C6     . C   A 1 1  ? 17.362  15.339  8.912   1.00 47.56 ? 1  C   A C6     1 
ATOM   18   P  P      . U   A 1 2  ? 17.429  10.882  5.155   1.00 54.44 ? 2  U   A P      1 
ATOM   19   O  OP1    . U   A 1 2  ? 17.564  10.127  3.880   1.00 54.99 ? 2  U   A OP1    1 
ATOM   20   O  OP2    . U   A 1 2  ? 16.095  11.023  5.788   1.00 52.27 ? 2  U   A OP2    1 
ATOM   21   O  "O5'"  . U   A 1 2  ? 18.414  10.252  6.235   1.00 52.10 ? 2  U   A "O5'"  1 
ATOM   22   C  "C5'"  . U   A 1 2  ? 19.759  9.946   5.896   1.00 52.34 ? 2  U   A "C5'"  1 
ATOM   23   C  "C4'"  . U   A 1 2  ? 20.438  9.261   7.051   1.00 50.30 ? 2  U   A "C4'"  1 
ATOM   24   O  "O4'"  . U   A 1 2  ? 20.658  10.207  8.125   1.00 51.14 ? 2  U   A "O4'"  1 
ATOM   25   C  "C3'"  . U   A 1 2  ? 19.619  8.158   7.691   1.00 50.59 ? 2  U   A "C3'"  1 
ATOM   26   O  "O3'"  . U   A 1 2  ? 19.792  6.960   6.960   1.00 51.90 ? 2  U   A "O3'"  1 
ATOM   27   C  "C2'"  . U   A 1 2  ? 20.237  8.078   9.085   1.00 50.52 ? 2  U   A "C2'"  1 
ATOM   28   O  "O2'"  . U   A 1 2  ? 21.473  7.393   9.078   1.00 49.55 ? 2  U   A "O2'"  1 
ATOM   29   C  "C1'"  . U   A 1 2  ? 20.497  9.555   9.374   1.00 48.56 ? 2  U   A "C1'"  1 
ATOM   30   N  N1     . U   A 1 2  ? 19.429  10.241  10.117  1.00 47.38 ? 2  U   A N1     1 
ATOM   31   C  C2     . U   A 1 2  ? 19.417  10.090  11.486  1.00 45.58 ? 2  U   A C2     1 
ATOM   32   O  O2     . U   A 1 2  ? 20.202  9.365   12.071  1.00 45.56 ? 2  U   A O2     1 
ATOM   33   N  N3     . U   A 1 2  ? 18.452  10.815  12.140  1.00 44.48 ? 2  U   A N3     1 
ATOM   34   C  C4     . U   A 1 2  ? 17.503  11.643  11.569  1.00 43.00 ? 2  U   A C4     1 
ATOM   35   O  O4     . U   A 1 2  ? 16.741  12.279  12.293  1.00 41.32 ? 2  U   A O4     1 
ATOM   36   C  C5     . U   A 1 2  ? 17.557  11.710  10.140  1.00 43.40 ? 2  U   A C5     1 
ATOM   37   C  C6     . U   A 1 2  ? 18.494  11.026  9.480   1.00 44.31 ? 2  U   A C6     1 
HETATM 38   P  P      . UMS A 1 3  ? 18.688  5.801   7.058   1.00 53.53 ? 3  UMS A P      1 
HETATM 39   O  OP1    . UMS A 1 3  ? 19.185  4.654   6.257   1.00 54.49 ? 3  UMS A OP1    1 
HETATM 40   O  OP2    . UMS A 1 3  ? 17.352  6.384   6.773   1.00 53.68 ? 3  UMS A OP2    1 
HETATM 41   O  "O5'"  . UMS A 1 3  ? 18.678  5.353   8.579   1.00 51.27 ? 3  UMS A "O5'"  1 
HETATM 42   C  "C5'"  . UMS A 1 3  ? 19.669  4.473   9.078   1.00 51.15 ? 3  UMS A "C5'"  1 
HETATM 43   C  "C4'"  . UMS A 1 3  ? 19.385  4.168   10.518  1.00 50.88 ? 3  UMS A "C4'"  1 
HETATM 44   O  "O4'"  . UMS A 1 3  ? 19.570  5.348   11.343  1.00 52.06 ? 3  UMS A "O4'"  1 
HETATM 45   C  "C3'"  . UMS A 1 3  ? 18.118  3.509   11.017  1.00 51.92 ? 3  UMS A "C3'"  1 
HETATM 46   O  "O3'"  . UMS A 1 3  ? 17.906  2.150   10.635  1.00 53.85 ? 3  UMS A "O3'"  1 
HETATM 47   C  "C2'"  . UMS A 1 3  ? 18.083  3.866   12.479  1.00 53.05 ? 3  UMS A "C2'"  1 
HETATM 48   SE "SE2'" . UMS A 1 3  ? 19.422  2.531   13.330  1.00 46.79 ? 3  UMS A "SE2'" 1 
HETATM 49   C  "C1'"  . UMS A 1 3  ? 18.723  5.260   12.487  1.00 51.01 ? 3  UMS A "C1'"  1 
HETATM 50   C  "CA'"  . UMS A 1 3  ? 18.622  0.867   13.259  1.00 58.82 ? 3  UMS A "CA'"  1 
HETATM 51   N  N1     . UMS A 1 3  ? 17.764  6.376   12.438  1.00 50.12 ? 3  UMS A N1     1 
HETATM 52   C  C2     . UMS A 1 3  ? 17.253  6.807   13.632  1.00 49.90 ? 3  UMS A C2     1 
HETATM 53   O  O2     . UMS A 1 3  ? 17.506  6.252   14.680  1.00 51.25 ? 3  UMS A O2     1 
HETATM 54   N  N3     . UMS A 1 3  ? 16.431  7.906   13.554  1.00 51.01 ? 3  UMS A N3     1 
HETATM 55   C  C4     . UMS A 1 3  ? 16.015  8.548   12.399  1.00 50.01 ? 3  UMS A C4     1 
HETATM 56   O  O4     . UMS A 1 3  ? 15.232  9.470   12.475  1.00 49.05 ? 3  UMS A O4     1 
HETATM 57   C  C5     . UMS A 1 3  ? 16.562  8.021   11.195  1.00 50.59 ? 3  UMS A C5     1 
HETATM 58   C  C6     . UMS A 1 3  ? 17.389  6.965   11.252  1.00 50.65 ? 3  UMS A C6     1 
ATOM   59   P  P      . G   A 1 4  ? 16.484  1.475   10.327  1.00 52.77 ? 4  G   A P      1 
ATOM   60   O  OP1    . G   A 1 4  ? 16.687  0.046   9.969   1.00 54.89 ? 4  G   A OP1    1 
ATOM   61   O  OP2    . G   A 1 4  ? 15.789  2.377   9.373   1.00 55.58 ? 4  G   A OP2    1 
ATOM   62   O  "O5'"  . G   A 1 4  ? 15.722  1.578   11.716  1.00 52.98 ? 4  G   A "O5'"  1 
ATOM   63   C  "C5'"  . G   A 1 4  ? 16.166  0.805   12.817  1.00 51.16 ? 4  G   A "C5'"  1 
ATOM   64   C  "C4'"  . G   A 1 4  ? 15.399  1.170   14.051  1.00 49.69 ? 4  G   A "C4'"  1 
ATOM   65   O  "O4'"  . G   A 1 4  ? 15.765  2.510   14.465  1.00 48.79 ? 4  G   A "O4'"  1 
ATOM   66   C  "C3'"  . G   A 1 4  ? 13.890  1.260   13.905  1.00 49.28 ? 4  G   A "C3'"  1 
ATOM   67   O  "O3'"  . G   A 1 4  ? 13.256  -0.022  13.877  1.00 49.53 ? 4  G   A "O3'"  1 
ATOM   68   C  "C2'"  . G   A 1 4  ? 13.544  2.063   15.147  1.00 48.66 ? 4  G   A "C2'"  1 
ATOM   69   O  "O2'"  . G   A 1 4  ? 13.613  1.279   16.325  1.00 50.61 ? 4  G   A "O2'"  1 
ATOM   70   C  "C1'"  . G   A 1 4  ? 14.674  3.098   15.145  1.00 46.66 ? 4  G   A "C1'"  1 
ATOM   71   N  N9     . G   A 1 4  ? 14.280  4.313   14.439  1.00 42.85 ? 4  G   A N9     1 
ATOM   72   C  C8     . G   A 1 4  ? 14.500  4.641   13.123  1.00 42.34 ? 4  G   A C8     1 
ATOM   73   N  N7     . G   A 1 4  ? 13.969  5.789   12.788  1.00 40.32 ? 4  G   A N7     1 
ATOM   74   C  C5     . G   A 1 4  ? 13.371  6.238   13.955  1.00 40.75 ? 4  G   A C5     1 
ATOM   75   C  C6     . G   A 1 4  ? 12.617  7.418   14.216  1.00 40.41 ? 4  G   A C6     1 
ATOM   76   O  O6     . G   A 1 4  ? 12.323  8.335   13.444  1.00 42.02 ? 4  G   A O6     1 
ATOM   77   N  N1     . G   A 1 4  ? 12.194  7.467   15.537  1.00 40.54 ? 4  G   A N1     1 
ATOM   78   C  C2     . G   A 1 4  ? 12.458  6.511   16.488  1.00 40.59 ? 4  G   A C2     1 
ATOM   79   N  N2     . G   A 1 4  ? 11.954  6.734   17.707  1.00 41.49 ? 4  G   A N2     1 
ATOM   80   N  N3     . G   A 1 4  ? 13.157  5.418   16.259  1.00 39.92 ? 4  G   A N3     1 
ATOM   81   C  C4     . G   A 1 4  ? 13.574  5.344   14.983  1.00 40.38 ? 4  G   A C4     1 
ATOM   82   P  P      . C   A 1 5  ? 11.882  -0.214  13.052  1.00 48.85 ? 5  C   A P      1 
ATOM   83   O  OP1    . C   A 1 5  ? 11.568  -1.660  12.989  1.00 50.25 ? 5  C   A OP1    1 
ATOM   84   O  OP2    . C   A 1 5  ? 11.972  0.571   11.798  1.00 50.84 ? 5  C   A OP2    1 
ATOM   85   O  "O5'"  . C   A 1 5  ? 10.798  0.478   13.984  1.00 47.30 ? 5  C   A "O5'"  1 
ATOM   86   C  "C5'"  . C   A 1 5  ? 10.621  0.023   15.317  1.00 43.41 ? 5  C   A "C5'"  1 
ATOM   87   C  "C4'"  . C   A 1 5  ? 9.846   1.035   16.113  1.00 40.23 ? 5  C   A "C4'"  1 
ATOM   88   O  "O4'"  . C   A 1 5  ? 10.568  2.293   16.114  1.00 38.13 ? 5  C   A "O4'"  1 
ATOM   89   C  "C3'"  . C   A 1 5  ? 8.498   1.433   15.542  1.00 38.28 ? 5  C   A "C3'"  1 
ATOM   90   O  "O3'"  . C   A 1 5  ? 7.507   0.445   15.787  1.00 39.72 ? 5  C   A "O3'"  1 
ATOM   91   C  "C2'"  . C   A 1 5  ? 8.251   2.741   16.282  1.00 36.75 ? 5  C   A "C2'"  1 
ATOM   92   O  "O2'"  . C   A 1 5  ? 7.883   2.579   17.636  1.00 36.38 ? 5  C   A "O2'"  1 
ATOM   93   C  "C1'"  . C   A 1 5  ? 9.641   3.370   16.211  1.00 36.67 ? 5  C   A "C1'"  1 
ATOM   94   N  N1     . C   A 1 5  ? 9.776   4.193   15.005  1.00 33.96 ? 5  C   A N1     1 
ATOM   95   C  C2     . C   A 1 5  ? 9.237   5.476   15.012  1.00 30.79 ? 5  C   A C2     1 
ATOM   96   O  O2     . C   A 1 5  ? 8.615   5.848   15.994  1.00 31.16 ? 5  C   A O2     1 
ATOM   97   N  N3     . C   A 1 5  ? 9.397   6.270   13.930  1.00 33.73 ? 5  C   A N3     1 
ATOM   98   C  C4     . C   A 1 5  ? 10.040  5.813   12.860  1.00 34.43 ? 5  C   A C4     1 
ATOM   99   N  N4     . C   A 1 5  ? 10.169  6.644   11.810  1.00 36.24 ? 5  C   A N4     1 
ATOM   100  C  C5     . C   A 1 5  ? 10.579  4.487   12.809  1.00 36.79 ? 5  C   A C5     1 
ATOM   101  C  C6     . C   A 1 5  ? 10.423  3.718   13.898  1.00 33.97 ? 5  C   A C6     1 
ATOM   102  P  P      . U   A 1 6  ? 6.237   0.332   14.804  1.00 41.50 ? 6  U   A P      1 
ATOM   103  O  OP1    . U   A 1 6  ? 5.427   -0.800  15.310  1.00 41.67 ? 6  U   A OP1    1 
ATOM   104  O  OP2    . U   A 1 6  ? 6.698   0.328   13.394  1.00 39.90 ? 6  U   A OP2    1 
ATOM   105  O  "O5'"  . U   A 1 6  ? 5.438   1.680   15.072  1.00 37.45 ? 6  U   A "O5'"  1 
ATOM   106  C  "C5'"  . U   A 1 6  ? 4.866   1.942   16.340  1.00 36.92 ? 6  U   A "C5'"  1 
ATOM   107  C  "C4'"  . U   A 1 6  ? 4.211   3.297   16.348  1.00 34.65 ? 6  U   A "C4'"  1 
ATOM   108  O  "O4'"  . U   A 1 6  ? 5.211   4.296   16.054  1.00 35.70 ? 6  U   A "O4'"  1 
ATOM   109  C  "C3'"  . U   A 1 6  ? 3.175   3.535   15.259  1.00 34.81 ? 6  U   A "C3'"  1 
ATOM   110  O  "O3'"  . U   A 1 6  ? 1.925   2.979   15.604  1.00 34.71 ? 6  U   A "O3'"  1 
ATOM   111  C  "C2'"  . U   A 1 6  ? 3.111   5.053   15.233  1.00 33.64 ? 6  U   A "C2'"  1 
ATOM   112  O  "O2'"  . U   A 1 6  ? 2.388   5.576   16.325  1.00 35.84 ? 6  U   A "O2'"  1 
ATOM   113  C  "C1'"  . U   A 1 6  ? 4.591   5.406   15.398  1.00 35.05 ? 6  U   A "C1'"  1 
ATOM   114  N  N1     . U   A 1 6  ? 5.248   5.619   14.102  1.00 35.14 ? 6  U   A N1     1 
ATOM   115  C  C2     . U   A 1 6  ? 5.107   6.885   13.511  1.00 33.09 ? 6  U   A C2     1 
ATOM   116  O  O2     . U   A 1 6  ? 4.420   7.761   14.005  1.00 34.85 ? 6  U   A O2     1 
ATOM   117  N  N3     . U   A 1 6  ? 5.786   7.056   12.331  1.00 32.89 ? 6  U   A N3     1 
ATOM   118  C  C4     . U   A 1 6  ? 6.549   6.106   11.668  1.00 33.88 ? 6  U   A C4     1 
ATOM   119  O  O4     . U   A 1 6  ? 7.153   6.415   10.637  1.00 35.98 ? 6  U   A O4     1 
ATOM   120  C  C5     . U   A 1 6  ? 6.606   4.821   12.319  1.00 36.80 ? 6  U   A C5     1 
ATOM   121  C  C6     . U   A 1 6  ? 5.973   4.633   13.486  1.00 35.01 ? 6  U   A C6     1 
ATOM   122  P  P      . G   A 1 7  ? 0.815   2.767   14.458  1.00 35.52 ? 7  G   A P      1 
ATOM   123  O  OP1    . G   A 1 7  ? -0.345  2.120   15.119  1.00 37.50 ? 7  G   A OP1    1 
ATOM   124  O  OP2    . G   A 1 7  ? 1.481   2.129   13.311  1.00 33.01 ? 7  G   A OP2    1 
ATOM   125  O  "O5'"  . G   A 1 7  ? 0.424   4.249   14.026  1.00 34.23 ? 7  G   A "O5'"  1 
ATOM   126  C  "C5'"  . G   A 1 7  ? -0.400  5.047   14.865  1.00 36.06 ? 7  G   A "C5'"  1 
ATOM   127  C  "C4'"  . G   A 1 7  ? -0.659  6.387   14.228  1.00 37.89 ? 7  G   A "C4'"  1 
ATOM   128  O  "O4'"  . G   A 1 7  ? 0.595   7.079   14.004  1.00 38.39 ? 7  G   A "O4'"  1 
ATOM   129  C  "C3'"  . G   A 1 7  ? -1.269  6.338   12.840  1.00 38.89 ? 7  G   A "C3'"  1 
ATOM   130  O  "O3'"  . G   A 1 7  ? -2.665  6.145   12.925  1.00 42.15 ? 7  G   A "O3'"  1 
ATOM   131  C  "C2'"  . G   A 1 7  ? -0.947  7.726   12.324  1.00 37.58 ? 7  G   A "C2'"  1 
ATOM   132  O  "O2'"  . G   A 1 7  ? -1.795  8.677   12.928  1.00 36.27 ? 7  G   A "O2'"  1 
ATOM   133  C  "C1'"  . G   A 1 7  ? 0.489   7.881   12.834  1.00 36.83 ? 7  G   A "C1'"  1 
ATOM   134  N  N9     . G   A 1 7  ? 1.467   7.410   11.860  1.00 36.00 ? 7  G   A N9     1 
ATOM   135  C  C8     . G   A 1 7  ? 2.070   6.169   11.798  1.00 34.98 ? 7  G   A C8     1 
ATOM   136  N  N7     . G   A 1 7  ? 2.906   6.058   10.800  1.00 34.92 ? 7  G   A N7     1 
ATOM   137  C  C5     . G   A 1 7  ? 2.846   7.299   10.159  1.00 35.67 ? 7  G   A C5     1 
ATOM   138  C  C6     . G   A 1 7  ? 3.530   7.784   9.007   1.00 34.81 ? 7  G   A C6     1 
ATOM   139  O  O6     . G   A 1 7  ? 4.341   7.203   8.290   1.00 34.42 ? 7  G   A O6     1 
ATOM   140  N  N1     . G   A 1 7  ? 3.169   9.098   8.709   1.00 36.30 ? 7  G   A N1     1 
ATOM   141  C  C2     . G   A 1 7  ? 2.262   9.843   9.410   1.00 36.40 ? 7  G   A C2     1 
ATOM   142  N  N2     . G   A 1 7  ? 2.018   11.083  8.934   1.00 36.10 ? 7  G   A N2     1 
ATOM   143  N  N3     . G   A 1 7  ? 1.629   9.414   10.488  1.00 36.26 ? 7  G   A N3     1 
ATOM   144  C  C4     . G   A 1 7  ? 1.965   8.138   10.801  1.00 36.29 ? 7  G   A C4     1 
ATOM   145  P  P      . A   A 1 8  ? -3.288  4.793   12.363  1.00 44.85 ? 8  A   A P      1 
ATOM   146  O  OP1    . A   A 1 8  ? -3.538  3.887   13.530  1.00 45.93 ? 8  A   A OP1    1 
ATOM   147  O  OP2    . A   A 1 8  ? -2.421  4.344   11.235  1.00 43.99 ? 8  A   A OP2    1 
ATOM   148  O  "O5'"  . A   A 1 8  ? -4.676  5.249   11.750  1.00 45.86 ? 8  A   A "O5'"  1 
ATOM   149  C  "C5'"  . A   A 1 8  ? -4.706  5.947   10.514  1.00 44.23 ? 8  A   A "C5'"  1 
ATOM   150  C  "C4'"  . A   A 1 8  ? -5.488  5.154   9.503   1.00 44.20 ? 8  A   A "C4'"  1 
ATOM   151  O  "O4'"  . A   A 1 8  ? -6.715  4.690   10.065  1.00 42.44 ? 8  A   A "O4'"  1 
ATOM   152  C  "C3'"  . A   A 1 8  ? -5.827  5.888   8.207   1.00 42.71 ? 8  A   A "C3'"  1 
ATOM   153  O  "O3'"  . A   A 1 8  ? -5.062  5.195   7.236   1.00 41.83 ? 8  A   A "O3'"  1 
ATOM   154  C  "C2'"  . A   A 1 8  ? -7.292  5.525   7.913   1.00 42.46 ? 8  A   A "C2'"  1 
ATOM   155  O  "O2'"  . A   A 1 8  ? -7.483  4.933   6.658   1.00 46.60 ? 8  A   A "O2'"  1 
ATOM   156  C  "C1'"  . A   A 1 8  ? -7.615  4.504   9.009   1.00 41.90 ? 8  A   A "C1'"  1 
ATOM   157  N  N9     . A   A 1 8  ? -8.974  4.474   9.519   1.00 38.29 ? 8  A   A N9     1 
ATOM   158  C  C8     . A   A 1 8  ? -9.624  5.345   10.347  1.00 38.34 ? 8  A   A C8     1 
ATOM   159  N  N7     . A   A 1 8  ? -10.869 5.016   10.581  1.00 37.13 ? 8  A   A N7     1 
ATOM   160  C  C5     . A   A 1 8  ? -11.042 3.846   9.856   1.00 37.46 ? 8  A   A C5     1 
ATOM   161  C  C6     . A   A 1 8  ? -12.143 3.006   9.677   1.00 37.08 ? 8  A   A C6     1 
ATOM   162  N  N6     . A   A 1 8  ? -13.334 3.237   10.235  1.00 38.78 ? 8  A   A N6     1 
ATOM   163  N  N1     . A   A 1 8  ? -11.984 1.914   8.896   1.00 36.31 ? 8  A   A N1     1 
ATOM   164  C  C2     . A   A 1 8  ? -10.788 1.695   8.336   1.00 35.86 ? 8  A   A C2     1 
ATOM   165  N  N3     . A   A 1 8  ? -9.679  2.420   8.424   1.00 38.11 ? 8  A   A N3     1 
ATOM   166  C  C4     . A   A 1 8  ? -9.879  3.497   9.207   1.00 38.32 ? 8  A   A C4     1 
ATOM   167  P  P      . A   A 1 9  ? -4.084  5.953   6.226   1.00 44.08 ? 9  A   A P      1 
ATOM   168  O  OP1    . A   A 1 9  ? -3.203  4.851   5.763   1.00 42.06 ? 9  A   A OP1    1 
ATOM   169  O  OP2    . A   A 1 9  ? -3.491  7.160   6.840   1.00 45.51 ? 9  A   A OP2    1 
ATOM   170  O  "O5'"  . A   A 1 9  ? -5.041  6.396   5.023   1.00 46.22 ? 9  A   A "O5'"  1 
ATOM   171  C  "C5'"  . A   A 1 9  ? -5.892  5.446   4.371   1.00 49.17 ? 9  A   A "C5'"  1 
ATOM   172  C  "C4'"  . A   A 1 9  ? -6.799  6.154   3.391   1.00 51.65 ? 9  A   A "C4'"  1 
ATOM   173  O  "O4'"  . A   A 1 9  ? -7.621  7.101   4.120   1.00 52.34 ? 9  A   A "O4'"  1 
ATOM   174  C  "C3'"  . A   A 1 9  ? -6.061  6.981   2.349   1.00 52.37 ? 9  A   A "C3'"  1 
ATOM   175  O  "O3'"  . A   A 1 9  ? -5.807  6.170   1.207   1.00 52.77 ? 9  A   A "O3'"  1 
ATOM   176  C  "C2'"  . A   A 1 9  ? -7.067  8.081   2.026   1.00 53.51 ? 9  A   A "C2'"  1 
ATOM   177  O  "O2'"  . A   A 1 9  ? -8.057  7.655   1.114   1.00 53.68 ? 9  A   A "O2'"  1 
ATOM   178  C  "C1'"  . A   A 1 9  ? -7.720  8.313   3.390   1.00 55.05 ? 9  A   A "C1'"  1 
ATOM   179  N  N9     . A   A 1 9  ? -7.100  9.379   4.184   1.00 56.91 ? 9  A   A N9     1 
ATOM   180  C  C8     . A   A 1 9  ? -6.112  9.248   5.138   1.00 57.82 ? 9  A   A C8     1 
ATOM   181  N  N7     . A   A 1 9  ? -5.761  10.383  5.696   1.00 58.20 ? 9  A   A N7     1 
ATOM   182  C  C5     . A   A 1 9  ? -6.570  11.327  5.071   1.00 57.62 ? 9  A   A C5     1 
ATOM   183  C  C6     . A   A 1 9  ? -6.684  12.723  5.221   1.00 58.28 ? 9  A   A C6     1 
ATOM   184  N  N6     . A   A 1 9  ? -5.957  13.437  6.090   1.00 57.69 ? 9  A   A N6     1 
ATOM   185  N  N1     . A   A 1 9  ? -7.582  13.369  4.440   1.00 57.40 ? 9  A   A N1     1 
ATOM   186  C  C2     . A   A 1 9  ? -8.315  12.649  3.572   1.00 57.26 ? 9  A   A C2     1 
ATOM   187  N  N3     . A   A 1 9  ? -8.302  11.334  3.342   1.00 57.47 ? 9  A   A N3     1 
ATOM   188  C  C4     . A   A 1 9  ? -7.397  10.723  4.133   1.00 57.50 ? 9  A   A C4     1 
ATOM   189  P  P      . G   A 1 10 ? -4.289  5.844   0.766   1.00 54.22 ? 10 G   A P      1 
ATOM   190  O  OP1    . G   A 1 10 ? -4.354  4.943   -0.423  1.00 53.29 ? 10 G   A OP1    1 
ATOM   191  O  OP2    . G   A 1 10 ? -3.536  5.413   1.967   1.00 54.06 ? 10 G   A OP2    1 
ATOM   192  O  "O5'"  . G   A 1 10 ? -3.673  7.253   0.334   1.00 51.74 ? 10 G   A "O5'"  1 
ATOM   193  C  "C5'"  . G   A 1 10 ? -4.337  8.113   -0.590  1.00 50.82 ? 10 G   A "C5'"  1 
ATOM   194  C  "C4'"  . G   A 1 10 ? -3.326  9.009   -1.268  1.00 47.87 ? 10 G   A "C4'"  1 
ATOM   195  O  "O4'"  . G   A 1 10 ? -2.499  9.615   -0.237  1.00 47.99 ? 10 G   A "O4'"  1 
ATOM   196  C  "C3'"  . G   A 1 10 ? -2.349  8.279   -2.172  1.00 47.74 ? 10 G   A "C3'"  1 
ATOM   197  O  "O3'"  . G   A 1 10 ? -2.873  8.204   -3.494  1.00 46.27 ? 10 G   A "O3'"  1 
ATOM   198  C  "C2'"  . G   A 1 10 ? -1.110  9.156   -2.098  1.00 46.78 ? 10 G   A "C2'"  1 
ATOM   199  O  "O2'"  . G   A 1 10 ? -1.195  10.286  -2.945  1.00 48.76 ? 10 G   A "O2'"  1 
ATOM   200  C  "C1'"  . G   A 1 10 ? -1.138  9.586   -0.630  1.00 46.99 ? 10 G   A "C1'"  1 
ATOM   201  N  N9     . G   A 1 10 ? -0.440  8.649   0.248   1.00 45.24 ? 10 G   A N9     1 
ATOM   202  C  C8     . G   A 1 10 ? -0.963  7.960   1.320   1.00 46.72 ? 10 G   A C8     1 
ATOM   203  N  N7     . G   A 1 10 ? -0.101  7.153   1.884   1.00 44.10 ? 10 G   A N7     1 
ATOM   204  C  C5     . G   A 1 10 ? 1.061   7.330   1.145   1.00 43.83 ? 10 G   A C5     1 
ATOM   205  C  C6     . G   A 1 10 ? 2.330   6.716   1.271   1.00 42.38 ? 10 G   A C6     1 
ATOM   206  O  O6     . G   A 1 10 ? 2.694   5.868   2.097   1.00 38.77 ? 10 G   A O6     1 
ATOM   207  N  N1     . G   A 1 10 ? 3.222   7.185   0.309   1.00 39.39 ? 10 G   A N1     1 
ATOM   208  C  C2     . G   A 1 10 ? 2.930   8.140   -0.642  1.00 42.04 ? 10 G   A C2     1 
ATOM   209  N  N2     . G   A 1 10 ? 3.919   8.498   -1.468  1.00 41.20 ? 10 G   A N2     1 
ATOM   210  N  N3     . G   A 1 10 ? 1.752   8.711   -0.771  1.00 42.61 ? 10 G   A N3     1 
ATOM   211  C  C4     . G   A 1 10 ? 0.871   8.262   0.143   1.00 44.09 ? 10 G   A C4     1 
ATOM   212  P  P      . U   A 1 11 ? -2.564  6.924   -4.404  1.00 46.73 ? 11 U   A P      1 
ATOM   213  O  OP1    . U   A 1 11 ? -3.288  7.063   -5.700  1.00 48.21 ? 11 U   A OP1    1 
ATOM   214  O  OP2    . U   A 1 11 ? -2.795  5.708   -3.566  1.00 45.52 ? 11 U   A OP2    1 
ATOM   215  O  "O5'"  . U   A 1 11 ? -1.009  7.029   -4.696  1.00 44.91 ? 11 U   A "O5'"  1 
ATOM   216  C  "C5'"  . U   A 1 11 ? -0.491  8.034   -5.551  1.00 47.60 ? 11 U   A "C5'"  1 
ATOM   217  C  "C4'"  . U   A 1 11 ? 0.964   7.770   -5.823  1.00 48.16 ? 11 U   A "C4'"  1 
ATOM   218  O  "O4'"  . U   A 1 11 ? 1.695   7.852   -4.573  1.00 47.05 ? 11 U   A "O4'"  1 
ATOM   219  C  "C3'"  . U   A 1 11 ? 1.290   6.375   -6.325  1.00 48.51 ? 11 U   A "C3'"  1 
ATOM   220  O  "O3'"  . U   A 1 11 ? 1.064   6.245   -7.715  1.00 50.18 ? 11 U   A "O3'"  1 
ATOM   221  C  "C2'"  . U   A 1 11 ? 2.761   6.250   -5.961  1.00 48.03 ? 11 U   A "C2'"  1 
ATOM   222  O  "O2'"  . U   A 1 11 ? 3.618   6.950   -6.845  1.00 49.65 ? 11 U   A "O2'"  1 
ATOM   223  C  "C1'"  . U   A 1 11 ? 2.780   6.932   -4.594  1.00 47.75 ? 11 U   A "C1'"  1 
ATOM   224  N  N1     . U   A 1 11 ? 2.612   5.988   -3.478  1.00 45.69 ? 11 U   A N1     1 
ATOM   225  C  C2     . U   A 1 11 ? 3.724   5.250   -3.088  1.00 44.97 ? 11 U   A C2     1 
ATOM   226  O  O2     . U   A 1 11 ? 4.804   5.337   -3.646  1.00 44.61 ? 11 U   A O2     1 
ATOM   227  N  N3     . U   A 1 11 ? 3.517   4.412   -2.018  1.00 44.44 ? 11 U   A N3     1 
ATOM   228  C  C4     . U   A 1 11 ? 2.335   4.237   -1.310  1.00 44.47 ? 11 U   A C4     1 
ATOM   229  O  O4     . U   A 1 11 ? 2.328   3.516   -0.304  1.00 41.53 ? 11 U   A O4     1 
ATOM   230  C  C5     . U   A 1 11 ? 1.230   5.012   -1.794  1.00 44.94 ? 11 U   A C5     1 
ATOM   231  C  C6     . U   A 1 11 ? 1.404   5.841   -2.834  1.00 44.29 ? 11 U   A C6     1 
ATOM   232  P  P      . G   A 1 12 ? 0.702   4.805   -8.324  1.00 51.90 ? 12 G   A P      1 
ATOM   233  O  OP1    . G   A 1 12 ? 0.305   4.990   -9.745  1.00 53.70 ? 12 G   A OP1    1 
ATOM   234  O  OP2    . G   A 1 12 ? -0.228  4.129   -7.395  1.00 52.09 ? 12 G   A OP2    1 
ATOM   235  O  "O5'"  . G   A 1 12 ? 2.094   4.043   -8.302  1.00 51.62 ? 12 G   A "O5'"  1 
ATOM   236  C  "C5'"  . G   A 1 12 ? 3.152   4.491   -9.134  1.00 51.36 ? 12 G   A "C5'"  1 
ATOM   237  C  "C4'"  . G   A 1 12 ? 4.379   3.651   -8.931  1.00 49.61 ? 12 G   A "C4'"  1 
ATOM   238  O  "O4'"  . G   A 1 12 ? 4.912   3.881   -7.604  1.00 47.27 ? 12 G   A "O4'"  1 
ATOM   239  C  "C3'"  . G   A 1 12 ? 4.197   2.144   -8.984  1.00 48.57 ? 12 G   A "C3'"  1 
ATOM   240  O  "O3'"  . G   A 1 12 ? 4.152   1.659   -10.318 1.00 50.38 ? 12 G   A "O3'"  1 
ATOM   241  C  "C2'"  . G   A 1 12 ? 5.466   1.685   -8.296  1.00 47.23 ? 12 G   A "C2'"  1 
ATOM   242  O  "O2'"  . G   A 1 12 ? 6.571   1.819   -9.168  1.00 47.37 ? 12 G   A "O2'"  1 
ATOM   243  C  "C1'"  . G   A 1 12 ? 5.564   2.704   -7.155  1.00 45.23 ? 12 G   A "C1'"  1 
ATOM   244  N  N9     . G   A 1 12 ? 4.889   2.250   -5.942  1.00 43.62 ? 12 G   A N9     1 
ATOM   245  C  C8     . G   A 1 12 ? 3.623   2.571   -5.525  1.00 41.78 ? 12 G   A C8     1 
ATOM   246  N  N7     . G   A 1 12 ? 3.288   1.989   -4.409  1.00 42.62 ? 12 G   A N7     1 
ATOM   247  C  C5     . G   A 1 12 ? 4.408   1.241   -4.061  1.00 41.62 ? 12 G   A C5     1 
ATOM   248  C  C6     . G   A 1 12 ? 4.643   0.381   -2.941  1.00 39.93 ? 12 G   A C6     1 
ATOM   249  O  O6     . G   A 1 12 ? 3.895   0.122   -1.990  1.00 36.80 ? 12 G   A O6     1 
ATOM   250  N  N1     . G   A 1 12 ? 5.907   -0.195  -3.002  1.00 39.38 ? 12 G   A N1     1 
ATOM   251  C  C2     . G   A 1 12 ? 6.828   0.035   -3.993  1.00 40.54 ? 12 G   A C2     1 
ATOM   252  N  N2     . G   A 1 12 ? 7.996   -0.607  -3.878  1.00 41.49 ? 12 G   A N2     1 
ATOM   253  N  N3     . G   A 1 12 ? 6.626   0.836   -5.022  1.00 41.06 ? 12 G   A N3     1 
ATOM   254  C  C4     . G   A 1 12 ? 5.404   1.395   -4.995  1.00 42.01 ? 12 G   A C4     1 
ATOM   255  P  P      . C   A 1 13 ? 3.160   0.449   -10.690 1.00 50.57 ? 13 C   A P      1 
ATOM   256  O  OP1    . C   A 1 13 ? 3.133   0.310   -12.175 1.00 51.92 ? 13 C   A OP1    1 
ATOM   257  O  OP2    . C   A 1 13 ? 1.890   0.649   -9.966  1.00 48.53 ? 13 C   A OP2    1 
ATOM   258  O  "O5'"  . C   A 1 13 ? 3.918   -0.824  -10.101 1.00 50.48 ? 13 C   A "O5'"  1 
ATOM   259  C  "C5'"  . C   A 1 13 ? 5.185   -1.196  -10.633 1.00 48.93 ? 13 C   A "C5'"  1 
ATOM   260  C  "C4'"  . C   A 1 13 ? 5.890   -2.163  -9.715  1.00 47.93 ? 13 C   A "C4'"  1 
ATOM   261  O  "O4'"  . C   A 1 13 ? 6.102   -1.552  -8.417  1.00 47.28 ? 13 C   A "O4'"  1 
ATOM   262  C  "C3'"  . C   A 1 13 ? 5.147   -3.445  -9.387  1.00 46.98 ? 13 C   A "C3'"  1 
ATOM   263  O  "O3'"  . C   A 1 13 ? 5.294   -4.392  -10.431 1.00 47.84 ? 13 C   A "O3'"  1 
ATOM   264  C  "C2'"  . C   A 1 13 ? 5.866   -3.894  -8.126  1.00 43.84 ? 13 C   A "C2'"  1 
ATOM   265  O  "O2'"  . C   A 1 13 ? 7.135   -4.435  -8.405  1.00 43.10 ? 13 C   A "O2'"  1 
ATOM   266  C  "C1'"  . C   A 1 13 ? 6.052   -2.556  -7.412  1.00 44.53 ? 13 C   A "C1'"  1 
ATOM   267  N  N1     . C   A 1 13 ? 4.937   -2.264  -6.500  1.00 40.71 ? 13 C   A N1     1 
ATOM   268  C  C2     . C   A 1 13 ? 4.957   -2.847  -5.237  1.00 40.75 ? 13 C   A C2     1 
ATOM   269  O  O2     . C   A 1 13 ? 5.906   -3.608  -4.948  1.00 40.08 ? 13 C   A O2     1 
ATOM   270  N  N3     . C   A 1 13 ? 3.954   -2.578  -4.368  1.00 38.92 ? 13 C   A N3     1 
ATOM   271  C  C4     . C   A 1 13 ? 2.956   -1.763  -4.731  1.00 38.20 ? 13 C   A C4     1 
ATOM   272  N  N4     . C   A 1 13 ? 2.001   -1.514  -3.842  1.00 33.67 ? 13 C   A N4     1 
ATOM   273  C  C5     . C   A 1 13 ? 2.906   -1.168  -6.025  1.00 39.42 ? 13 C   A C5     1 
ATOM   274  C  C6     . C   A 1 13 ? 3.908   -1.444  -6.869  1.00 39.33 ? 13 C   A C6     1 
ATOM   275  P  P      . A   A 1 14 ? 4.010   -5.202  -10.941 1.00 47.78 ? 14 A   A P      1 
ATOM   276  O  OP1    . A   A 1 14 ? 4.414   -5.938  -12.169 1.00 48.20 ? 14 A   A OP1    1 
ATOM   277  O  OP2    . A   A 1 14 ? 2.864   -4.262  -10.984 1.00 46.98 ? 14 A   A OP2    1 
ATOM   278  O  "O5'"  . A   A 1 14 ? 3.744   -6.272  -9.788  1.00 46.21 ? 14 A   A "O5'"  1 
ATOM   279  C  "C5'"  . A   A 1 14 ? 4.618   -7.379  -9.643  1.00 45.56 ? 14 A   A "C5'"  1 
ATOM   280  C  "C4'"  . A   A 1 14 ? 4.500   -7.978  -8.265  1.00 43.02 ? 14 A   A "C4'"  1 
ATOM   281  O  "O4'"  . A   A 1 14 ? 4.774   -6.974  -7.251  1.00 42.83 ? 14 A   A "O4'"  1 
ATOM   282  C  "C3'"  . A   A 1 14 ? 3.141   -8.496  -7.838  1.00 43.74 ? 14 A   A "C3'"  1 
ATOM   283  O  "O3'"  . A   A 1 14 ? 2.829   -9.740  -8.445  1.00 46.46 ? 14 A   A "O3'"  1 
ATOM   284  C  "C2'"  . A   A 1 14 ? 3.373   -8.649  -6.344  1.00 42.43 ? 14 A   A "C2'"  1 
ATOM   285  O  "O2'"  . A   A 1 14 ? 4.198   -9.762  -6.076  1.00 42.39 ? 14 A   A "O2'"  1 
ATOM   286  C  "C1'"  . A   A 1 14 ? 4.132   -7.355  -6.044  1.00 42.48 ? 14 A   A "C1'"  1 
ATOM   287  N  N9     . A   A 1 14 ? 3.192   -6.308  -5.642  1.00 40.29 ? 14 A   A N9     1 
ATOM   288  C  C8     . A   A 1 14 ? 2.745   -5.204  -6.327  1.00 40.61 ? 14 A   A C8     1 
ATOM   289  N  N7     . A   A 1 14 ? 1.850   -4.502  -5.665  1.00 39.17 ? 14 A   A N7     1 
ATOM   290  C  C5     . A   A 1 14 ? 1.713   -5.182  -4.462  1.00 38.71 ? 14 A   A C5     1 
ATOM   291  C  C6     . A   A 1 14 ? 0.906   -4.963  -3.325  1.00 38.43 ? 14 A   A C6     1 
ATOM   292  N  N6     . A   A 1 14 ? 0.046   -3.954  -3.200  1.00 38.68 ? 14 A   A N6     1 
ATOM   293  N  N1     . A   A 1 14 ? 1.010   -5.844  -2.305  1.00 39.11 ? 14 A   A N1     1 
ATOM   294  C  C2     . A   A 1 14 ? 1.854   -6.872  -2.428  1.00 37.94 ? 14 A   A C2     1 
ATOM   295  N  N3     . A   A 1 14 ? 2.653   -7.188  -3.439  1.00 37.05 ? 14 A   A N3     1 
ATOM   296  C  C4     . A   A 1 14 ? 2.538   -6.292  -4.436  1.00 39.98 ? 14 A   A C4     1 
ATOM   297  P  P      . C   A 1 15 ? 1.290   -10.159 -8.668  1.00 46.83 ? 15 C   A P      1 
ATOM   298  O  OP1    . C   A 1 15 ? 1.314   -11.386 -9.502  1.00 47.55 ? 15 C   A OP1    1 
ATOM   299  O  OP2    . C   A 1 15 ? 0.535   -8.968  -9.131  1.00 45.83 ? 15 C   A OP2    1 
ATOM   300  O  "O5'"  . C   A 1 15 ? 0.763   -10.527 -7.213  1.00 44.57 ? 15 C   A "O5'"  1 
ATOM   301  C  "C5'"  . C   A 1 15 ? 1.350   -11.591 -6.483  1.00 43.90 ? 15 C   A "C5'"  1 
ATOM   302  C  "C4'"  . C   A 1 15 ? 0.798   -11.640 -5.084  1.00 43.42 ? 15 C   A "C4'"  1 
ATOM   303  O  "O4'"  . C   A 1 15 ? 1.022   -10.362 -4.430  1.00 41.92 ? 15 C   A "O4'"  1 
ATOM   304  C  "C3'"  . C   A 1 15 ? -0.702  -11.807 -4.921  1.00 44.31 ? 15 C   A "C3'"  1 
ATOM   305  O  "O3'"  . C   A 1 15 ? -1.130  -13.142 -5.109  1.00 48.30 ? 15 C   A "O3'"  1 
ATOM   306  C  "C2'"  . C   A 1 15 ? -0.878  -11.393 -3.470  1.00 43.30 ? 15 C   A "C2'"  1 
ATOM   307  O  "O2'"  . C   A 1 15 ? -0.453  -12.395 -2.567  1.00 44.90 ? 15 C   A "O2'"  1 
ATOM   308  C  "C1'"  . C   A 1 15 ? 0.070   -10.198 -3.391  1.00 42.37 ? 15 C   A "C1'"  1 
ATOM   309  N  N1     . C   A 1 15 ? -0.647  -8.927  -3.584  1.00 41.41 ? 15 C   A N1     1 
ATOM   310  C  C2     . C   A 1 15 ? -1.392  -8.425  -2.521  1.00 41.88 ? 15 C   A C2     1 
ATOM   311  O  O2     . C   A 1 15 ? -1.388  -9.044  -1.444  1.00 41.78 ? 15 C   A O2     1 
ATOM   312  N  N3     . C   A 1 15 ? -2.099  -7.281  -2.686  1.00 40.01 ? 15 C   A N3     1 
ATOM   313  C  C4     . C   A 1 15 ? -2.076  -6.649  -3.860  1.00 38.90 ? 15 C   A C4     1 
ATOM   314  N  N4     . C   A 1 15 ? -2.827  -5.539  -3.993  1.00 37.89 ? 15 C   A N4     1 
ATOM   315  C  C5     . C   A 1 15 ? -1.296  -7.124  -4.951  1.00 38.61 ? 15 C   A C5     1 
ATOM   316  C  C6     . C   A 1 15 ? -0.604  -8.259  -4.772  1.00 39.13 ? 15 C   A C6     1 
ATOM   317  P  P      . A   A 1 16 ? -2.665  -13.433 -5.503  1.00 51.27 ? 16 A   A P      1 
ATOM   318  O  OP1    . A   A 1 16 ? -2.820  -14.901 -5.676  1.00 50.31 ? 16 A   A OP1    1 
ATOM   319  O  OP2    . A   A 1 16 ? -3.042  -12.509 -6.613  1.00 49.74 ? 16 A   A OP2    1 
ATOM   320  O  "O5'"  . A   A 1 16 ? -3.497  -12.967 -4.233  1.00 48.53 ? 16 A   A "O5'"  1 
ATOM   321  C  "C5'"  . A   A 1 16 ? -3.420  -13.676 -3.012  1.00 49.41 ? 16 A   A "C5'"  1 
ATOM   322  C  "C4'"  . A   A 1 16 ? -4.265  -12.997 -1.967  1.00 48.66 ? 16 A   A "C4'"  1 
ATOM   323  O  "O4'"  . A   A 1 16 ? -3.812  -11.629 -1.793  1.00 48.33 ? 16 A   A "O4'"  1 
ATOM   324  C  "C3'"  . A   A 1 16 ? -5.731  -12.808 -2.310  1.00 49.85 ? 16 A   A "C3'"  1 
ATOM   325  O  "O3'"  . A   A 1 16 ? -6.475  -14.003 -2.118  1.00 52.29 ? 16 A   A "O3'"  1 
ATOM   326  C  "C2'"  . A   A 1 16 ? -6.132  -11.729 -1.318  1.00 47.73 ? 16 A   A "C2'"  1 
ATOM   327  O  "O2'"  . A   A 1 16 ? -6.329  -12.214 -0.013  1.00 49.47 ? 16 A   A "O2'"  1 
ATOM   328  C  "C1'"  . A   A 1 16 ? -4.892  -10.835 -1.338  1.00 46.55 ? 16 A   A "C1'"  1 
ATOM   329  N  N9     . A   A 1 16 ? -5.072  -9.713  -2.256  1.00 43.48 ? 16 A   A N9     1 
ATOM   330  C  C8     . A   A 1 16 ? -4.594  -9.541  -3.525  1.00 41.81 ? 16 A   A C8     1 
ATOM   331  N  N7     . A   A 1 16 ? -4.946  -8.396  -4.070  1.00 40.85 ? 16 A   A N7     1 
ATOM   332  C  C5     . A   A 1 16 ? -5.712  -7.784  -3.087  1.00 41.34 ? 16 A   A C5     1 
ATOM   333  C  C6     . A   A 1 16 ? -6.395  -6.553  -3.038  1.00 41.05 ? 16 A   A C6     1 
ATOM   334  N  N6     . A   A 1 16 ? -6.405  -5.663  -4.035  1.00 40.29 ? 16 A   A N6     1 
ATOM   335  N  N1     . A   A 1 16 ? -7.078  -6.262  -1.912  1.00 42.09 ? 16 A   A N1     1 
ATOM   336  C  C2     . A   A 1 16 ? -7.070  -7.142  -0.910  1.00 41.65 ? 16 A   A C2     1 
ATOM   337  N  N3     . A   A 1 16 ? -6.463  -8.324  -0.834  1.00 41.90 ? 16 A   A N3     1 
ATOM   338  C  C4     . A   A 1 16 ? -5.797  -8.588  -1.969  1.00 42.08 ? 16 A   A C4     1 
ATOM   339  P  P      . C   A 1 17 ? -7.801  -14.254 -2.991  1.00 53.80 ? 17 C   A P      1 
ATOM   340  O  OP1    . C   A 1 17 ? -8.352  -15.582 -2.608  1.00 53.98 ? 17 C   A OP1    1 
ATOM   341  O  OP2    . C   A 1 17 ? -7.469  -13.979 -4.413  1.00 53.39 ? 17 C   A OP2    1 
ATOM   342  O  "O5'"  . C   A 1 17 ? -8.796  -13.120 -2.480  1.00 51.18 ? 17 C   A "O5'"  1 
ATOM   343  C  "C5'"  . C   A 1 17 ? -9.296  -13.145 -1.147  1.00 51.42 ? 17 C   A "C5'"  1 
ATOM   344  C  "C4'"  . C   A 1 17 ? -10.249 -11.997 -0.917  1.00 50.98 ? 17 C   A "C4'"  1 
ATOM   345  O  "O4'"  . C   A 1 17 ? -9.530  -10.736 -0.942  1.00 50.46 ? 17 C   A "O4'"  1 
ATOM   346  C  "C3'"  . C   A 1 17 ? -11.320 -11.816 -1.978  1.00 51.94 ? 17 C   A "C3'"  1 
ATOM   347  O  "O3'"  . C   A 1 17 ? -12.398 -12.721 -1.781  1.00 54.39 ? 17 C   A "O3'"  1 
ATOM   348  C  "C2'"  . C   A 1 17 ? -11.725 -10.366 -1.756  1.00 49.35 ? 17 C   A "C2'"  1 
ATOM   349  O  "O2'"  . C   A 1 17 ? -12.561 -10.189 -0.637  1.00 50.28 ? 17 C   A "O2'"  1 
ATOM   350  C  "C1'"  . C   A 1 17 ? -10.367 -9.720  -1.483  1.00 48.23 ? 17 C   A "C1'"  1 
ATOM   351  N  N1     . C   A 1 17 ? -9.748  -9.231  -2.720  1.00 45.30 ? 17 C   A N1     1 
ATOM   352  C  C2     . C   A 1 17 ? -10.013 -7.920  -3.141  1.00 43.90 ? 17 C   A C2     1 
ATOM   353  O  O2     . C   A 1 17 ? -10.756 -7.202  -2.452  1.00 45.41 ? 17 C   A O2     1 
ATOM   354  N  N3     . C   A 1 17 ? -9.458  -7.472  -4.281  1.00 41.70 ? 17 C   A N3     1 
ATOM   355  C  C4     . C   A 1 17 ? -8.669  -8.270  -4.996  1.00 39.89 ? 17 C   A C4     1 
ATOM   356  N  N4     . C   A 1 17 ? -8.127  -7.776  -6.112  1.00 40.71 ? 17 C   A N4     1 
ATOM   357  C  C5     . C   A 1 17 ? -8.387  -9.609  -4.595  1.00 44.15 ? 17 C   A C5     1 
ATOM   358  C  C6     . C   A 1 17 ? -8.936  -10.040 -3.457  1.00 43.08 ? 17 C   A C6     1 
ATOM   359  P  P      . A   A 1 18 ? -13.316 -13.147 -3.032  1.00 54.93 ? 18 A   A P      1 
ATOM   360  O  OP1    . A   A 1 18 ? -14.353 -14.065 -2.503  1.00 57.17 ? 18 A   A OP1    1 
ATOM   361  O  OP2    . A   A 1 18 ? -12.435 -13.596 -4.144  1.00 54.63 ? 18 A   A OP2    1 
ATOM   362  O  "O5'"  . A   A 1 18 ? -14.018 -11.786 -3.462  1.00 52.25 ? 18 A   A "O5'"  1 
ATOM   363  C  "C5'"  . A   A 1 18 ? -15.008 -11.206 -2.630  1.00 53.00 ? 18 A   A "C5'"  1 
ATOM   364  C  "C4'"  . A   A 1 18 ? -15.572 -9.968  -3.267  1.00 52.58 ? 18 A   A "C4'"  1 
ATOM   365  O  "O4'"  . A   A 1 18 ? -14.550 -8.939  -3.341  1.00 53.12 ? 18 A   A "O4'"  1 
ATOM   366  C  "C3'"  . A   A 1 18 ? -16.041 -10.087 -4.705  1.00 53.59 ? 18 A   A "C3'"  1 
ATOM   367  O  "O3'"  . A   A 1 18 ? -17.325 -10.696 -4.792  1.00 55.01 ? 18 A   A "O3'"  1 
ATOM   368  C  "C2'"  . A   A 1 18 ? -16.078 -8.623  -5.113  1.00 52.24 ? 18 A   A "C2'"  1 
ATOM   369  O  "O2'"  . A   A 1 18 ? -17.165 -7.937  -4.522  1.00 54.44 ? 18 A   A "O2'"  1 
ATOM   370  C  "C1'"  . A   A 1 18 ? -14.784 -8.119  -4.476  1.00 50.81 ? 18 A   A "C1'"  1 
ATOM   371  N  N9     . A   A 1 18 ? -13.643 -8.261  -5.374  1.00 47.78 ? 18 A   A N9     1 
ATOM   372  C  C8     . A   A 1 18 ? -12.738 -9.290  -5.407  1.00 46.16 ? 18 A   A C8     1 
ATOM   373  N  N7     . A   A 1 18 ? -11.805 -9.145  -6.313  1.00 45.82 ? 18 A   A N7     1 
ATOM   374  C  C5     . A   A 1 18 ? -12.123 -7.939  -6.926  1.00 46.60 ? 18 A   A C5     1 
ATOM   375  C  C6     . A   A 1 18 ? -11.508 -7.216  -7.963  1.00 45.42 ? 18 A   A C6     1 
ATOM   376  N  N6     . A   A 1 18 ? -10.397 -7.616  -8.583  1.00 45.26 ? 18 A   A N6     1 
ATOM   377  N  N1     . A   A 1 18 ? -12.076 -6.052  -8.340  1.00 45.97 ? 18 A   A N1     1 
ATOM   378  C  C2     . A   A 1 18 ? -13.183 -5.646  -7.703  1.00 45.55 ? 18 A   A C2     1 
ATOM   379  N  N3     . A   A 1 18 ? -13.845 -6.229  -6.707  1.00 45.08 ? 18 A   A N3     1 
ATOM   380  C  C4     . A   A 1 18 ? -13.255 -7.387  -6.361  1.00 45.97 ? 18 A   A C4     1 
ATOM   381  P  P      . G   A 1 19 ? -17.800 -11.353 -6.183  1.00 54.07 ? 19 G   A P      1 
ATOM   382  O  OP1    . G   A 1 19 ? -19.089 -12.027 -5.894  1.00 54.89 ? 19 G   A OP1    1 
ATOM   383  O  OP2    . G   A 1 19 ? -16.684 -12.130 -6.779  1.00 53.32 ? 19 G   A OP2    1 
ATOM   384  O  "O5'"  . G   A 1 19 ? -18.078 -10.095 -7.110  1.00 52.11 ? 19 G   A "O5'"  1 
ATOM   385  C  "C5'"  . G   A 1 19 ? -19.146 -9.213  -6.815  1.00 51.27 ? 19 G   A "C5'"  1 
ATOM   386  C  "C4'"  . G   A 1 19 ? -19.208 -8.121  -7.847  1.00 51.99 ? 19 G   A "C4'"  1 
ATOM   387  O  "O4'"  . G   A 1 19 ? -18.018 -7.299  -7.737  1.00 51.71 ? 19 G   A "O4'"  1 
ATOM   388  C  "C3'"  . G   A 1 19 ? -19.188 -8.592  -9.291  1.00 52.05 ? 19 G   A "C3'"  1 
ATOM   389  O  "O3'"  . G   A 1 19 ? -20.485 -8.970  -9.738  1.00 54.82 ? 19 G   A "O3'"  1 
ATOM   390  C  "C2'"  . G   A 1 19 ? -18.687 -7.350  -10.004 1.00 50.57 ? 19 G   A "C2'"  1 
ATOM   391  O  "O2'"  . G   A 1 19 ? -19.684 -6.356  -10.124 1.00 50.51 ? 19 G   A "O2'"  1 
ATOM   392  C  "C1'"  . G   A 1 19 ? -17.613 -6.873  -9.027  1.00 49.92 ? 19 G   A "C1'"  1 
ATOM   393  N  N9     . G   A 1 19 ? -16.316 -7.473  -9.319  1.00 47.55 ? 19 G   A N9     1 
ATOM   394  C  C8     . G   A 1 19 ? -15.779 -8.611  -8.769  1.00 45.27 ? 19 G   A C8     1 
ATOM   395  N  N7     . G   A 1 19 ? -14.601 -8.902  -9.249  1.00 45.59 ? 19 G   A N7     1 
ATOM   396  C  C5     . G   A 1 19 ? -14.347 -7.893  -10.167 1.00 44.23 ? 19 G   A C5     1 
ATOM   397  C  C6     . G   A 1 19 ? -13.231 -7.676  -11.006 1.00 43.42 ? 19 G   A C6     1 
ATOM   398  O  O6     . G   A 1 19 ? -12.203 -8.352  -11.107 1.00 43.70 ? 19 G   A O6     1 
ATOM   399  N  N1     . G   A 1 19 ? -13.391 -6.537  -11.788 1.00 43.33 ? 19 G   A N1     1 
ATOM   400  C  C2     . G   A 1 19 ? -14.484 -5.709  -11.761 1.00 44.12 ? 19 G   A C2     1 
ATOM   401  N  N2     . G   A 1 19 ? -14.451 -4.644  -12.581 1.00 45.16 ? 19 G   A N2     1 
ATOM   402  N  N3     . G   A 1 19 ? -15.532 -5.901  -10.982 1.00 44.87 ? 19 G   A N3     1 
ATOM   403  C  C4     . G   A 1 19 ? -15.395 -7.004  -10.219 1.00 44.75 ? 19 G   A C4     1 
ATOM   404  P  P      . C   A 1 20 ? -20.635 -10.048 -10.921 1.00 55.09 ? 20 C   A P      1 
ATOM   405  O  OP1    . C   A 1 20 ? -22.091 -10.326 -11.078 1.00 57.42 ? 20 C   A OP1    1 
ATOM   406  O  OP2    . C   A 1 20 ? -19.700 -11.179 -10.676 1.00 55.33 ? 20 C   A OP2    1 
ATOM   407  O  "O5'"  . C   A 1 20 ? -20.133 -9.265  -12.215 1.00 54.63 ? 20 C   A "O5'"  1 
ATOM   408  C  "C5'"  . C   A 1 20 ? -20.861 -8.152  -12.711 1.00 54.55 ? 20 C   A "C5'"  1 
ATOM   409  C  "C4'"  . C   A 1 20 ? -20.085 -7.461  -13.804 1.00 53.40 ? 20 C   A "C4'"  1 
ATOM   410  O  "O4'"  . C   A 1 20 ? -18.823 -6.962  -13.275 1.00 53.19 ? 20 C   A "O4'"  1 
ATOM   411  C  "C3'"  . C   A 1 20 ? -19.650 -8.330  -14.966 1.00 53.72 ? 20 C   A "C3'"  1 
ATOM   412  O  "O3'"  . C   A 1 20 ? -20.704 -8.545  -15.891 1.00 54.89 ? 20 C   A "O3'"  1 
ATOM   413  C  "C2'"  . C   A 1 20 ? -18.523 -7.499  -15.560 1.00 51.97 ? 20 C   A "C2'"  1 
ATOM   414  O  "O2'"  . C   A 1 20 ? -18.995 -6.385  -16.295 1.00 50.10 ? 20 C   A "O2'"  1 
ATOM   415  C  "C1'"  . C   A 1 20 ? -17.826 -7.012  -14.288 1.00 50.29 ? 20 C   A "C1'"  1 
ATOM   416  N  N1     . C   A 1 20 ? -16.774 -7.943  -13.853 1.00 48.46 ? 20 C   A N1     1 
ATOM   417  C  C2     . C   A 1 20 ? -15.525 -7.880  -14.473 1.00 47.16 ? 20 C   A C2     1 
ATOM   418  O  O2     . C   A 1 20 ? -15.346 -7.046  -15.373 1.00 45.46 ? 20 C   A O2     1 
ATOM   419  N  N3     . C   A 1 20 ? -14.549 -8.730  -14.085 1.00 44.79 ? 20 C   A N3     1 
ATOM   420  C  C4     . C   A 1 20 ? -14.793 -9.630  -13.130 1.00 45.58 ? 20 C   A C4     1 
ATOM   421  N  N4     . C   A 1 20 ? -13.812 -10.470 -12.798 1.00 43.40 ? 20 C   A N4     1 
ATOM   422  C  C5     . C   A 1 20 ? -16.058 -9.717  -12.480 1.00 45.76 ? 20 C   A C5     1 
ATOM   423  C  C6     . C   A 1 20 ? -17.009 -8.861  -12.867 1.00 47.51 ? 20 C   A C6     1 
ATOM   424  P  P      . A   A 1 21 ? -20.745 -9.911  -16.731 1.00 57.43 ? 21 A   A P      1 
ATOM   425  O  OP1    . A   A 1 21 ? -22.040 -9.947  -17.463 1.00 58.38 ? 21 A   A OP1    1 
ATOM   426  O  OP2    . A   A 1 21 ? -20.390 -11.033 -15.819 1.00 56.52 ? 21 A   A OP2    1 
ATOM   427  O  "O5'"  . A   A 1 21 ? -19.570 -9.738  -17.787 1.00 55.45 ? 21 A   A "O5'"  1 
ATOM   428  C  "C5'"  . A   A 1 21 ? -19.638 -8.714  -18.769 1.00 55.10 ? 21 A   A "C5'"  1 
ATOM   429  C  "C4'"  . A   A 1 21 ? -18.374 -8.689  -19.587 1.00 55.09 ? 21 A   A "C4'"  1 
ATOM   430  O  "O4'"  . A   A 1 21 ? -17.257 -8.277  -18.751 1.00 54.62 ? 21 A   A "O4'"  1 
ATOM   431  C  "C3'"  . A   A 1 21 ? -17.919 -10.018 -20.163 1.00 54.71 ? 21 A   A "C3'"  1 
ATOM   432  O  "O3'"  . A   A 1 21 ? -18.634 -10.363 -21.350 1.00 56.53 ? 21 A   A "O3'"  1 
ATOM   433  C  "C2'"  . A   A 1 21 ? -16.453 -9.728  -20.438 1.00 53.44 ? 21 A   A "C2'"  1 
ATOM   434  O  "O2'"  . A   A 1 21 ? -16.280 -8.926  -21.589 1.00 51.86 ? 21 A   A "O2'"  1 
ATOM   435  C  "C1'"  . A   A 1 21 ? -16.073 -8.922  -19.192 1.00 52.04 ? 21 A   A "C1'"  1 
ATOM   436  N  N9     . A   A 1 21 ? -15.590 -9.777  -18.107 1.00 50.23 ? 21 A   A N9     1 
ATOM   437  C  C8     . A   A 1 21 ? -16.283 -10.229 -17.008 1.00 48.94 ? 21 A   A C8     1 
ATOM   438  N  N7     . A   A 1 21 ? -15.573 -11.007 -16.220 1.00 47.35 ? 21 A   A N7     1 
ATOM   439  C  C5     . A   A 1 21 ? -14.335 -11.065 -16.837 1.00 45.68 ? 21 A   A C5     1 
ATOM   440  C  C6     . A   A 1 21 ? -13.143 -11.725 -16.500 1.00 44.76 ? 21 A   A C6     1 
ATOM   441  N  N6     . A   A 1 21 ? -12.994 -12.470 -15.396 1.00 41.76 ? 21 A   A N6     1 
ATOM   442  N  N1     . A   A 1 21 ? -12.093 -11.587 -17.334 1.00 43.95 ? 21 A   A N1     1 
ATOM   443  C  C2     . A   A 1 21 ? -12.234 -10.824 -18.422 1.00 45.61 ? 21 A   A C2     1 
ATOM   444  N  N3     . A   A 1 21 ? -13.298 -10.143 -18.842 1.00 44.56 ? 21 A   A N3     1 
ATOM   445  C  C4     . A   A 1 21 ? -14.328 -10.308 -17.997 1.00 47.40 ? 21 A   A C4     1 
ATOM   446  P  P      . A   A 1 22 ? -18.946 -11.912 -21.667 1.00 57.41 ? 22 A   A P      1 
ATOM   447  O  OP1    . A   A 1 22 ? -19.948 -11.972 -22.769 1.00 59.48 ? 22 A   A OP1    1 
ATOM   448  O  OP2    . A   A 1 22 ? -19.239 -12.594 -20.385 1.00 58.94 ? 22 A   A OP2    1 
ATOM   449  O  "O5'"  . A   A 1 22 ? -17.563 -12.458 -22.230 1.00 55.44 ? 22 A   A "O5'"  1 
ATOM   450  C  "C5'"  . A   A 1 22 ? -16.965 -11.848 -23.368 1.00 54.90 ? 22 A   A "C5'"  1 
ATOM   451  C  "C4'"  . A   A 1 22 ? -15.547 -12.322 -23.535 1.00 53.07 ? 22 A   A "C4'"  1 
ATOM   452  O  "O4'"  . A   A 1 22 ? -14.744 -11.856 -22.419 1.00 53.98 ? 22 A   A "O4'"  1 
ATOM   453  C  "C3'"  . A   A 1 22 ? -15.356 -13.824 -23.497 1.00 53.98 ? 22 A   A "C3'"  1 
ATOM   454  O  "O3'"  . A   A 1 22 ? -15.651 -14.428 -24.747 1.00 54.70 ? 22 A   A "O3'"  1 
ATOM   455  C  "C2'"  . A   A 1 22 ? -13.879 -13.937 -23.158 1.00 52.23 ? 22 A   A "C2'"  1 
ATOM   456  O  "O2'"  . A   A 1 22 ? -13.075 -13.681 -24.288 1.00 53.34 ? 22 A   A "O2'"  1 
ATOM   457  C  "C1'"  . A   A 1 22 ? -13.726 -12.811 -22.137 1.00 52.64 ? 22 A   A "C1'"  1 
ATOM   458  N  N9     . A   A 1 22 ? -13.904 -13.287 -20.764 1.00 51.25 ? 22 A   A N9     1 
ATOM   459  C  C8     . A   A 1 22 ? -15.036 -13.231 -19.991 1.00 50.71 ? 22 A   A C8     1 
ATOM   460  N  N7     . A   A 1 22 ? -14.895 -13.766 -18.805 1.00 50.10 ? 22 A   A N7     1 
ATOM   461  C  C5     . A   A 1 22 ? -13.576 -14.201 -18.792 1.00 48.74 ? 22 A   A C5     1 
ATOM   462  C  C6     . A   A 1 22 ? -12.807 -14.852 -17.815 1.00 47.83 ? 22 A   A C6     1 
ATOM   463  N  N6     . A   A 1 22 ? -13.274 -15.197 -16.616 1.00 46.85 ? 22 A   A N6     1 
ATOM   464  N  N1     . A   A 1 22 ? -11.524 -15.142 -18.118 1.00 44.70 ? 22 A   A N1     1 
ATOM   465  C  C2     . A   A 1 22 ? -11.058 -14.795 -19.318 1.00 47.27 ? 22 A   A C2     1 
ATOM   466  N  N3     . A   A 1 22 ? -11.682 -14.177 -20.320 1.00 47.41 ? 22 A   A N3     1 
ATOM   467  C  C4     . A   A 1 22 ? -12.953 -13.906 -19.988 1.00 48.64 ? 22 A   A C4     1 
ATOM   468  P  P      . G   A 1 23 ? -16.185 -15.937 -24.779 1.00 54.41 ? 23 G   A P      1 
ATOM   469  O  OP1    . G   A 1 23 ? -16.533 -16.283 -26.183 1.00 57.23 ? 23 G   A OP1    1 
ATOM   470  O  OP2    . G   A 1 23 ? -17.207 -16.074 -23.714 1.00 54.54 ? 23 G   A OP2    1 
ATOM   471  O  "O5'"  . G   A 1 23 ? -14.917 -16.811 -24.364 1.00 52.79 ? 23 G   A "O5'"  1 
ATOM   472  C  "C5'"  . G   A 1 23 ? -13.758 -16.846 -25.187 1.00 50.18 ? 23 G   A "C5'"  1 
ATOM   473  C  "C4'"  . G   A 1 23 ? -12.645 -17.585 -24.490 1.00 49.18 ? 23 G   A "C4'"  1 
ATOM   474  O  "O4'"  . G   A 1 23 ? -12.300 -16.888 -23.259 1.00 48.57 ? 23 G   A "O4'"  1 
ATOM   475  C  "C3'"  . G   A 1 23 ? -12.985 -18.992 -24.022 1.00 46.80 ? 23 G   A "C3'"  1 
ATOM   476  O  "O3'"  . G   A 1 23 ? -12.913 -19.991 -25.045 1.00 45.63 ? 23 G   A "O3'"  1 
ATOM   477  C  "C2'"  . G   A 1 23 ? -11.940 -19.223 -22.939 1.00 46.46 ? 23 G   A "C2'"  1 
ATOM   478  O  "O2'"  . G   A 1 23 ? -10.692 -19.578 -23.491 1.00 45.69 ? 23 G   A "O2'"  1 
ATOM   479  C  "C1'"  . G   A 1 23 ? -11.860 -17.836 -22.294 1.00 47.05 ? 23 G   A "C1'"  1 
ATOM   480  N  N9     . G   A 1 23 ? -12.722 -17.733 -21.122 1.00 45.71 ? 23 G   A N9     1 
ATOM   481  C  C8     . G   A 1 23 ? -14.016 -17.272 -21.076 1.00 46.57 ? 23 G   A C8     1 
ATOM   482  N  N7     . G   A 1 23 ? -14.539 -17.336 -19.880 1.00 47.16 ? 23 G   A N7     1 
ATOM   483  C  C5     . G   A 1 23 ? -13.523 -17.860 -19.090 1.00 45.22 ? 23 G   A C5     1 
ATOM   484  C  C6     . G   A 1 23 ? -13.501 -18.159 -17.706 1.00 44.76 ? 23 G   A C6     1 
ATOM   485  O  O6     . G   A 1 23 ? -14.411 -18.015 -16.872 1.00 44.71 ? 23 G   A O6     1 
ATOM   486  N  N1     . G   A 1 23 ? -12.267 -18.680 -17.315 1.00 43.20 ? 23 G   A N1     1 
ATOM   487  C  C2     . G   A 1 23 ? -11.194 -18.883 -18.151 1.00 45.28 ? 23 G   A C2     1 
ATOM   488  N  N2     . G   A 1 23 ? -10.085 -19.404 -17.592 1.00 42.69 ? 23 G   A N2     1 
ATOM   489  N  N3     . G   A 1 23 ? -11.204 -18.602 -19.445 1.00 45.33 ? 23 G   A N3     1 
ATOM   490  C  C4     . G   A 1 23 ? -12.393 -18.102 -19.842 1.00 45.54 ? 23 G   A C4     1 
ATOM   491  O  "O5'"  . C   B 1 1  ? -9.326  -19.582 -9.395  1.00 46.99 ? 1  C   B "O5'"  1 
ATOM   492  C  "C5'"  . C   B 1 1  ? -8.383  -20.647 -9.289  1.00 45.99 ? 1  C   B "C5'"  1 
ATOM   493  C  "C4'"  . C   B 1 1  ? -7.965  -21.107 -10.661 1.00 46.35 ? 1  C   B "C4'"  1 
ATOM   494  O  "O4'"  . C   B 1 1  ? -9.126  -21.639 -11.362 1.00 46.66 ? 1  C   B "O4'"  1 
ATOM   495  C  "C3'"  . C   B 1 1  ? -7.444  -20.003 -11.570 1.00 46.33 ? 1  C   B "C3'"  1 
ATOM   496  O  "O3'"  . C   B 1 1  ? -6.060  -19.745 -11.336 1.00 45.44 ? 1  C   B "O3'"  1 
ATOM   497  C  "C2'"  . C   B 1 1  ? -7.713  -20.582 -12.955 1.00 45.68 ? 1  C   B "C2'"  1 
ATOM   498  O  "O2'"  . C   B 1 1  ? -6.756  -21.534 -13.369 1.00 49.09 ? 1  C   B "O2'"  1 
ATOM   499  C  "C1'"  . C   B 1 1  ? -9.060  -21.273 -12.734 1.00 44.57 ? 1  C   B "C1'"  1 
ATOM   500  N  N1     . C   B 1 1  ? -10.202 -20.398 -13.044 1.00 42.24 ? 1  C   B N1     1 
ATOM   501  C  C2     . C   B 1 1  ? -10.548 -20.215 -14.377 1.00 38.98 ? 1  C   B C2     1 
ATOM   502  O  O2     . C   B 1 1  ? -9.873  -20.778 -15.248 1.00 39.21 ? 1  C   B O2     1 
ATOM   503  N  N3     . C   B 1 1  ? -11.601 -19.435 -14.686 1.00 40.34 ? 1  C   B N3     1 
ATOM   504  C  C4     . C   B 1 1  ? -12.302 -18.845 -13.718 1.00 41.01 ? 1  C   B C4     1 
ATOM   505  N  N4     . C   B 1 1  ? -13.359 -18.113 -14.069 1.00 40.34 ? 1  C   B N4     1 
ATOM   506  C  C5     . C   B 1 1  ? -11.960 -18.994 -12.346 1.00 42.07 ? 1  C   B C5     1 
ATOM   507  C  C6     . C   B 1 1  ? -10.911 -19.776 -12.055 1.00 42.83 ? 1  C   B C6     1 
ATOM   508  P  P      . U   B 1 2  ? -5.474  -18.261 -11.549 1.00 44.01 ? 2  U   B P      1 
ATOM   509  O  OP1    . U   B 1 2  ? -4.043  -18.306 -11.128 1.00 46.59 ? 2  U   B OP1    1 
ATOM   510  O  OP2    . U   B 1 2  ? -6.392  -17.266 -10.946 1.00 41.11 ? 2  U   B OP2    1 
ATOM   511  O  "O5'"  . U   B 1 2  ? -5.462  -18.082 -13.120 1.00 43.76 ? 2  U   B "O5'"  1 
ATOM   512  C  "C5'"  . U   B 1 2  ? -4.539  -18.804 -13.908 1.00 44.53 ? 2  U   B "C5'"  1 
ATOM   513  C  "C4'"  . U   B 1 2  ? -4.641  -18.344 -15.327 1.00 44.31 ? 2  U   B "C4'"  1 
ATOM   514  O  "O4'"  . U   B 1 2  ? -5.926  -18.762 -15.869 1.00 44.26 ? 2  U   B "O4'"  1 
ATOM   515  C  "C3'"  . U   B 1 2  ? -4.672  -16.835 -15.461 1.00 44.64 ? 2  U   B "C3'"  1 
ATOM   516  O  "O3'"  . U   B 1 2  ? -3.357  -16.302 -15.450 1.00 44.29 ? 2  U   B "O3'"  1 
ATOM   517  C  "C2'"  . U   B 1 2  ? -5.342  -16.674 -16.812 1.00 43.39 ? 2  U   B "C2'"  1 
ATOM   518  O  "O2'"  . U   B 1 2  ? -4.442  -17.047 -17.833 1.00 44.55 ? 2  U   B "O2'"  1 
ATOM   519  C  "C1'"  . U   B 1 2  ? -6.430  -17.743 -16.714 1.00 43.03 ? 2  U   B "C1'"  1 
ATOM   520  N  N1     . U   B 1 2  ? -7.701  -17.259 -16.158 1.00 40.69 ? 2  U   B N1     1 
ATOM   521  C  C2     . U   B 1 2  ? -8.562  -16.596 -17.020 1.00 40.05 ? 2  U   B C2     1 
ATOM   522  O  O2     . U   B 1 2  ? -8.270  -16.348 -18.174 1.00 41.21 ? 2  U   B O2     1 
ATOM   523  N  N3     . U   B 1 2  ? -9.762  -16.232 -16.474 1.00 36.94 ? 2  U   B N3     1 
ATOM   524  C  C4     . U   B 1 2  ? -10.179 -16.438 -15.184 1.00 38.73 ? 2  U   B C4     1 
ATOM   525  O  O4     . U   B 1 2  ? -11.280 -16.034 -14.830 1.00 37.45 ? 2  U   B O4     1 
ATOM   526  C  C5     . U   B 1 2  ? -9.217  -17.097 -14.344 1.00 40.14 ? 2  U   B C5     1 
ATOM   527  C  C6     . U   B 1 2  ? -8.041  -17.470 -14.851 1.00 40.45 ? 2  U   B C6     1 
HETATM 528  P  P      . UMS B 1 3  ? -3.121  -14.787 -14.987 1.00 46.61 ? 3  UMS B P      1 
HETATM 529  O  OP1    . UMS B 1 3  ? -1.660  -14.576 -14.969 1.00 47.56 ? 3  UMS B OP1    1 
HETATM 530  O  OP2    . UMS B 1 3  ? -3.928  -14.512 -13.782 1.00 45.36 ? 3  UMS B OP2    1 
HETATM 531  O  "O5'"  . UMS B 1 3  ? -3.779  -13.869 -16.110 1.00 44.17 ? 3  UMS B "O5'"  1 
HETATM 532  C  "C5'"  . UMS B 1 3  ? -3.287  -13.847 -17.437 1.00 45.71 ? 3  UMS B "C5'"  1 
HETATM 533  C  "C4'"  . UMS B 1 3  ? -4.210  -13.032 -18.304 1.00 46.98 ? 3  UMS B "C4'"  1 
HETATM 534  O  "O4'"  . UMS B 1 3  ? -5.462  -13.730 -18.572 1.00 47.96 ? 3  UMS B "O4'"  1 
HETATM 535  C  "C3'"  . UMS B 1 3  ? -4.587  -11.595 -18.046 1.00 47.70 ? 3  UMS B "C3'"  1 
HETATM 536  O  "O3'"  . UMS B 1 3  ? -3.562  -10.619 -18.221 1.00 43.29 ? 3  UMS B "O3'"  1 
HETATM 537  C  "C2'"  . UMS B 1 3  ? -5.842  -11.409 -18.847 1.00 51.22 ? 3  UMS B "C2'"  1 
HETATM 538  SE "SE2'" . UMS B 1 3  ? -5.208  -11.165 -20.780 1.00 31.11 ? 3  UMS B "SE2'" 1 
HETATM 539  C  "C1'"  . UMS B 1 3  ? -6.514  -12.777 -18.732 1.00 48.12 ? 3  UMS B "C1'"  1 
HETATM 540  C  "CA'"  . UMS B 1 3  ? -4.320  -9.570  -20.802 1.00 63.57 ? 3  UMS B "CA'"  1 
HETATM 541  N  N1     . UMS B 1 3  ? -7.428  -12.894 -17.589 1.00 46.93 ? 3  UMS B N1     1 
HETATM 542  C  C2     . UMS B 1 3  ? -8.729  -12.488 -17.803 1.00 46.51 ? 3  UMS B C2     1 
HETATM 543  O  O2     . UMS B 1 3  ? -9.083  -11.972 -18.854 1.00 46.70 ? 3  UMS B O2     1 
HETATM 544  N  N3     . UMS B 1 3  ? -9.589  -12.721 -16.756 1.00 45.07 ? 3  UMS B N3     1 
HETATM 545  C  C4     . UMS B 1 3  ? -9.251  -13.167 -15.483 1.00 45.29 ? 3  UMS B C4     1 
HETATM 546  O  O4     . UMS B 1 3  ? -10.094 -13.165 -14.607 1.00 42.18 ? 3  UMS B O4     1 
HETATM 547  C  C5     . UMS B 1 3  ? -7.883  -13.586 -15.339 1.00 44.04 ? 3  UMS B C5     1 
HETATM 548  C  C6     . UMS B 1 3  ? -7.029  -13.398 -16.361 1.00 45.32 ? 3  UMS B C6     1 
ATOM   549  P  P      . G   B 1 4  ? -3.409  -9.308  -17.314 1.00 45.89 ? 4  G   B P      1 
ATOM   550  O  OP1    . G   B 1 4  ? -2.126  -8.644  -17.627 1.00 45.55 ? 4  G   B OP1    1 
ATOM   551  O  OP2    . G   B 1 4  ? -3.693  -9.748  -15.922 1.00 44.02 ? 4  G   B OP2    1 
ATOM   552  O  "O5'"  . G   B 1 4  ? -4.640  -8.396  -17.764 1.00 44.49 ? 4  G   B "O5'"  1 
ATOM   553  C  "C5'"  . G   B 1 4  ? -4.744  -7.948  -19.107 1.00 42.77 ? 4  G   B "C5'"  1 
ATOM   554  C  "C4'"  . G   B 1 4  ? -6.102  -7.355  -19.360 1.00 42.93 ? 4  G   B "C4'"  1 
ATOM   555  O  "O4'"  . G   B 1 4  ? -7.109  -8.392  -19.278 1.00 43.17 ? 4  G   B "O4'"  1 
ATOM   556  C  "C3'"  . G   B 1 4  ? -6.578  -6.329  -18.351 1.00 44.16 ? 4  G   B "C3'"  1 
ATOM   557  O  "O3'"  . G   B 1 4  ? -6.003  -5.061  -18.620 1.00 45.64 ? 4  G   B "O3'"  1 
ATOM   558  C  "C2'"  . G   B 1 4  ? -8.072  -6.337  -18.614 1.00 44.42 ? 4  G   B "C2'"  1 
ATOM   559  O  "O2'"  . G   B 1 4  ? -8.384  -5.647  -19.813 1.00 42.98 ? 4  G   B "O2'"  1 
ATOM   560  C  "C1'"  . G   B 1 4  ? -8.319  -7.830  -18.806 1.00 43.21 ? 4  G   B "C1'"  1 
ATOM   561  N  N9     . G   B 1 4  ? -8.706  -8.507  -17.571 1.00 44.40 ? 4  G   B N9     1 
ATOM   562  C  C8     . G   B 1 4  ? -7.926  -9.307  -16.768 1.00 43.45 ? 4  G   B C8     1 
ATOM   563  N  N7     . G   B 1 4  ? -8.567  -9.762  -15.724 1.00 42.83 ? 4  G   B N7     1 
ATOM   564  C  C5     . G   B 1 4  ? -9.846  -9.233  -15.852 1.00 43.89 ? 4  G   B C5     1 
ATOM   565  C  C6     . G   B 1 4  ? -10.994 -9.375  -15.021 1.00 43.06 ? 4  G   B C6     1 
ATOM   566  O  O6     . G   B 1 4  ? -11.119 -10.028 -13.985 1.00 43.41 ? 4  G   B O6     1 
ATOM   567  N  N1     . G   B 1 4  ? -12.076 -8.656  -15.517 1.00 42.62 ? 4  G   B N1     1 
ATOM   568  C  C2     . G   B 1 4  ? -12.069 -7.913  -16.666 1.00 43.13 ? 4  G   B C2     1 
ATOM   569  N  N2     . G   B 1 4  ? -13.216 -7.304  -16.979 1.00 44.17 ? 4  G   B N2     1 
ATOM   570  N  N3     . G   B 1 4  ? -11.014 -7.778  -17.452 1.00 44.36 ? 4  G   B N3     1 
ATOM   571  C  C4     . G   B 1 4  ? -9.945  -8.457  -16.985 1.00 43.59 ? 4  G   B C4     1 
ATOM   572  P  P      . C   B 1 5  ? -5.788  -4.014  -17.427 1.00 46.64 ? 5  C   B P      1 
ATOM   573  O  OP1    . C   B 1 5  ? -4.955  -2.913  -17.960 1.00 46.73 ? 5  C   B OP1    1 
ATOM   574  O  OP2    . C   B 1 5  ? -5.348  -4.753  -16.223 1.00 44.67 ? 5  C   B OP2    1 
ATOM   575  O  "O5'"  . C   B 1 5  ? -7.247  -3.453  -17.143 1.00 45.04 ? 5  C   B "O5'"  1 
ATOM   576  C  "C5'"  . C   B 1 5  ? -7.902  -2.632  -18.100 1.00 45.61 ? 5  C   B "C5'"  1 
ATOM   577  C  "C4'"  . C   B 1 5  ? -9.328  -2.408  -17.690 1.00 46.22 ? 5  C   B "C4'"  1 
ATOM   578  O  "O4'"  . C   B 1 5  ? -9.978  -3.698  -17.572 1.00 45.27 ? 5  C   B "O4'"  1 
ATOM   579  C  "C3'"  . C   B 1 5  ? -9.527  -1.815  -16.309 1.00 48.16 ? 5  C   B "C3'"  1 
ATOM   580  O  "O3'"  . C   B 1 5  ? -9.353  -0.410  -16.285 1.00 50.94 ? 5  C   B "O3'"  1 
ATOM   581  C  "C2'"  . C   B 1 5  ? -10.957 -2.218  -16.013 1.00 46.92 ? 5  C   B "C2'"  1 
ATOM   582  O  "O2'"  . C   B 1 5  ? -11.882 -1.440  -16.743 1.00 49.26 ? 5  C   B "O2'"  1 
ATOM   583  C  "C1'"  . C   B 1 5  ? -10.963 -3.644  -16.554 1.00 45.80 ? 5  C   B "C1'"  1 
ATOM   584  N  N1     . C   B 1 5  ? -10.637 -4.641  -15.517 1.00 44.64 ? 5  C   B N1     1 
ATOM   585  C  C2     . C   B 1 5  ? -11.636 -5.002  -14.620 1.00 44.31 ? 5  C   B C2     1 
ATOM   586  O  O2     . C   B 1 5  ? -12.753 -4.465  -14.720 1.00 45.47 ? 5  C   B O2     1 
ATOM   587  N  N3     . C   B 1 5  ? -11.372 -5.918  -13.662 1.00 42.44 ? 5  C   B N3     1 
ATOM   588  C  C4     . C   B 1 5  ? -10.166 -6.467  -13.581 1.00 41.99 ? 5  C   B C4     1 
ATOM   589  N  N4     . C   B 1 5  ? -9.968  -7.367  -12.620 1.00 42.53 ? 5  C   B N4     1 
ATOM   590  C  C5     . C   B 1 5  ? -9.115  -6.116  -14.479 1.00 43.35 ? 5  C   B C5     1 
ATOM   591  C  C6     . C   B 1 5  ? -9.392  -5.203  -15.428 1.00 43.37 ? 5  C   B C6     1 
ATOM   592  P  P      . U   B 1 6  ? -8.642  0.262   -15.009 1.00 51.77 ? 6  U   B P      1 
ATOM   593  O  OP1    . U   B 1 6  ? -8.277  1.654   -15.372 1.00 53.10 ? 6  U   B OP1    1 
ATOM   594  O  OP2    . U   B 1 6  ? -7.589  -0.675  -14.543 1.00 50.84 ? 6  U   B OP2    1 
ATOM   595  O  "O5'"  . U   B 1 6  ? -9.786  0.256   -13.903 1.00 50.52 ? 6  U   B "O5'"  1 
ATOM   596  C  "C5'"  . U   B 1 6  ? -11.045 0.857   -14.162 1.00 50.10 ? 6  U   B "C5'"  1 
ATOM   597  C  "C4'"  . U   B 1 6  ? -12.066 0.414   -13.141 1.00 50.01 ? 6  U   B "C4'"  1 
ATOM   598  O  "O4'"  . U   B 1 6  ? -12.312 -1.014  -13.259 1.00 48.81 ? 6  U   B "O4'"  1 
ATOM   599  C  "C3'"  . U   B 1 6  ? -11.703 0.573   -11.676 1.00 50.55 ? 6  U   B "C3'"  1 
ATOM   600  O  "O3'"  . U   B 1 6  ? -11.833 1.921   -11.246 1.00 51.47 ? 6  U   B "O3'"  1 
ATOM   601  C  "C2'"  . U   B 1 6  ? -12.731 -0.344  -11.033 1.00 50.10 ? 6  U   B "C2'"  1 
ATOM   602  O  "O2'"  . U   B 1 6  ? -14.030 0.215   -11.059 1.00 51.89 ? 6  U   B "O2'"  1 
ATOM   603  C  "C1'"  . U   B 1 6  ? -12.704 -1.532  -11.994 1.00 48.68 ? 6  U   B "C1'"  1 
ATOM   604  N  N1     . U   B 1 6  ? -11.724 -2.549  -11.587 1.00 46.77 ? 6  U   B N1     1 
ATOM   605  C  C2     . U   B 1 6  ? -12.116 -3.489  -10.647 1.00 46.31 ? 6  U   B C2     1 
ATOM   606  O  O2     . U   B 1 6  ? -13.228 -3.511  -10.150 1.00 46.17 ? 6  U   B O2     1 
ATOM   607  N  N3     . U   B 1 6  ? -11.151 -4.402  -10.307 1.00 45.65 ? 6  U   B N3     1 
ATOM   608  C  C4     . U   B 1 6  ? -9.871  -4.472  -10.788 1.00 45.34 ? 6  U   B C4     1 
ATOM   609  O  O4     . U   B 1 6  ? -9.106  -5.332  -10.344 1.00 47.17 ? 6  U   B O4     1 
ATOM   610  C  C5     . U   B 1 6  ? -9.540  -3.471  -11.759 1.00 46.83 ? 6  U   B C5     1 
ATOM   611  C  C6     . U   B 1 6  ? -10.457 -2.566  -12.115 1.00 46.09 ? 6  U   B C6     1 
ATOM   612  P  P      . G   B 1 7  ? -11.057 2.417   -9.919  1.00 54.62 ? 7  G   B P      1 
ATOM   613  O  OP1    . G   B 1 7  ? -11.303 3.870   -9.786  1.00 54.95 ? 7  G   B OP1    1 
ATOM   614  O  OP2    . G   B 1 7  ? -9.664  1.918   -9.985  1.00 53.41 ? 7  G   B OP2    1 
ATOM   615  O  "O5'"  . G   B 1 7  ? -11.824 1.665   -8.744  1.00 51.19 ? 7  G   B "O5'"  1 
ATOM   616  C  "C5'"  . G   B 1 7  ? -13.170 2.000   -8.434  1.00 50.53 ? 7  G   B "C5'"  1 
ATOM   617  C  "C4'"  . G   B 1 7  ? -13.688 1.135   -7.318  1.00 48.90 ? 7  G   B "C4'"  1 
ATOM   618  O  "O4'"  . G   B 1 7  ? -13.650 -0.254  -7.728  1.00 47.43 ? 7  G   B "O4'"  1 
ATOM   619  C  "C3'"  . G   B 1 7  ? -12.883 1.154   -6.029  1.00 49.83 ? 7  G   B "C3'"  1 
ATOM   620  O  "O3'"  . G   B 1 7  ? -13.240 2.263   -5.214  1.00 50.51 ? 7  G   B "O3'"  1 
ATOM   621  C  "C2'"  . G   B 1 7  ? -13.319 -0.147  -5.381  1.00 47.96 ? 7  G   B "C2'"  1 
ATOM   622  O  "O2'"  . G   B 1 7  ? -14.589 -0.027  -4.779  1.00 49.76 ? 7  G   B "O2'"  1 
ATOM   623  C  "C1'"  . G   B 1 7  ? -13.400 -1.073  -6.595  1.00 47.09 ? 7  G   B "C1'"  1 
ATOM   624  N  N9     . G   B 1 7  ? -12.157 -1.800  -6.827  1.00 43.81 ? 7  G   B N9     1 
ATOM   625  C  C8     . G   B 1 7  ? -11.155 -1.461  -7.702  1.00 42.84 ? 7  G   B C8     1 
ATOM   626  N  N7     . G   B 1 7  ? -10.162 -2.312  -7.698  1.00 43.09 ? 7  G   B N7     1 
ATOM   627  C  C5     . G   B 1 7  ? -10.531 -3.266  -6.760  1.00 42.15 ? 7  G   B C5     1 
ATOM   628  C  C6     . G   B 1 7  ? -9.855  -4.436  -6.327  1.00 42.30 ? 7  G   B C6     1 
ATOM   629  O  O6     . G   B 1 7  ? -8.766  -4.878  -6.705  1.00 44.09 ? 7  G   B O6     1 
ATOM   630  N  N1     . G   B 1 7  ? -10.581 -5.120  -5.366  1.00 42.37 ? 7  G   B N1     1 
ATOM   631  C  C2     . G   B 1 7  ? -11.806 -4.739  -4.883  1.00 41.81 ? 7  G   B C2     1 
ATOM   632  N  N2     . G   B 1 7  ? -12.353 -5.549  -3.960  1.00 41.52 ? 7  G   B N2     1 
ATOM   633  N  N3     . G   B 1 7  ? -12.450 -3.651  -5.277  1.00 41.50 ? 7  G   B N3     1 
ATOM   634  C  C4     . G   B 1 7  ? -11.756 -2.966  -6.211  1.00 41.88 ? 7  G   B C4     1 
ATOM   635  P  P      . A   B 1 8  ? -12.195 3.460   -5.009  1.00 52.67 ? 8  A   B P      1 
ATOM   636  O  OP1    . A   B 1 8  ? -12.470 4.524   -6.012  1.00 53.02 ? 8  A   B OP1    1 
ATOM   637  O  OP2    . A   B 1 8  ? -10.847 2.828   -4.970  1.00 52.07 ? 8  A   B OP2    1 
ATOM   638  O  "O5'"  . A   B 1 8  ? -12.530 4.036   -3.558  1.00 51.43 ? 8  A   B "O5'"  1 
ATOM   639  C  "C5'"  . A   B 1 8  ? -12.077 3.362   -2.381  1.00 48.33 ? 8  A   B "C5'"  1 
ATOM   640  C  "C4'"  . A   B 1 8  ? -11.011 4.182   -1.687  1.00 46.84 ? 8  A   B "C4'"  1 
ATOM   641  O  "O4'"  . A   B 1 8  ? -11.575 5.442   -1.237  1.00 47.37 ? 8  A   B "O4'"  1 
ATOM   642  C  "C3'"  . A   B 1 8  ? -10.413 3.549   -0.437  1.00 46.71 ? 8  A   B "C3'"  1 
ATOM   643  O  "O3'"  . A   B 1 8  ? -9.315  2.717   -0.828  1.00 43.93 ? 8  A   B "O3'"  1 
ATOM   644  C  "C2'"  . A   B 1 8  ? -9.925  4.761   0.357   1.00 45.84 ? 8  A   B "C2'"  1 
ATOM   645  O  "O2'"  . A   B 1 8  ? -8.646  5.191   -0.066  1.00 44.84 ? 8  A   B "O2'"  1 
ATOM   646  C  "C1'"  . A   B 1 8  ? -10.957 5.834   -0.024  1.00 46.09 ? 8  A   B "C1'"  1 
ATOM   647  N  N9     . A   B 1 8  ? -12.014 6.104   0.947   1.00 45.71 ? 8  A   B N9     1 
ATOM   648  C  C8     . A   B 1 8  ? -13.370 5.995   0.724   1.00 44.52 ? 8  A   B C8     1 
ATOM   649  N  N7     . A   B 1 8  ? -14.106 6.378   1.739   1.00 45.34 ? 8  A   B N7     1 
ATOM   650  C  C5     . A   B 1 8  ? -13.174 6.746   2.709   1.00 44.51 ? 8  A   B C5     1 
ATOM   651  C  C6     . A   B 1 8  ? -13.321 7.260   4.018   1.00 44.22 ? 8  A   B C6     1 
ATOM   652  N  N6     . A   B 1 8  ? -14.500 7.487   4.594   1.00 41.93 ? 8  A   B N6     1 
ATOM   653  N  N1     . A   B 1 8  ? -12.193 7.535   4.719   1.00 44.30 ? 8  A   B N1     1 
ATOM   654  C  C2     . A   B 1 8  ? -11.004 7.302   4.134   1.00 43.60 ? 8  A   B C2     1 
ATOM   655  N  N3     . A   B 1 8  ? -10.740 6.821   2.914   1.00 43.82 ? 8  A   B N3     1 
ATOM   656  C  C4     . A   B 1 8  ? -11.882 6.564   2.243   1.00 44.69 ? 8  A   B C4     1 
ATOM   657  P  P      . A   B 1 9  ? -9.151  1.249   -0.194  1.00 43.90 ? 9  A   B P      1 
ATOM   658  O  OP1    . A   B 1 9  ? -7.979  0.647   -0.882  1.00 42.95 ? 9  A   B OP1    1 
ATOM   659  O  OP2    . A   B 1 9  ? -10.464 0.554   -0.248  1.00 46.74 ? 9  A   B OP2    1 
ATOM   660  O  "O5'"  . A   B 1 9  ? -8.789  1.534   1.336   1.00 42.98 ? 9  A   B "O5'"  1 
ATOM   661  C  "C5'"  . A   B 1 9  ? -7.496  2.035   1.702   1.00 44.24 ? 9  A   B "C5'"  1 
ATOM   662  C  "C4'"  . A   B 1 9  ? -7.441  2.342   3.184   1.00 42.83 ? 9  A   B "C4'"  1 
ATOM   663  O  "O4'"  . A   B 1 9  ? -8.286  3.478   3.478   1.00 42.54 ? 9  A   B "O4'"  1 
ATOM   664  C  "C3'"  . A   B 1 9  ? -7.923  1.238   4.108   1.00 43.12 ? 9  A   B "C3'"  1 
ATOM   665  O  "O3'"  . A   B 1 9  ? -6.853  0.345   4.417   1.00 43.20 ? 9  A   B "O3'"  1 
ATOM   666  C  "C2'"  . A   B 1 9  ? -8.326  2.018   5.356   1.00 44.47 ? 9  A   B "C2'"  1 
ATOM   667  O  "O2'"  . A   B 1 9  ? -7.216  2.309   6.195   1.00 44.99 ? 9  A   B "O2'"  1 
ATOM   668  C  "C1'"  . A   B 1 9  ? -8.874  3.317   4.751   1.00 42.86 ? 9  A   B "C1'"  1 
ATOM   669  N  N9     . A   B 1 9  ? -10.327 3.363   4.582   1.00 43.38 ? 9  A   B N9     1 
ATOM   670  C  C8     . A   B 1 9  ? -11.075 2.800   3.571   1.00 43.68 ? 9  A   B C8     1 
ATOM   671  N  N7     . A   B 1 9  ? -12.362 3.031   3.673   1.00 41.27 ? 9  A   B N7     1 
ATOM   672  C  C5     . A   B 1 9  ? -12.473 3.792   4.829   1.00 41.13 ? 9  A   B C5     1 
ATOM   673  C  C6     . A   B 1 9  ? -13.578 4.364   5.479   1.00 39.06 ? 9  A   B C6     1 
ATOM   674  N  N6     . A   B 1 9  ? -14.836 4.241   5.039   1.00 40.53 ? 9  A   B N6     1 
ATOM   675  N  N1     . A   B 1 9  ? -13.348 5.075   6.604   1.00 39.13 ? 9  A   B N1     1 
ATOM   676  C  C2     . A   B 1 9  ? -12.088 5.198   7.043   1.00 38.30 ? 9  A   B C2     1 
ATOM   677  N  N3     . A   B 1 9  ? -10.963 4.704   6.522   1.00 39.07 ? 9  A   B N3     1 
ATOM   678  C  C4     . A   B 1 9  ? -11.226 4.003   5.402   1.00 41.42 ? 9  A   B C4     1 
ATOM   679  P  P      . G   B 1 10 ? -6.648  -0.992  3.554   1.00 41.82 ? 10 G   B P      1 
ATOM   680  O  OP1    . G   B 1 10 ? -5.715  -0.709  2.440   1.00 40.30 ? 10 G   B OP1    1 
ATOM   681  O  OP2    . G   B 1 10 ? -7.969  -1.584  3.274   1.00 40.09 ? 10 G   B OP2    1 
ATOM   682  O  "O5'"  . G   B 1 10 ? -5.910  -1.992  4.556   1.00 43.63 ? 10 G   B "O5'"  1 
ATOM   683  C  "C5'"  . G   B 1 10 ? -6.608  -2.618  5.621   1.00 43.51 ? 10 G   B "C5'"  1 
ATOM   684  C  "C4'"  . G   B 1 10 ? -6.289  -4.082  5.621   1.00 44.60 ? 10 G   B "C4'"  1 
ATOM   685  O  "O4'"  . G   B 1 10 ? -7.012  -4.730  4.543   1.00 44.83 ? 10 G   B "O4'"  1 
ATOM   686  C  "C3'"  . G   B 1 10 ? -4.825  -4.373  5.332   1.00 43.59 ? 10 G   B "C3'"  1 
ATOM   687  O  "O3'"  . G   B 1 10 ? -4.045  -4.237  6.519   1.00 46.12 ? 10 G   B "O3'"  1 
ATOM   688  C  "C2'"  . G   B 1 10 ? -4.893  -5.778  4.748   1.00 44.38 ? 10 G   B "C2'"  1 
ATOM   689  O  "O2'"  . G   B 1 10 ? -5.048  -6.810  5.708   1.00 43.96 ? 10 G   B "O2'"  1 
ATOM   690  C  "C1'"  . G   B 1 10 ? -6.172  -5.677  3.909   1.00 43.72 ? 10 G   B "C1'"  1 
ATOM   691  N  N9     . G   B 1 10 ? -5.918  -5.213  2.550   1.00 42.28 ? 10 G   B N9     1 
ATOM   692  C  C8     . G   B 1 10 ? -6.420  -4.077  1.947   1.00 42.47 ? 10 G   B C8     1 
ATOM   693  N  N7     . G   B 1 10 ? -5.980  -3.910  0.730   1.00 40.56 ? 10 G   B N7     1 
ATOM   694  C  C5     . G   B 1 10 ? -5.142  -4.999  0.518   1.00 40.55 ? 10 G   B C5     1 
ATOM   695  C  C6     . G   B 1 10 ? -4.366  -5.355  -0.604  1.00 38.00 ? 10 G   B C6     1 
ATOM   696  O  O6     . G   B 1 10 ? -4.224  -4.747  -1.659  1.00 40.98 ? 10 G   B O6     1 
ATOM   697  N  N1     . G   B 1 10 ? -3.694  -6.556  -0.406  1.00 40.32 ? 10 G   B N1     1 
ATOM   698  C  C2     . G   B 1 10 ? -3.753  -7.317  0.733   1.00 40.94 ? 10 G   B C2     1 
ATOM   699  N  N2     . G   B 1 10 ? -3.055  -8.463  0.721   1.00 41.79 ? 10 G   B N2     1 
ATOM   700  N  N3     . G   B 1 10 ? -4.449  -6.983  1.800   1.00 40.94 ? 10 G   B N3     1 
ATOM   701  C  C4     . G   B 1 10 ? -5.116  -5.821  1.627   1.00 40.43 ? 10 G   B C4     1 
ATOM   702  P  P      . U   B 1 11 ? -2.521  -3.744  6.426   1.00 46.38 ? 11 U   B P      1 
ATOM   703  O  OP1    . U   B 1 11 ? -2.065  -3.596  7.838   1.00 46.90 ? 11 U   B OP1    1 
ATOM   704  O  OP2    . U   B 1 11 ? -2.396  -2.586  5.502   1.00 44.63 ? 11 U   B OP2    1 
ATOM   705  O  "O5'"  . U   B 1 11 ? -1.771  -4.981  5.773   1.00 44.14 ? 11 U   B "O5'"  1 
ATOM   706  C  "C5'"  . U   B 1 11 ? -1.799  -6.256  6.413   1.00 44.63 ? 11 U   B "C5'"  1 
ATOM   707  C  "C4'"  . U   B 1 11 ? -0.993  -7.254  5.629   1.00 43.30 ? 11 U   B "C4'"  1 
ATOM   708  O  "O4'"  . U   B 1 11 ? -1.642  -7.517  4.357   1.00 44.30 ? 11 U   B "O4'"  1 
ATOM   709  C  "C3'"  . U   B 1 11 ? 0.400   -6.803  5.228   1.00 44.02 ? 11 U   B "C3'"  1 
ATOM   710  O  "O3'"  . U   B 1 11 ? 1.335   -6.982  6.275   1.00 45.07 ? 11 U   B "O3'"  1 
ATOM   711  C  "C2'"  . U   B 1 11 ? 0.697   -7.728  4.068   1.00 42.60 ? 11 U   B "C2'"  1 
ATOM   712  O  "O2'"  . U   B 1 11 ? 1.000   -9.046  4.506   1.00 42.31 ? 11 U   B "O2'"  1 
ATOM   713  C  "C1'"  . U   B 1 11 ? -0.653  -7.717  3.354   1.00 42.70 ? 11 U   B "C1'"  1 
ATOM   714  N  N1     . U   B 1 11 ? -0.765  -6.631  2.363   1.00 40.26 ? 11 U   B N1     1 
ATOM   715  C  C2     . U   B 1 11 ? -0.151  -6.818  1.138   1.00 37.78 ? 11 U   B C2     1 
ATOM   716  O  O2     . U   B 1 11 ? 0.544   -7.789  0.883   1.00 40.58 ? 11 U   B O2     1 
ATOM   717  N  N3     . U   B 1 11 ? -0.364  -5.816  0.223   1.00 37.67 ? 11 U   B N3     1 
ATOM   718  C  C4     . U   B 1 11 ? -1.080  -4.655  0.418   1.00 35.95 ? 11 U   B C4     1 
ATOM   719  O  O4     . U   B 1 11 ? -1.185  -3.856  -0.509  1.00 38.67 ? 11 U   B O4     1 
ATOM   720  C  C5     . U   B 1 11 ? -1.640  -4.507  1.722   1.00 37.81 ? 11 U   B C5     1 
ATOM   721  C  C6     . U   B 1 11 ? -1.472  -5.479  2.631   1.00 39.98 ? 11 U   B C6     1 
ATOM   722  P  P      . G   B 1 12 ? 2.606   -6.013  6.368   1.00 45.27 ? 12 G   B P      1 
ATOM   723  O  OP1    . G   B 1 12 ? 3.265   -6.309  7.673   1.00 46.69 ? 12 G   B OP1    1 
ATOM   724  O  OP2    . G   B 1 12 ? 2.186   -4.622  6.070   1.00 43.72 ? 12 G   B OP2    1 
ATOM   725  O  "O5'"  . G   B 1 12 ? 3.543   -6.480  5.180   1.00 44.67 ? 12 G   B "O5'"  1 
ATOM   726  C  "C5'"  . G   B 1 12 ? 4.206   -7.740  5.219   1.00 46.00 ? 12 G   B "C5'"  1 
ATOM   727  C  "C4'"  . G   B 1 12 ? 5.041   -7.929  3.980   1.00 45.35 ? 12 G   B "C4'"  1 
ATOM   728  O  "O4'"  . G   B 1 12 ? 4.170   -8.012  2.819   1.00 44.19 ? 12 G   B "O4'"  1 
ATOM   729  C  "C3'"  . G   B 1 12 ? 6.001   -6.798  3.636   1.00 45.22 ? 12 G   B "C3'"  1 
ATOM   730  O  "O3'"  . G   B 1 12 ? 7.224   -6.884  4.366   1.00 47.90 ? 12 G   B "O3'"  1 
ATOM   731  C  "C2'"  . G   B 1 12 ? 6.220   -7.012  2.144   1.00 43.56 ? 12 G   B "C2'"  1 
ATOM   732  O  "O2'"  . G   B 1 12 ? 7.153   -8.027  1.829   1.00 43.92 ? 12 G   B "O2'"  1 
ATOM   733  C  "C1'"  . G   B 1 12 ? 4.819   -7.434  1.696   1.00 42.21 ? 12 G   B "C1'"  1 
ATOM   734  N  N9     . G   B 1 12 ? 4.046   -6.276  1.264   1.00 40.00 ? 12 G   B N9     1 
ATOM   735  C  C8     . G   B 1 12 ? 3.083   -5.597  1.969   1.00 39.93 ? 12 G   B C8     1 
ATOM   736  N  N7     . G   B 1 12 ? 2.582   -4.588  1.306   1.00 37.94 ? 12 G   B N7     1 
ATOM   737  C  C5     . G   B 1 12 ? 3.253   -4.606  0.093   1.00 37.54 ? 12 G   B C5     1 
ATOM   738  C  C6     . G   B 1 12 ? 3.133   -3.756  -1.047  1.00 36.89 ? 12 G   B C6     1 
ATOM   739  O  O6     . G   B 1 12 ? 2.378   -2.780  -1.206  1.00 35.44 ? 12 G   B O6     1 
ATOM   740  N  N1     . G   B 1 12 ? 4.009   -4.139  -2.063  1.00 34.10 ? 12 G   B N1     1 
ATOM   741  C  C2     . G   B 1 12 ? 4.886   -5.199  -1.989  1.00 36.76 ? 12 G   B C2     1 
ATOM   742  N  N2     . G   B 1 12 ? 5.682   -5.412  -3.050  1.00 36.13 ? 12 G   B N2     1 
ATOM   743  N  N3     . G   B 1 12 ? 4.988   -5.997  -0.942  1.00 36.46 ? 12 G   B N3     1 
ATOM   744  C  C4     . G   B 1 12 ? 4.158   -5.643  0.052   1.00 37.88 ? 12 G   B C4     1 
ATOM   745  P  P      . C   B 1 13 ? 8.025   -5.538  4.740   1.00 47.00 ? 13 C   B P      1 
ATOM   746  O  OP1    . C   B 1 13 ? 9.078   -5.943  5.711   1.00 50.75 ? 13 C   B OP1    1 
ATOM   747  O  OP2    . C   B 1 13 ? 7.073   -4.468  5.120   1.00 45.28 ? 13 C   B OP2    1 
ATOM   748  O  "O5'"  . C   B 1 13 ? 8.744   -5.118  3.378   1.00 45.06 ? 13 C   B "O5'"  1 
ATOM   749  C  "C5'"  . C   B 1 13 ? 9.831   -5.887  2.858   1.00 46.35 ? 13 C   B "C5'"  1 
ATOM   750  C  "C4'"  . C   B 1 13 ? 10.369  -5.267  1.592   1.00 46.76 ? 13 C   B "C4'"  1 
ATOM   751  O  "O4'"  . C   B 1 13 ? 9.368   -5.370  0.539   1.00 44.86 ? 13 C   B "O4'"  1 
ATOM   752  C  "C3'"  . C   B 1 13 ? 10.680  -3.782  1.654   1.00 47.02 ? 13 C   B "C3'"  1 
ATOM   753  O  "O3'"  . C   B 1 13 ? 11.945  -3.504  2.237   1.00 49.67 ? 13 C   B "O3'"  1 
ATOM   754  C  "C2'"  . C   B 1 13 ? 10.621  -3.391  0.185   1.00 46.55 ? 13 C   B "C2'"  1 
ATOM   755  O  "O2'"  . C   B 1 13 ? 11.772  -3.777  -0.541  1.00 47.11 ? 13 C   B "O2'"  1 
ATOM   756  C  "C1'"  . C   B 1 13 ? 9.412   -4.207  -0.276  1.00 44.84 ? 13 C   B "C1'"  1 
ATOM   757  N  N1     . C   B 1 13 ? 8.148   -3.472  -0.087  1.00 42.72 ? 13 C   B N1     1 
ATOM   758  C  C2     . C   B 1 13 ? 7.753   -2.545  -1.061  1.00 42.38 ? 13 C   B C2     1 
ATOM   759  O  O2     . C   B 1 13 ? 8.486   -2.354  -2.045  1.00 42.54 ? 13 C   B O2     1 
ATOM   760  N  N3     . C   B 1 13 ? 6.589   -1.880  -0.903  1.00 36.66 ? 13 C   B N3     1 
ATOM   761  C  C4     . C   B 1 13 ? 5.838   -2.094  0.176   1.00 38.27 ? 13 C   B C4     1 
ATOM   762  N  N4     . C   B 1 13 ? 4.699   -1.396  0.300   1.00 38.14 ? 13 C   B N4     1 
ATOM   763  C  C5     . C   B 1 13 ? 6.216   -3.029  1.186   1.00 38.97 ? 13 C   B C5     1 
ATOM   764  C  C6     . C   B 1 13 ? 7.369   -3.690  1.013   1.00 42.04 ? 13 C   B C6     1 
ATOM   765  P  P      . A   B 1 14 ? 12.095  -2.249  3.226   1.00 48.23 ? 14 A   B P      1 
ATOM   766  O  OP1    . A   B 1 14 ? 13.502  -2.272  3.703   1.00 52.68 ? 14 A   B OP1    1 
ATOM   767  O  OP2    . A   B 1 14 ? 10.988  -2.317  4.205   1.00 49.47 ? 14 A   B OP2    1 
ATOM   768  O  "O5'"  . A   B 1 14 ? 11.844  -0.950  2.315   1.00 48.77 ? 14 A   B "O5'"  1 
ATOM   769  C  "C5'"  . A   B 1 14 ? 12.794  -0.561  1.331   1.00 47.75 ? 14 A   B "C5'"  1 
ATOM   770  C  "C4'"  . A   B 1 14 ? 12.188  0.377   0.296   1.00 47.18 ? 14 A   B "C4'"  1 
ATOM   771  O  "O4'"  . A   B 1 14 ? 10.991  -0.200  -0.288  1.00 45.73 ? 14 A   B "O4'"  1 
ATOM   772  C  "C3'"  . A   B 1 14 ? 11.709  1.758   0.710   1.00 45.99 ? 14 A   B "C3'"  1 
ATOM   773  O  "O3'"  . A   B 1 14 ? 12.795  2.647   0.939   1.00 48.16 ? 14 A   B "O3'"  1 
ATOM   774  C  "C2'"  . A   B 1 14 ? 10.912  2.158   -0.529  1.00 45.22 ? 14 A   B "C2'"  1 
ATOM   775  O  "O2'"  . A   B 1 14 ? 11.688  2.531   -1.643  1.00 43.28 ? 14 A   B "O2'"  1 
ATOM   776  C  "C1'"  . A   B 1 14 ? 10.212  0.843   -0.860  1.00 44.56 ? 14 A   B "C1'"  1 
ATOM   777  N  N9     . A   B 1 14 ? 8.904   0.876   -0.227  1.00 42.60 ? 14 A   B N9     1 
ATOM   778  C  C8     . A   B 1 14 ? 8.441   0.279   0.917   1.00 39.57 ? 14 A   B C8     1 
ATOM   779  N  N7     . A   B 1 14 ? 7.209   0.604   1.213   1.00 37.29 ? 14 A   B N7     1 
ATOM   780  C  C5     . A   B 1 14 ? 6.832   1.454   0.184   1.00 38.27 ? 14 A   B C5     1 
ATOM   781  C  C6     . A   B 1 14 ? 5.637   2.137   -0.092  1.00 38.61 ? 14 A   B C6     1 
ATOM   782  N  N6     . A   B 1 14 ? 4.547   2.063   0.671   1.00 37.91 ? 14 A   B N6     1 
ATOM   783  N  N1     . A   B 1 14 ? 5.597   2.902   -1.206  1.00 38.40 ? 14 A   B N1     1 
ATOM   784  C  C2     . A   B 1 14 ? 6.679   2.965   -1.983  1.00 38.34 ? 14 A   B C2     1 
ATOM   785  N  N3     . A   B 1 14 ? 7.861   2.366   -1.829  1.00 39.37 ? 14 A   B N3     1 
ATOM   786  C  C4     . A   B 1 14 ? 7.864   1.619   -0.713  1.00 39.65 ? 14 A   B C4     1 
ATOM   787  P  P      . C   B 1 15 ? 12.616  3.891   1.945   1.00 48.42 ? 15 C   B P      1 
ATOM   788  O  OP1    . C   B 1 15 ? 13.976  4.431   2.217   1.00 48.09 ? 15 C   B OP1    1 
ATOM   789  O  OP2    . C   B 1 15 ? 11.761  3.449   3.077   1.00 48.69 ? 15 C   B OP2    1 
ATOM   790  O  "O5'"  . C   B 1 15 ? 11.794  4.966   1.094   1.00 47.54 ? 15 C   B "O5'"  1 
ATOM   791  C  "C5'"  . C   B 1 15 ? 12.251  5.371   -0.190  1.00 45.84 ? 15 C   B "C5'"  1 
ATOM   792  C  "C4'"  . C   B 1 15 ? 11.197  6.193   -0.901  1.00 45.28 ? 15 C   B "C4'"  1 
ATOM   793  O  "O4'"  . C   B 1 15 ? 10.030  5.377   -1.175  1.00 44.93 ? 15 C   B "O4'"  1 
ATOM   794  C  "C3'"  . C   B 1 15 ? 10.614  7.368   -0.138  1.00 47.45 ? 15 C   B "C3'"  1 
ATOM   795  O  "O3'"  . C   B 1 15 ? 11.483  8.493   -0.138  1.00 48.65 ? 15 C   B "O3'"  1 
ATOM   796  C  "C2'"  . C   B 1 15 ? 9.345   7.633   -0.933  1.00 47.21 ? 15 C   B "C2'"  1 
ATOM   797  O  "O2'"  . C   B 1 15 ? 9.613   8.298   -2.155  1.00 49.60 ? 15 C   B "O2'"  1 
ATOM   798  C  "C1'"  . C   B 1 15 ? 8.875   6.206   -1.220  1.00 46.03 ? 15 C   B "C1'"  1 
ATOM   799  N  N1     . C   B 1 15 ? 7.909   5.736   -0.214  1.00 44.84 ? 15 C   B N1     1 
ATOM   800  C  C2     . C   B 1 15 ? 6.591   6.181   -0.302  1.00 43.71 ? 15 C   B C2     1 
ATOM   801  O  O2     . C   B 1 15 ? 6.277   6.939   -1.236  1.00 43.85 ? 15 C   B O2     1 
ATOM   802  N  N3     . C   B 1 15 ? 5.695   5.787   0.632   1.00 43.34 ? 15 C   B N3     1 
ATOM   803  C  C4     . C   B 1 15 ? 6.081   4.983   1.631   1.00 44.05 ? 15 C   B C4     1 
ATOM   804  N  N4     . C   B 1 15 ? 5.180   4.655   2.556   1.00 43.18 ? 15 C   B N4     1 
ATOM   805  C  C5     . C   B 1 15 ? 7.415   4.495   1.729   1.00 44.02 ? 15 C   B C5     1 
ATOM   806  C  C6     . C   B 1 15 ? 8.288   4.894   0.795   1.00 43.34 ? 15 C   B C6     1 
ATOM   807  P  P      . A   B 1 16 ? 11.451  9.522   1.103   1.00 50.14 ? 16 A   B P      1 
ATOM   808  O  OP1    . A   B 1 16 ? 12.553  10.498  0.878   1.00 51.60 ? 16 A   B OP1    1 
ATOM   809  O  OP2    . A   B 1 16 ? 11.407  8.750   2.370   1.00 49.48 ? 16 A   B OP2    1 
ATOM   810  O  "O5'"  . A   B 1 16 ? 10.053  10.271  0.954   1.00 49.24 ? 16 A   B "O5'"  1 
ATOM   811  C  "C5'"  . A   B 1 16 ? 9.757   11.022  -0.217  1.00 47.89 ? 16 A   B "C5'"  1 
ATOM   812  C  "C4'"  . A   B 1 16 ? 8.317   11.451  -0.213  1.00 47.30 ? 16 A   B "C4'"  1 
ATOM   813  O  "O4'"  . A   B 1 16 ? 7.458   10.283  -0.273  1.00 45.98 ? 16 A   B "O4'"  1 
ATOM   814  C  "C3'"  . A   B 1 16 ? 7.829   12.178  1.031   1.00 47.33 ? 16 A   B "C3'"  1 
ATOM   815  O  "O3'"  . A   B 1 16 ? 8.199   13.549  1.009   1.00 48.47 ? 16 A   B "O3'"  1 
ATOM   816  C  "C2'"  . A   B 1 16 ? 6.323   11.998  0.915   1.00 47.20 ? 16 A   B "C2'"  1 
ATOM   817  O  "O2'"  . A   B 1 16 ? 5.725   12.889  -0.006  1.00 49.23 ? 16 A   B "O2'"  1 
ATOM   818  C  "C1'"  . A   B 1 16 ? 6.232   10.568  0.381   1.00 44.68 ? 16 A   B "C1'"  1 
ATOM   819  N  N9     . A   B 1 16 ? 6.037   9.600   1.463   1.00 42.33 ? 16 A   B N9     1 
ATOM   820  C  C8     . A   B 1 16 ? 6.940   8.717   2.007   1.00 42.12 ? 16 A   B C8     1 
ATOM   821  N  N7     . A   B 1 16 ? 6.452   8.006   3.000   1.00 41.12 ? 16 A   B N7     1 
ATOM   822  C  C5     . A   B 1 16 ? 5.137   8.439   3.107   1.00 40.51 ? 16 A   B C5     1 
ATOM   823  C  C6     . A   B 1 16 ? 4.086   8.074   3.969   1.00 39.60 ? 16 A   B C6     1 
ATOM   824  N  N6     . A   B 1 16 ? 4.180   7.118   4.908   1.00 36.65 ? 16 A   B N6     1 
ATOM   825  N  N1     . A   B 1 16 ? 2.909   8.722   3.829   1.00 39.17 ? 16 A   B N1     1 
ATOM   826  C  C2     . A   B 1 16 ? 2.798   9.658   2.865   1.00 40.86 ? 16 A   B C2     1 
ATOM   827  N  N3     . A   B 1 16 ? 3.702   10.069  1.980   1.00 40.95 ? 16 A   B N3     1 
ATOM   828  C  C4     . A   B 1 16 ? 4.868   9.420   2.162   1.00 42.04 ? 16 A   B C4     1 
ATOM   829  P  P      . C   B 1 17 ? 8.629   14.278  2.376   1.00 49.27 ? 17 C   B P      1 
ATOM   830  O  OP1    . C   B 1 17 ? 9.161   15.621  2.016   1.00 50.03 ? 17 C   B OP1    1 
ATOM   831  O  OP2    . C   B 1 17 ? 9.470   13.349  3.184   1.00 45.45 ? 17 C   B OP2    1 
ATOM   832  O  "O5'"  . C   B 1 17 ? 7.256   14.474  3.147   1.00 46.11 ? 17 C   B "O5'"  1 
ATOM   833  C  "C5'"  . C   B 1 17 ? 6.220   15.261  2.589   1.00 45.97 ? 17 C   B "C5'"  1 
ATOM   834  C  "C4'"  . C   B 1 17 ? 4.996   15.172  3.447   1.00 44.61 ? 17 C   B "C4'"  1 
ATOM   835  O  "O4'"  . C   B 1 17 ? 4.418   13.845  3.342   1.00 42.78 ? 17 C   B "O4'"  1 
ATOM   836  C  "C3'"  . C   B 1 17 ? 5.257   15.316  4.934   1.00 46.03 ? 17 C   B "C3'"  1 
ATOM   837  O  "O3'"  . C   B 1 17 ? 5.405   16.658  5.335   1.00 47.58 ? 17 C   B "O3'"  1 
ATOM   838  C  "C2'"  . C   B 1 17 ? 4.022   14.673  5.530   1.00 43.97 ? 17 C   B "C2'"  1 
ATOM   839  O  "O2'"  . C   B 1 17 ? 2.874   15.493  5.476   1.00 47.11 ? 17 C   B "O2'"  1 
ATOM   840  C  "C1'"  . C   B 1 17 ? 3.847   13.484  4.590   1.00 43.65 ? 17 C   B "C1'"  1 
ATOM   841  N  N1     . C   B 1 17 ? 4.557   12.311  5.109   1.00 39.71 ? 17 C   B N1     1 
ATOM   842  C  C2     . C   B 1 17 ? 3.885   11.505  6.000   1.00 39.67 ? 17 C   B C2     1 
ATOM   843  O  O2     . C   B 1 17 ? 2.743   11.837  6.330   1.00 39.92 ? 17 C   B O2     1 
ATOM   844  N  N3     . C   B 1 17 ? 4.487   10.390  6.483   1.00 38.37 ? 17 C   B N3     1 
ATOM   845  C  C4     . C   B 1 17 ? 5.731   10.087  6.097   1.00 38.55 ? 17 C   B C4     1 
ATOM   846  N  N4     . C   B 1 17 ? 6.282   8.959   6.572   1.00 37.96 ? 17 C   B N4     1 
ATOM   847  C  C5     . C   B 1 17 ? 6.461   10.919  5.199   1.00 39.00 ? 17 C   B C5     1 
ATOM   848  C  C6     . C   B 1 17 ? 5.835   12.016  4.731   1.00 40.25 ? 17 C   B C6     1 
ATOM   849  P  P      . A   B 1 18 ? 6.391   16.996  6.543   1.00 49.21 ? 18 A   B P      1 
ATOM   850  O  OP1    . A   B 1 18 ? 6.482   18.478  6.671   1.00 50.16 ? 18 A   B OP1    1 
ATOM   851  O  OP2    . A   B 1 18 ? 7.619   16.194  6.353   1.00 48.00 ? 18 A   B OP2    1 
ATOM   852  O  "O5'"  . A   B 1 18 ? 5.617   16.435  7.810   1.00 48.74 ? 18 A   B "O5'"  1 
ATOM   853  C  "C5'"  . A   B 1 18 ? 4.429   17.063  8.247   1.00 47.29 ? 18 A   B "C5'"  1 
ATOM   854  C  "C4'"  . A   B 1 18 ? 3.897   16.372  9.469   1.00 45.36 ? 18 A   B "C4'"  1 
ATOM   855  O  "O4'"  . A   B 1 18 ? 3.510   15.020  9.113   1.00 44.01 ? 18 A   B "O4'"  1 
ATOM   856  C  "C3'"  . A   B 1 18 ? 4.889   16.162  10.598  1.00 45.40 ? 18 A   B "C3'"  1 
ATOM   857  O  "O3'"  . A   B 1 18 ? 5.066   17.333  11.389  1.00 45.62 ? 18 A   B "O3'"  1 
ATOM   858  C  "C2'"  . A   B 1 18 ? 4.201   15.051  11.374  1.00 42.06 ? 18 A   B "C2'"  1 
ATOM   859  O  "O2'"  . A   B 1 18 ? 3.079   15.525  12.079  1.00 40.58 ? 18 A   B "O2'"  1 
ATOM   860  C  "C1'"  . A   B 1 18 ? 3.705   14.165  10.234  1.00 42.32 ? 18 A   B "C1'"  1 
ATOM   861  N  N9     . A   B 1 18 ? 4.667   13.132  9.854   1.00 40.52 ? 18 A   B N9     1 
ATOM   862  C  C8     . A   B 1 18 ? 5.558   13.169  8.818   1.00 38.46 ? 18 A   B C8     1 
ATOM   863  N  N7     . A   B 1 18 ? 6.266   12.077  8.691   1.00 40.21 ? 18 A   B N7     1 
ATOM   864  C  C5     . A   B 1 18 ? 5.819   11.269  9.725   1.00 38.93 ? 18 A   B C5     1 
ATOM   865  C  C6     . A   B 1 18 ? 6.186   9.977   10.144  1.00 37.04 ? 18 A   B C6     1 
ATOM   866  N  N6     . A   B 1 18 ? 7.141   9.257   9.562   1.00 36.30 ? 18 A   B N6     1 
ATOM   867  N  N1     . A   B 1 18 ? 5.538   9.454   11.205  1.00 38.39 ? 18 A   B N1     1 
ATOM   868  C  C2     . A   B 1 18 ? 4.605   10.191  11.812  1.00 37.36 ? 18 A   B C2     1 
ATOM   869  N  N3     . A   B 1 18 ? 4.183   11.428  11.522  1.00 41.41 ? 18 A   B N3     1 
ATOM   870  C  C4     . A   B 1 18 ? 4.837   11.909  10.453  1.00 38.80 ? 18 A   B C4     1 
ATOM   871  P  P      . G   B 1 19 ? 6.442   17.544  12.188  1.00 47.94 ? 19 G   B P      1 
ATOM   872  O  OP1    . G   B 1 19 ? 6.429   18.915  12.745  1.00 50.25 ? 19 G   B OP1    1 
ATOM   873  O  OP2    . G   B 1 19 ? 7.569   17.114  11.335  1.00 47.62 ? 19 G   B OP2    1 
ATOM   874  O  "O5'"  . G   B 1 19 ? 6.357   16.501  13.398  1.00 47.34 ? 19 G   B "O5'"  1 
ATOM   875  C  "C5'"  . G   B 1 19 ? 5.323   16.603  14.366  1.00 45.25 ? 19 G   B "C5'"  1 
ATOM   876  C  "C4'"  . G   B 1 19 ? 5.237   15.347  15.207  1.00 41.53 ? 19 G   B "C4'"  1 
ATOM   877  O  "O4'"  . G   B 1 19 ? 4.967   14.196  14.370  1.00 41.28 ? 19 G   B "O4'"  1 
ATOM   878  C  "C3'"  . G   B 1 19 ? 6.453   14.925  16.016  1.00 42.29 ? 19 G   B "C3'"  1 
ATOM   879  O  "O3'"  . G   B 1 19 ? 6.504   15.707  17.208  1.00 43.29 ? 19 G   B "O3'"  1 
ATOM   880  C  "C2'"  . G   B 1 19 ? 6.087   13.475  16.332  1.00 41.53 ? 19 G   B "C2'"  1 
ATOM   881  O  "O2'"  . G   B 1 19 ? 5.083   13.406  17.328  1.00 40.34 ? 19 G   B "O2'"  1 
ATOM   882  C  "C1'"  . G   B 1 19 ? 5.464   13.025  15.007  1.00 40.86 ? 19 G   B "C1'"  1 
ATOM   883  N  N9     . G   B 1 19 ? 6.417   12.384  14.108  1.00 37.53 ? 19 G   B N9     1 
ATOM   884  C  C8     . G   B 1 19 ? 7.007   12.936  12.998  1.00 36.54 ? 19 G   B C8     1 
ATOM   885  N  N7     . G   B 1 19 ? 7.819   12.114  12.393  1.00 38.87 ? 19 G   B N7     1 
ATOM   886  C  C5     . G   B 1 19 ? 7.762   10.951  13.152  1.00 35.43 ? 19 G   B C5     1 
ATOM   887  C  C6     . G   B 1 19 ? 8.429   9.701   12.986  1.00 34.90 ? 19 G   B C6     1 
ATOM   888  O  O6     . G   B 1 19 ? 9.203   9.356   12.091  1.00 32.97 ? 19 G   B O6     1 
ATOM   889  N  N1     . G   B 1 19 ? 8.096   8.805   14.005  1.00 34.19 ? 19 G   B N1     1 
ATOM   890  C  C2     . G   B 1 19 ? 7.226   9.067   15.029  1.00 35.35 ? 19 G   B C2     1 
ATOM   891  N  N2     . G   B 1 19 ? 7.043   8.083   15.940  1.00 33.88 ? 19 G   B N2     1 
ATOM   892  N  N3     . G   B 1 19 ? 6.578   10.213  15.173  1.00 35.85 ? 19 G   B N3     1 
ATOM   893  C  C4     . G   B 1 19 ? 6.900   11.104  14.211  1.00 36.57 ? 19 G   B C4     1 
ATOM   894  P  P      . C   B 1 20 ? 7.894   15.921  17.987  1.00 43.28 ? 20 C   B P      1 
ATOM   895  O  OP1    . C   B 1 20 ? 7.633   16.954  19.025  1.00 45.20 ? 20 C   B OP1    1 
ATOM   896  O  OP2    . C   B 1 20 ? 8.986   16.103  17.011  1.00 43.98 ? 20 C   B OP2    1 
ATOM   897  O  "O5'"  . C   B 1 20 ? 8.192   14.530  18.700  1.00 45.16 ? 20 C   B "O5'"  1 
ATOM   898  C  "C5'"  . C   B 1 20 ? 7.449   14.101  19.827  1.00 46.33 ? 20 C   B "C5'"  1 
ATOM   899  C  "C4'"  . C   B 1 20 ? 7.892   12.711  20.222  1.00 48.92 ? 20 C   B "C4'"  1 
ATOM   900  O  "O4'"  . C   B 1 20 ? 7.603   11.787  19.138  1.00 46.74 ? 20 C   B "O4'"  1 
ATOM   901  C  "C3'"  . C   B 1 20 ? 9.388   12.533  20.429  1.00 50.59 ? 20 C   B "C3'"  1 
ATOM   902  O  "O3'"  . C   B 1 20 ? 9.813   12.967  21.716  1.00 56.08 ? 20 C   B "O3'"  1 
ATOM   903  C  "C2'"  . C   B 1 20 ? 9.535   11.026  20.279  1.00 50.50 ? 20 C   B "C2'"  1 
ATOM   904  O  "O2'"  . C   B 1 20 ? 9.073   10.318  21.408  1.00 52.24 ? 20 C   B "O2'"  1 
ATOM   905  C  "C1'"  . C   B 1 20 ? 8.585   10.762  19.114  1.00 48.28 ? 20 C   B "C1'"  1 
ATOM   906  N  N1     . C   B 1 20 ? 9.304   10.815  17.840  1.00 45.88 ? 20 C   B N1     1 
ATOM   907  C  C2     . C   B 1 20 ? 9.956   9.659   17.401  1.00 45.02 ? 20 C   B C2     1 
ATOM   908  O  O2     . C   B 1 20 ? 9.922   8.639   18.124  1.00 45.42 ? 20 C   B O2     1 
ATOM   909  N  N3     . C   B 1 20 ? 10.605  9.676   16.218  1.00 43.48 ? 20 C   B N3     1 
ATOM   910  C  C4     . C   B 1 20 ? 10.628  10.796  15.485  1.00 42.88 ? 20 C   B C4     1 
ATOM   911  N  N4     . C   B 1 20 ? 11.257  10.761  14.311  1.00 41.41 ? 20 C   B N4     1 
ATOM   912  C  C5     . C   B 1 20 ? 9.995   11.999  15.924  1.00 43.20 ? 20 C   B C5     1 
ATOM   913  C  C6     . C   B 1 20 ? 9.346   11.962  17.092  1.00 44.11 ? 20 C   B C6     1 
ATOM   914  P  P      . A   B 1 21 ? 11.318  13.495  21.917  1.00 57.55 ? 21 A   B P      1 
ATOM   915  O  OP1    . A   B 1 21 ? 11.407  14.023  23.302  1.00 57.77 ? 21 A   B OP1    1 
ATOM   916  O  OP2    . A   B 1 21 ? 11.662  14.375  20.774  1.00 57.06 ? 21 A   B OP2    1 
ATOM   917  O  "O5'"  . A   B 1 21 ? 12.217  12.185  21.804  1.00 56.56 ? 21 A   B "O5'"  1 
ATOM   918  C  "C5'"  . A   B 1 21 ? 12.204  11.209  22.837  1.00 56.50 ? 21 A   B "C5'"  1 
ATOM   919  C  "C4'"  . A   B 1 21 ? 13.163  10.095  22.514  1.00 56.56 ? 21 A   B "C4'"  1 
ATOM   920  O  "O4'"  . A   B 1 21 ? 12.681  9.350   21.365  1.00 56.23 ? 21 A   B "O4'"  1 
ATOM   921  C  "C3'"  . A   B 1 21 ? 14.558  10.529  22.106  1.00 58.49 ? 21 A   B "C3'"  1 
ATOM   922  O  "O3'"  . A   B 1 21 ? 15.353  10.832  23.249  1.00 62.62 ? 21 A   B "O3'"  1 
ATOM   923  C  "C2'"  . A   B 1 21 ? 15.053  9.294   21.365  1.00 56.62 ? 21 A   B "C2'"  1 
ATOM   924  O  "O2'"  . A   B 1 21 ? 15.449  8.258   22.234  1.00 58.24 ? 21 A   B "O2'"  1 
ATOM   925  C  "C1'"  . A   B 1 21 ? 13.788  8.867   20.619  1.00 55.05 ? 21 A   B "C1'"  1 
ATOM   926  N  N9     . A   B 1 21 ? 13.743  9.463   19.286  1.00 51.91 ? 21 A   B N9     1 
ATOM   927  C  C8     . A   B 1 21 ? 13.116  10.615  18.888  1.00 49.33 ? 21 A   B C8     1 
ATOM   928  N  N7     . A   B 1 21 ? 13.303  10.905  17.624  1.00 48.01 ? 21 A   B N7     1 
ATOM   929  C  C5     . A   B 1 21 ? 14.092  9.866   17.157  1.00 47.03 ? 21 A   B C5     1 
ATOM   930  C  C6     . A   B 1 21 ? 14.632  9.589   15.900  1.00 45.70 ? 21 A   B C6     1 
ATOM   931  N  N6     . A   B 1 21 ? 14.448  10.364  14.829  1.00 43.86 ? 21 A   B N6     1 
ATOM   932  N  N1     . A   B 1 21 ? 15.379  8.475   15.772  1.00 46.16 ? 21 A   B N1     1 
ATOM   933  C  C2     . A   B 1 21 ? 15.555  7.691   16.842  1.00 47.58 ? 21 A   B C2     1 
ATOM   934  N  N3     . A   B 1 21 ? 15.094  7.842   18.075  1.00 48.02 ? 21 A   B N3     1 
ATOM   935  C  C4     . A   B 1 21 ? 14.363  8.966   18.169  1.00 49.29 ? 21 A   B C4     1 
ATOM   936  P  P      . A   B 1 22 ? 16.521  11.936  23.142  1.00 65.23 ? 22 A   B P      1 
ATOM   937  O  OP1    . A   B 1 22 ? 17.011  12.187  24.525  1.00 66.74 ? 22 A   B OP1    1 
ATOM   938  O  OP2    . A   B 1 22 ? 16.040  13.077  22.321  1.00 64.95 ? 22 A   B OP2    1 
ATOM   939  O  "O5'"  . A   B 1 22 ? 17.673  11.184  22.343  1.00 63.71 ? 22 A   B "O5'"  1 
ATOM   940  C  "C5'"  . A   B 1 22 ? 18.285  10.023  22.897  1.00 63.23 ? 22 A   B "C5'"  1 
ATOM   941  C  "C4'"  . A   B 1 22 ? 19.094  9.302   21.851  1.00 61.73 ? 22 A   B "C4'"  1 
ATOM   942  O  "O4'"  . A   B 1 22 ? 18.216  8.833   20.791  1.00 59.85 ? 22 A   B "O4'"  1 
ATOM   943  C  "C3'"  . A   B 1 22 ? 20.131  10.135  21.116  1.00 61.81 ? 22 A   B "C3'"  1 
ATOM   944  O  "O3'"  . A   B 1 22 ? 21.323  10.278  21.883  1.00 63.24 ? 22 A   B "O3'"  1 
ATOM   945  C  "C2'"  . A   B 1 22 ? 20.348  9.295   19.866  1.00 60.11 ? 22 A   B "C2'"  1 
ATOM   946  O  "O2'"  . A   B 1 22 ? 21.139  8.154   20.123  1.00 60.23 ? 22 A   B "O2'"  1 
ATOM   947  C  "C1'"  . A   B 1 22 ? 18.912  8.862   19.554  1.00 58.42 ? 22 A   B "C1'"  1 
ATOM   948  N  N9     . A   B 1 22 ? 18.246  9.827   18.679  1.00 55.14 ? 22 A   B N9     1 
ATOM   949  C  C8     . A   B 1 22 ? 17.424  10.862  19.042  1.00 54.02 ? 22 A   B C8     1 
ATOM   950  N  N7     . A   B 1 22 ? 17.011  11.587  18.031  1.00 54.12 ? 22 A   B N7     1 
ATOM   951  C  C5     . A   B 1 22 ? 17.597  10.984  16.926  1.00 51.63 ? 22 A   B C5     1 
ATOM   952  C  C6     . A   B 1 22 ? 17.559  11.286  15.552  1.00 50.31 ? 22 A   B C6     1 
ATOM   953  N  N6     . A   B 1 22 ? 16.887  12.316  15.041  1.00 49.44 ? 22 A   B N6     1 
ATOM   954  N  N1     . A   B 1 22 ? 18.243  10.483  14.714  1.00 49.27 ? 22 A   B N1     1 
ATOM   955  C  C2     . A   B 1 22 ? 18.922  9.446   15.232  1.00 51.65 ? 22 A   B C2     1 
ATOM   956  N  N3     . A   B 1 22 ? 19.039  9.064   16.507  1.00 51.25 ? 22 A   B N3     1 
ATOM   957  C  C4     . A   B 1 22 ? 18.347  9.888   17.311  1.00 52.47 ? 22 A   B C4     1 
ATOM   958  P  P      . G   B 1 23 ? 22.161  11.650  21.805  1.00 64.64 ? 23 G   B P      1 
ATOM   959  O  OP1    . G   B 1 23 ? 23.184  11.623  22.887  1.00 66.09 ? 23 G   B OP1    1 
ATOM   960  O  OP2    . G   B 1 23 ? 21.193  12.779  21.743  1.00 64.37 ? 23 G   B OP2    1 
ATOM   961  O  "O5'"  . G   B 1 23 ? 22.910  11.557  20.402  1.00 63.56 ? 23 G   B "O5'"  1 
ATOM   962  C  "C5'"  . G   B 1 23 ? 23.695  10.416  20.072  1.00 60.73 ? 23 G   B "C5'"  1 
ATOM   963  C  "C4'"  . G   B 1 23 ? 23.923  10.347  18.581  1.00 59.10 ? 23 G   B "C4'"  1 
ATOM   964  O  "O4'"  . G   B 1 23 ? 22.650  10.242  17.891  1.00 57.16 ? 23 G   B "O4'"  1 
ATOM   965  C  "C3'"  . G   B 1 23 ? 24.554  11.572  17.945  1.00 58.69 ? 23 G   B "C3'"  1 
ATOM   966  O  "O3'"  . G   B 1 23 ? 25.951  11.684  18.224  1.00 60.21 ? 23 G   B "O3'"  1 
ATOM   967  C  "C2'"  . G   B 1 23 ? 24.186  11.383  16.478  1.00 57.25 ? 23 G   B "C2'"  1 
ATOM   968  O  "O2'"  . G   B 1 23 ? 25.010  10.444  15.815  1.00 58.17 ? 23 G   B "O2'"  1 
ATOM   969  C  "C1'"  . G   B 1 23 ? 22.769  10.818  16.598  1.00 54.77 ? 23 G   B "C1'"  1 
ATOM   970  N  N9     . G   B 1 23 ? 21.740  11.839  16.446  1.00 50.98 ? 23 G   B N9     1 
ATOM   971  C  C8     . G   B 1 23 ? 21.027  12.463  17.441  1.00 49.65 ? 23 G   B C8     1 
ATOM   972  N  N7     . G   B 1 23 ? 20.169  13.338  16.984  1.00 48.32 ? 23 G   B N7     1 
ATOM   973  C  C5     . G   B 1 23 ? 20.329  13.288  15.605  1.00 47.68 ? 23 G   B C5     1 
ATOM   974  C  C6     . G   B 1 23 ? 19.673  14.019  14.572  1.00 46.79 ? 23 G   B C6     1 
ATOM   975  O  O6     . G   B 1 23 ? 18.798  14.886  14.678  1.00 45.24 ? 23 G   B O6     1 
ATOM   976  N  N1     . G   B 1 23 ? 20.141  13.654  13.315  1.00 44.57 ? 23 G   B N1     1 
ATOM   977  C  C2     . G   B 1 23 ? 21.111  12.718  13.077  1.00 46.42 ? 23 G   B C2     1 
ATOM   978  N  N2     . G   B 1 23 ? 21.422  12.511  11.792  1.00 44.15 ? 23 G   B N2     1 
ATOM   979  N  N3     . G   B 1 23 ? 21.733  12.033  14.030  1.00 46.81 ? 23 G   B N3     1 
ATOM   980  C  C4     . G   B 1 23 ? 21.294  12.368  15.258  1.00 48.06 ? 23 G   B C4     1 
HETATM 981  C  C1     . NMY C 2 .  ? 1.150   5.348   6.533   1.00 37.03 ? 24 NMY A C1     1 
HETATM 982  O  O1     . NMY C 2 .  ? 0.124   4.703   5.758   1.00 38.69 ? 24 NMY A O1     1 
HETATM 983  C  C2     . NMY C 2 .  ? 0.865   5.096   8.018   1.00 37.96 ? 24 NMY A C2     1 
HETATM 984  N  N2     . NMY C 2 .  ? 0.707   3.652   8.250   1.00 33.69 ? 24 NMY A N2     1 
HETATM 985  C  C3     . NMY C 2 .  ? -0.402  5.827   8.472   1.00 37.73 ? 24 NMY A C3     1 
HETATM 986  O  O3     . NMY C 2 .  ? -0.522  5.738   9.894   1.00 38.64 ? 24 NMY A O3     1 
HETATM 987  C  C4     . NMY C 2 .  ? -0.344  7.306   8.089   1.00 38.88 ? 24 NMY A C4     1 
HETATM 988  O  O4     . NMY C 2 .  ? -1.612  7.896   8.390   1.00 42.20 ? 24 NMY A O4     1 
HETATM 989  C  C5     . NMY C 2 .  ? -0.050  7.438   6.593   1.00 39.24 ? 24 NMY A C5     1 
HETATM 990  O  O5     . NMY C 2 .  ? 1.178   6.763   6.267   1.00 38.47 ? 24 NMY A O5     1 
HETATM 991  C  C6     . NMY C 2 .  ? 0.049   8.916   6.209   1.00 39.98 ? 24 NMY A C6     1 
HETATM 992  C  C7     . NMY C 2 .  ? 0.413   2.345   2.276   1.00 41.11 ? 24 NMY A C7     1 
HETATM 993  N  N7     . NMY C 2 .  ? 0.668   1.861   0.911   1.00 42.80 ? 24 NMY A N7     1 
HETATM 994  C  C12    . NMY C 2 .  ? 1.738   2.660   2.974   1.00 40.75 ? 24 NMY A C12    1 
HETATM 995  C  C11    . NMY C 2 .  ? 1.524   3.202   4.392   1.00 40.16 ? 24 NMY A C11    1 
HETATM 996  O  O11    . NMY C 2 .  ? 2.777   3.694   4.895   1.00 41.05 ? 24 NMY A O11    1 
HETATM 997  C  C10    . NMY C 2 .  ? 0.529   4.360   4.422   1.00 39.84 ? 24 NMY A C10    1 
HETATM 998  C  C9     . NMY C 2 .  ? -0.754  4.070   3.635   1.00 40.53 ? 24 NMY A C9     1 
HETATM 999  N  N9     . NMY C 2 .  ? -1.573  5.289   3.590   1.00 39.86 ? 24 NMY A N9     1 
HETATM 1000 C  C8     . NMY C 2 .  ? -0.456  3.603   2.208   1.00 41.01 ? 24 NMY A C8     1 
HETATM 1001 C  C13    . NMY C 2 .  ? 3.554   2.722   5.615   1.00 41.32 ? 24 NMY A C13    1 
HETATM 1002 C  C14    . NMY C 2 .  ? 5.010   3.188   5.668   1.00 42.53 ? 24 NMY A C14    1 
HETATM 1003 C  C15    . NMY C 2 .  ? 5.512   2.341   6.836   1.00 41.80 ? 24 NMY A C15    1 
HETATM 1004 C  C16    . NMY C 2 .  ? 4.336   2.431   7.798   1.00 42.14 ? 24 NMY A C16    1 
HETATM 1005 O  O16    . NMY C 2 .  ? 3.159   2.647   6.995   1.00 42.29 ? 24 NMY A O16    1 
HETATM 1006 C  C17    . NMY C 2 .  ? 4.529   3.589   8.781   1.00 42.01 ? 24 NMY A C17    1 
HETATM 1007 C  C21    . NMY C 2 .  ? 7.192   -2.258  8.588   1.00 53.57 ? 24 NMY A C21    1 
HETATM 1008 C  C20    . NMY C 2 .  ? 7.995   -1.826  7.359   1.00 51.40 ? 24 NMY A C20    1 
HETATM 1009 C  C19    . NMY C 2 .  ? 7.161   -0.915  6.452   1.00 50.70 ? 24 NMY A C19    1 
HETATM 1010 C  C18    . NMY C 2 .  ? 6.551   0.234   7.262   1.00 49.43 ? 24 NMY A C18    1 
HETATM 1011 O  O18    . NMY C 2 .  ? 5.690   0.987   6.392   1.00 45.59 ? 24 NMY A O18    1 
HETATM 1012 C  C22    . NMY C 2 .  ? 6.610   -1.026  9.287   1.00 53.63 ? 24 NMY A C22    1 
HETATM 1013 O  O22    . NMY C 2 .  ? 5.787   -0.294  8.362   1.00 52.61 ? 24 NMY A O22    1 
HETATM 1014 C  C23    . NMY C 2 .  ? 5.781   -1.424  10.510  1.00 55.19 ? 24 NMY A C23    1 
HETATM 1015 N  N6     . NMY C 2 .  ? 0.210   9.027   4.752   1.00 39.45 ? 24 NMY A N6     1 
HETATM 1016 O  O14    . NMY C 2 .  ? 5.681   2.770   4.475   1.00 40.50 ? 24 NMY A O14    1 
HETATM 1017 O  O20    . NMY C 2 .  ? 9.172   -1.135  7.785   1.00 51.06 ? 24 NMY A O20    1 
HETATM 1018 O  O21    . NMY C 2 .  ? 6.144   -3.147  8.191   1.00 54.32 ? 24 NMY A O21    1 
HETATM 1019 O  O17    . NMY C 2 .  ? 3.455   3.612   9.723   1.00 42.59 ? 24 NMY A O17    1 
HETATM 1020 O  O12    . NMY C 2 .  ? 2.535   1.471   3.015   1.00 41.11 ? 24 NMY A O12    1 
HETATM 1021 N  N19    . NMY C 2 .  ? 4.650   -2.270  10.100  1.00 57.91 ? 24 NMY A N19    1 
HETATM 1022 N  N23    . NMY C 2 .  ? 6.075   -1.700  5.848   1.00 51.19 ? 24 NMY A N23    1 
HETATM 1023 K  K      . K   D 3 .  ? -1.340  0.069   10.811  1.00 35.55 ? 25 K   A K      1 
HETATM 1024 C  C1     . NMY E 2 .  ? -7.139  -1.989  -3.979  1.00 40.41 ? 24 NMY B C1     1 
HETATM 1025 O  O1     . NMY E 2 .  ? -6.514  -1.149  -2.996  1.00 40.40 ? 24 NMY B O1     1 
HETATM 1026 C  C2     . NMY E 2 .  ? -8.010  -1.086  -4.860  1.00 40.45 ? 24 NMY B C2     1 
HETATM 1027 N  N2     . NMY E 2 .  ? -7.197  0.004   -5.421  1.00 39.62 ? 24 NMY B N2     1 
HETATM 1028 C  C3     . NMY E 2 .  ? -9.159  -0.488  -4.046  1.00 42.08 ? 24 NMY B C3     1 
HETATM 1029 O  O3     . NMY E 2 .  ? -10.003 0.284   -4.906  1.00 44.04 ? 24 NMY B O3     1 
HETATM 1030 C  C4     . NMY E 2 .  ? -9.961  -1.611  -3.384  1.00 41.28 ? 24 NMY B C4     1 
HETATM 1031 O  O4     . NMY E 2 .  ? -10.976 -1.041  -2.552  1.00 41.77 ? 24 NMY B O4     1 
HETATM 1032 C  C5     . NMY E 2 .  ? -9.021  -2.476  -2.538  1.00 40.79 ? 24 NMY B C5     1 
HETATM 1033 O  O5     . NMY E 2 .  ? -7.961  -2.999  -3.360  1.00 39.51 ? 24 NMY B O5     1 
HETATM 1034 C  C6     . NMY E 2 .  ? -9.810  -3.623  -1.900  1.00 42.81 ? 24 NMY B C6     1 
HETATM 1035 C  C7     . NMY E 2 .  ? -2.562  -0.881  -1.627  1.00 39.82 ? 24 NMY B C7     1 
HETATM 1036 N  N7     . NMY E 2 .  ? -1.237  -1.103  -1.029  1.00 40.78 ? 24 NMY B N7     1 
HETATM 1037 C  C12    . NMY E 2 .  ? -2.772  -1.846  -2.795  1.00 39.32 ? 24 NMY B C12    1 
HETATM 1038 C  C11    . NMY E 2 .  ? -4.142  -1.651  -3.457  1.00 39.90 ? 24 NMY B C11    1 
HETATM 1039 O  O11    . NMY E 2 .  ? -4.341  -2.718  -4.397  1.00 40.62 ? 24 NMY B O11    1 
HETATM 1040 C  C10    . NMY E 2 .  ? -5.285  -1.655  -2.445  1.00 39.86 ? 24 NMY B C10    1 
HETATM 1041 C  C9     . NMY E 2 .  ? -5.007  -0.793  -1.209  1.00 39.99 ? 24 NMY B C9     1 
HETATM 1042 N  N9     . NMY E 2 .  ? -6.074  -1.010  -0.222  1.00 38.09 ? 24 NMY B N9     1 
HETATM 1043 C  C8     . NMY E 2 .  ? -3.650  -1.108  -0.576  1.00 38.75 ? 24 NMY B C8     1 
HETATM 1044 C  C13    . NMY E 2 .  ? -4.035  -2.342  -5.750  1.00 44.69 ? 24 NMY B C13    1 
HETATM 1045 C  C14    . NMY E 2 .  ? -3.908  -3.590  -6.627  1.00 46.56 ? 24 NMY B C14    1 
HETATM 1046 C  C15    . NMY E 2 .  ? -4.028  -2.932  -8.000  1.00 49.04 ? 24 NMY B C15    1 
HETATM 1047 C  C16    . NMY E 2 .  ? -5.141  -1.926  -7.753  1.00 47.11 ? 24 NMY B C16    1 
HETATM 1048 O  O16    . NMY E 2 .  ? -5.128  -1.624  -6.345  1.00 46.57 ? 24 NMY B O16    1 
HETATM 1049 C  C17    . NMY E 2 .  ? -6.504  -2.494  -8.155  1.00 45.23 ? 24 NMY B C17    1 
HETATM 1050 C  C21    . NMY E 2 .  ? -0.946  -2.983  -11.992 1.00 67.13 ? 24 NMY B C21    1 
HETATM 1051 C  C20    . NMY E 2 .  ? -0.048  -2.859  -10.758 1.00 66.18 ? 24 NMY B C20    1 
HETATM 1052 C  C19    . NMY E 2 .  ? -0.785  -2.154  -9.615  1.00 64.57 ? 24 NMY B C19    1 
HETATM 1053 C  C18    . NMY E 2 .  ? -2.116  -2.864  -9.351  1.00 62.46 ? 24 NMY B C18    1 
HETATM 1054 O  O18    . NMY E 2 .  ? -2.834  -2.193  -8.305  1.00 55.50 ? 24 NMY B O18    1 
HETATM 1055 C  C22    . NMY E 2 .  ? -2.293  -3.609  -11.615 1.00 67.14 ? 24 NMY B C22    1 
HETATM 1056 O  O22    . NMY E 2 .  ? -2.904  -2.854  -10.554 1.00 65.71 ? 24 NMY B O22    1 
HETATM 1057 C  C23    . NMY E 2 .  ? -3.223  -3.589  -12.829 1.00 67.61 ? 24 NMY B C23    1 
HETATM 1058 N  N6     . NMY E 2 .  ? -8.936  -4.436  -1.041  1.00 42.33 ? 24 NMY B N6     1 
HETATM 1059 O  O14    . NMY E 2 .  ? -2.600  -4.153  -6.487  1.00 40.85 ? 24 NMY B O14    1 
HETATM 1060 O  O20    . NMY E 2 .  ? 0.367   -4.159  -10.327 1.00 66.51 ? 24 NMY B O20    1 
HETATM 1061 O  O21    . NMY E 2 .  ? -1.158  -1.690  -12.566 1.00 68.83 ? 24 NMY B O21    1 
HETATM 1062 O  O17    . NMY E 2 .  ? -7.504  -1.502  -7.909  1.00 45.48 ? 24 NMY B O17    1 
HETATM 1063 O  O12    . NMY E 2 .  ? -1.743  -1.632  -3.763  1.00 39.13 ? 24 NMY B O12    1 
HETATM 1064 N  N19    . NMY E 2 .  ? -4.552  -4.085  -12.441 1.00 68.51 ? 24 NMY B N19    1 
HETATM 1065 N  N23    . NMY E 2 .  ? -1.052  -0.760  -9.999  1.00 65.25 ? 24 NMY B N23    1 
HETATM 1066 K  K      . K   F 3 .  ? -10.001 -11.844 -12.220 1.00 68.24 ? 25 K   B K      1 
HETATM 1067 O  O      . HOH G 4 .  ? 12.706  9.216   10.990  1.00 35.69 ? 26 HOH A O      1 
HETATM 1068 O  O      . HOH G 4 .  ? -2.706  8.370   4.212   1.00 42.96 ? 27 HOH A O      1 
HETATM 1069 O  O      . HOH G 4 .  ? -2.328  1.256   13.449  1.00 46.35 ? 28 HOH A O      1 
HETATM 1070 O  O      . HOH G 4 .  ? 5.294   -11.852 -7.782  1.00 44.09 ? 29 HOH A O      1 
HETATM 1071 O  O      . HOH G 4 .  ? -8.776  8.227   7.046   1.00 45.09 ? 30 HOH A O      1 
HETATM 1072 O  O      . HOH G 4 .  ? -7.396  4.217   13.021  1.00 46.81 ? 31 HOH A O      1 
HETATM 1073 O  O      . HOH G 4 .  ? 8.411   2.464   5.386   1.00 59.11 ? 32 HOH A O      1 
HETATM 1074 O  O      . HOH G 4 .  ? 0.074   2.733   10.960  1.00 44.19 ? 33 HOH A O      1 
HETATM 1075 O  O      . HOH G 4 .  ? 4.253   -9.242  -2.925  1.00 42.35 ? 34 HOH A O      1 
HETATM 1076 O  O      . HOH G 4 .  ? 0.715   1.806   -3.549  1.00 48.41 ? 35 HOH A O      1 
HETATM 1077 O  O      . HOH G 4 .  ? -15.332 -4.632  -16.282 1.00 50.33 ? 36 HOH A O      1 
HETATM 1078 O  O      . HOH G 4 .  ? -1.592  10.288  9.857   1.00 51.86 ? 37 HOH A O      1 
HETATM 1079 O  O      . HOH G 4 .  ? -1.495  2.055   -0.573  1.00 42.60 ? 38 HOH A O      1 
HETATM 1080 O  O      . HOH G 4 .  ? -0.894  3.687   -4.773  1.00 48.52 ? 39 HOH A O      1 
HETATM 1081 O  O      . HOH G 4 .  ? -1.798  2.663   7.326   1.00 41.62 ? 40 HOH A O      1 
HETATM 1082 O  O      . HOH G 4 .  ? -7.671  4.855   -7.272  1.00 55.09 ? 41 HOH A O      1 
HETATM 1083 O  O      . HOH G 4 .  ? -2.028  13.190  0.985   1.00 73.48 ? 42 HOH A O      1 
HETATM 1084 O  O      . HOH G 4 .  ? 8.269   1.894   9.865   1.00 54.53 ? 43 HOH A O      1 
HETATM 1085 O  O      . HOH G 4 .  ? 2.540   -1.343  15.502  1.00 51.72 ? 44 HOH A O      1 
HETATM 1086 O  O      . HOH G 4 .  ? 3.360   -1.884  7.164   1.00 53.54 ? 45 HOH A O      1 
HETATM 1087 O  O      . HOH G 4 .  ? -1.493  0.976   4.976   1.00 52.20 ? 46 HOH A O      1 
HETATM 1088 O  O      . HOH G 4 .  ? -1.793  -12.802 -9.157  1.00 66.07 ? 47 HOH A O      1 
HETATM 1089 O  O      . HOH G 4 .  ? 3.363   -8.686  -13.289 1.00 69.95 ? 48 HOH A O      1 
HETATM 1090 O  O      . HOH G 4 .  ? 15.079  4.890   8.482   1.00 52.74 ? 49 HOH A O      1 
HETATM 1091 O  O      . HOH G 4 .  ? 12.760  2.643   10.388  1.00 54.94 ? 50 HOH A O      1 
HETATM 1092 O  O      . HOH G 4 .  ? -3.066  1.920   9.547   1.00 64.07 ? 51 HOH A O      1 
HETATM 1093 O  O      . HOH G 4 .  ? 22.372  12.819  7.944   1.00 59.80 ? 52 HOH A O      1 
HETATM 1094 O  O      . HOH G 4 .  ? 22.318  6.190   11.903  1.00 60.01 ? 53 HOH A O      1 
HETATM 1095 O  O      . HOH G 4 .  ? -17.252 -17.548 -19.263 1.00 57.03 ? 54 HOH A O      1 
HETATM 1096 O  O      . HOH G 4 .  ? -6.593  -10.060 1.309   1.00 53.08 ? 55 HOH A O      1 
HETATM 1097 O  O      . HOH G 4 .  ? -16.780 -17.305 -16.501 1.00 51.68 ? 56 HOH A O      1 
HETATM 1098 O  O      . HOH G 4 .  ? 3.185   1.699   11.482  1.00 51.06 ? 57 HOH A O      1 
HETATM 1099 O  O      . HOH G 4 .  ? -7.288  -16.668 -0.445  1.00 63.71 ? 58 HOH A O      1 
HETATM 1100 O  O      . HOH G 4 .  ? 2.654   10.961  -2.657  1.00 55.74 ? 59 HOH A O      1 
HETATM 1101 O  O      . HOH G 4 .  ? -11.736 -22.200 -24.282 1.00 48.80 ? 60 HOH A O      1 
HETATM 1102 O  O      . HOH G 4 .  ? 2.934   -1.948  12.882  1.00 61.52 ? 61 HOH A O      1 
HETATM 1103 O  O      . HOH G 4 .  ? 1.438   -0.118  4.701   1.00 47.72 ? 62 HOH A O      1 
HETATM 1104 O  O      . HOH G 4 .  ? 8.141   -1.769  12.546  1.00 67.62 ? 63 HOH A O      1 
HETATM 1105 O  O      . HOH G 4 .  ? -0.015  -2.810  -6.462  1.00 43.95 ? 64 HOH A O      1 
HETATM 1106 O  O      . HOH G 4 .  ? -9.517  -1.749  7.487   1.00 63.97 ? 65 HOH A O      1 
HETATM 1107 O  O      . HOH G 4 .  ? 11.052  -3.209  8.958   1.00 66.05 ? 66 HOH A O      1 
HETATM 1108 O  O      . HOH G 4 .  ? 2.908   -0.378  9.925   1.00 66.64 ? 67 HOH A O      1 
HETATM 1109 O  O      . HOH G 4 .  ? -16.714 -12.716 -14.346 1.00 46.86 ? 68 HOH A O      1 
HETATM 1110 O  O      . HOH G 4 .  ? 13.286  4.492   6.567   1.00 47.54 ? 69 HOH A O      1 
HETATM 1111 O  O      . HOH G 4 .  ? 5.681   1.576   11.423  1.00 47.07 ? 70 HOH A O      1 
HETATM 1112 O  O      . HOH G 4 .  ? 13.613  6.472   10.373  1.00 46.96 ? 71 HOH A O      1 
HETATM 1113 O  O      . HOH G 4 .  ? -0.156  -6.662  -8.175  1.00 46.75 ? 72 HOH A O      1 
HETATM 1114 O  O      . HOH G 4 .  ? -4.891  -6.816  -6.320  1.00 46.60 ? 73 HOH A O      1 
HETATM 1115 O  O      . HOH G 4 .  ? -6.593  6.829   -5.320  1.00 47.17 ? 74 HOH A O      1 
HETATM 1116 O  O      . HOH G 4 .  ? 20.737  1.878   10.935  1.00 47.30 ? 75 HOH A O      1 
HETATM 1117 O  O      . HOH G 4 .  ? 15.606  6.463   4.660   1.00 46.91 ? 76 HOH A O      1 
HETATM 1118 O  O      . HOH G 4 .  ? -9.147  -21.142 -21.462 1.00 46.86 ? 77 HOH A O      1 
HETATM 1119 O  O      . HOH G 4 .  ? 3.714   -1.767  3.114   1.00 50.61 ? 78 HOH A O      1 
HETATM 1120 O  O      . HOH H 4 .  ? -8.882  -2.079  0.879   1.00 38.67 ? 26 HOH B O      1 
HETATM 1121 O  O      . HOH H 4 .  ? 5.650   0.005   3.557   1.00 42.77 ? 27 HOH B O      1 
HETATM 1122 O  O      . HOH H 4 .  ? -3.522  -9.948  3.328   1.00 45.68 ? 28 HOH B O      1 
HETATM 1123 O  O      . HOH H 4 .  ? 0.403   12.083  5.012   1.00 49.36 ? 29 HOH B O      1 
HETATM 1124 O  O      . HOH H 4 .  ? 0.927   0.190   -1.484  1.00 40.28 ? 30 HOH B O      1 
HETATM 1125 O  O      . HOH H 4 .  ? 2.472   -10.660 2.544   1.00 50.30 ? 31 HOH B O      1 
HETATM 1126 O  O      . HOH H 4 .  ? -3.240  -2.055  2.986   1.00 43.33 ? 32 HOH B O      1 
HETATM 1127 O  O      . HOH H 4 .  ? -7.597  0.322   -9.889  1.00 48.62 ? 33 HOH B O      1 
HETATM 1128 O  O      . HOH H 4 .  ? -4.860  -0.792  -19.788 1.00 46.68 ? 34 HOH B O      1 
HETATM 1129 O  O      . HOH H 4 .  ? -13.827 2.343   1.367   1.00 45.73 ? 35 HOH B O      1 
HETATM 1130 O  O      . HOH H 4 .  ? -4.576  0.851   -16.975 1.00 62.65 ? 36 HOH B O      1 
HETATM 1131 O  O      . HOH H 4 .  ? 0.628   15.660  6.574   1.00 78.73 ? 37 HOH B O      1 
HETATM 1132 O  O      . HOH H 4 .  ? 10.923  -3.956  6.114   1.00 50.33 ? 39 HOH B O      1 
HETATM 1133 O  O      . HOH H 4 .  ? -1.393  -0.495  1.787   1.00 42.95 ? 40 HOH B O      1 
HETATM 1134 O  O      . HOH H 4 .  ? 2.650   12.036  13.520  1.00 52.52 ? 41 HOH B O      1 
HETATM 1135 O  O      . HOH H 4 .  ? -4.642  2.103   5.595   1.00 63.63 ? 42 HOH B O      1 
HETATM 1136 O  O      . HOH H 4 .  ? 8.664   11.714  7.536   1.00 48.13 ? 43 HOH B O      1 
HETATM 1137 O  O      . HOH H 4 .  ? 3.240   12.411  0.313   1.00 51.28 ? 44 HOH B O      1 
HETATM 1138 O  O      . HOH H 4 .  ? -15.505 -2.046  -10.198 1.00 76.17 ? 45 HOH B O      1 
HETATM 1139 O  O      . HOH H 4 .  ? 4.301   -3.502  4.840   1.00 46.73 ? 46 HOH B O      1 
HETATM 1140 O  O      . HOH H 4 .  ? -6.312  -0.611  -12.338 1.00 66.85 ? 47 HOH B O      1 
HETATM 1141 O  O      . HOH H 4 .  ? -6.473  -14.907 -12.451 1.00 51.20 ? 48 HOH B O      1 
HETATM 1142 O  O      . HOH H 4 .  ? 9.951   3.314   -3.813  1.00 51.62 ? 49 HOH B O      1 
HETATM 1143 O  O      . HOH H 4 .  ? 4.577   19.384  5.304   1.00 57.91 ? 50 HOH B O      1 
HETATM 1144 O  O      . HOH H 4 .  ? 11.205  17.420  5.470   1.00 63.97 ? 51 HOH B O      1 
HETATM 1145 O  O      . HOH H 4 .  ? -10.246 -3.994  -20.700 1.00 51.38 ? 52 HOH B O      1 
HETATM 1146 O  O      . HOH H 4 .  ? 18.380  14.215  19.170  1.00 70.19 ? 53 HOH B O      1 
HETATM 1147 O  O      . HOH H 4 .  ? 9.323   12.614  10.370  1.00 46.45 ? 54 HOH B O      1 
HETATM 1148 O  O      . HOH H 4 .  ? -13.699 -5.135  -18.974 1.00 52.07 ? 55 HOH B O      1 
HETATM 1149 O  O      . HOH H 4 .  ? 7.718   9.333   -3.556  1.00 60.23 ? 56 HOH B O      1 
HETATM 1150 O  O      . HOH H 4 .  ? -13.360 -2.278  -2.399  1.00 55.90 ? 57 HOH B O      1 
HETATM 1151 O  O      . HOH H 4 .  ? -2.627  -15.018 -11.141 1.00 63.98 ? 58 HOH B O      1 
HETATM 1152 O  O      . HOH H 4 .  ? -7.641  -10.450 -21.687 1.00 46.95 ? 59 HOH B O      1 
HETATM 1153 O  O      . HOH H 4 .  ? 6.612   5.932   5.191   1.00 46.73 ? 60 HOH B O      1 
HETATM 1154 O  O      . HOH H 4 .  ? 1.493   -2.013  1.594   1.00 46.82 ? 61 HOH B O      1 
HETATM 1155 O  O      . HOH H 4 .  ? 15.928  14.359  17.993  1.00 47.09 ? 62 HOH B O      1 
HETATM 1156 O  O      . HOH H 4 .  ? -7.639  -10.753 -13.334 1.00 46.71 ? 63 HOH B O      1 
HETATM 1157 O  O      . HOH H 4 .  ? 11.282  -2.183  -2.694  1.00 46.87 ? 64 HOH B O      1 
HETATM 1158 O  O      . HOH H 4 .  ? -5.060  -11.757 -13.571 1.00 46.86 ? 65 HOH B O      1 
HETATM 1159 O  O      . HOH H 4 .  ? 10.747  13.960  8.185   1.00 46.75 ? 66 HOH B O      1 
HETATM 1160 O  O      . HOH H 4 .  ? 9.349   16.916  -0.139  1.00 47.04 ? 67 HOH B O      1 
HETATM 1161 O  O      . HOH H 4 .  ? 5.156   16.973  19.886  1.00 46.97 ? 68 HOH B O      1 
HETATM 1162 O  O      . HOH H 4 .  ? 8.633   -1.431  4.269   1.00 47.07 ? 69 HOH B O      1 
# 
loop_
_pdbx_poly_seq_scheme.asym_id 
_pdbx_poly_seq_scheme.entity_id 
_pdbx_poly_seq_scheme.seq_id 
_pdbx_poly_seq_scheme.mon_id 
_pdbx_poly_seq_scheme.ndb_seq_num 
_pdbx_poly_seq_scheme.pdb_seq_num 
_pdbx_poly_seq_scheme.auth_seq_num 
_pdbx_poly_seq_scheme.pdb_mon_id 
_pdbx_poly_seq_scheme.auth_mon_id 
_pdbx_poly_seq_scheme.pdb_strand_id 
_pdbx_poly_seq_scheme.pdb_ins_code 
_pdbx_poly_seq_scheme.hetero 
A 1 1  C   1  1  1  C   CYT A . n 
A 1 2  U   2  2  2  U   URI A . n 
A 1 3  UMS 3  3  3  UMS UMS A . n 
A 1 4  G   4  4  4  G   GUA A . n 
A 1 5  C   5  5  5  C   CYT A . n 
A 1 6  U   6  6  6  U   URI A . n 
A 1 7  G   7  7  7  G   GUA A . n 
A 1 8  A   8  8  8  A   ADE A . n 
A 1 9  A   9  9  9  A   ADE A . n 
A 1 10 G   10 10 10 G   GUA A . n 
A 1 11 U   11 11 11 U   URI A . n 
A 1 12 G   12 12 12 G   GUA A . n 
A 1 13 C   13 13 13 C   CYT A . n 
A 1 14 A   14 14 14 A   ADE A . n 
A 1 15 C   15 15 15 C   CYT A . n 
A 1 16 A   16 16 16 A   ADE A . n 
A 1 17 C   17 17 17 C   CYT A . n 
A 1 18 A   18 18 18 A   ADE A . n 
A 1 19 G   19 19 19 G   GUA A . n 
A 1 20 C   20 20 20 C   CYT A . n 
A 1 21 A   21 21 21 A   ADE A . n 
A 1 22 A   22 22 22 A   ADE A . n 
A 1 23 G   23 23 23 G   GUA A . n 
B 1 1  C   1  1  1  C   CYT B . n 
B 1 2  U   2  2  2  U   URI B . n 
B 1 3  UMS 3  3  3  UMS UMS B . n 
B 1 4  G   4  4  4  G   GUA B . n 
B 1 5  C   5  5  5  C   CYT B . n 
B 1 6  U   6  6  6  U   URI B . n 
B 1 7  G   7  7  7  G   GUA B . n 
B 1 8  A   8  8  8  A   ADE B . n 
B 1 9  A   9  9  9  A   ADE B . n 
B 1 10 G   10 10 10 G   GUA B . n 
B 1 11 U   11 11 11 U   URI B . n 
B 1 12 G   12 12 12 G   GUA B . n 
B 1 13 C   13 13 13 C   CYT B . n 
B 1 14 A   14 14 14 A   ADE B . n 
B 1 15 C   15 15 15 C   CYT B . n 
B 1 16 A   16 16 16 A   ADE B . n 
B 1 17 C   17 17 17 C   CYT B . n 
B 1 18 A   18 18 18 A   ADE B . n 
B 1 19 G   19 19 19 G   GUA B . n 
B 1 20 C   20 20 20 C   CYT B . n 
B 1 21 A   21 21 21 A   ADE B . n 
B 1 22 A   22 22 22 A   ADE B . n 
B 1 23 G   23 23 23 G   GUA B . n 
# 
loop_
_pdbx_nonpoly_scheme.asym_id 
_pdbx_nonpoly_scheme.entity_id 
_pdbx_nonpoly_scheme.mon_id 
_pdbx_nonpoly_scheme.ndb_seq_num 
_pdbx_nonpoly_scheme.pdb_seq_num 
_pdbx_nonpoly_scheme.auth_seq_num 
_pdbx_nonpoly_scheme.pdb_mon_id 
_pdbx_nonpoly_scheme.auth_mon_id 
_pdbx_nonpoly_scheme.pdb_strand_id 
_pdbx_nonpoly_scheme.pdb_ins_code 
C 2 NMY 1  24 1   NMY NEO A . 
D 3 K   1  25 2   K   K1  A . 
E 2 NMY 1  24 1   NMY NEO B . 
F 3 K   1  25 1   K   K1  B . 
G 4 HOH 1  26 1   HOH TIP A . 
G 4 HOH 2  27 4   HOH TIP A . 
G 4 HOH 3  28 5   HOH TIP A . 
G 4 HOH 4  29 6   HOH TIP A . 
G 4 HOH 5  30 8   HOH TIP A . 
G 4 HOH 6  31 9   HOH TIP A . 
G 4 HOH 7  32 10  HOH TIP A . 
G 4 HOH 8  33 12  HOH TIP A . 
G 4 HOH 9  34 14  HOH TIP A . 
G 4 HOH 10 35 17  HOH TIP A . 
G 4 HOH 11 36 19  HOH TIP A . 
G 4 HOH 12 37 23  HOH TIP A . 
G 4 HOH 13 38 24  HOH TIP A . 
G 4 HOH 14 39 25  HOH TIP A . 
G 4 HOH 15 40 26  HOH TIP A . 
G 4 HOH 16 41 28  HOH TIP A . 
G 4 HOH 17 42 29  HOH TIP A . 
G 4 HOH 18 43 30  HOH TIP A . 
G 4 HOH 19 44 33  HOH TIP A . 
G 4 HOH 20 45 34  HOH TIP A . 
G 4 HOH 21 46 36  HOH TIP A . 
G 4 HOH 22 47 39  HOH TIP A . 
G 4 HOH 23 48 42  HOH TIP A . 
G 4 HOH 24 49 43  HOH TIP A . 
G 4 HOH 25 50 45  HOH TIP A . 
G 4 HOH 26 51 47  HOH TIP A . 
G 4 HOH 27 52 49  HOH TIP A . 
G 4 HOH 28 53 50  HOH TIP A . 
G 4 HOH 29 54 53  HOH TIP A . 
G 4 HOH 30 55 55  HOH TIP A . 
G 4 HOH 31 56 57  HOH TIP A . 
G 4 HOH 32 57 60  HOH TIP A . 
G 4 HOH 33 58 61  HOH TIP A . 
G 4 HOH 34 59 62  HOH TIP A . 
G 4 HOH 35 60 65  HOH TIP A . 
G 4 HOH 36 61 70  HOH TIP A . 
G 4 HOH 37 62 71  HOH TIP A . 
G 4 HOH 38 63 75  HOH TIP A . 
G 4 HOH 39 64 76  HOH TIP A . 
G 4 HOH 40 65 77  HOH TIP A . 
G 4 HOH 41 66 82  HOH TIP A . 
G 4 HOH 42 67 83  HOH TIP A . 
G 4 HOH 43 68 87  HOH TIP A . 
G 4 HOH 44 69 89  HOH TIP A . 
G 4 HOH 45 70 91  HOH TIP A . 
G 4 HOH 46 71 92  HOH TIP A . 
G 4 HOH 47 72 95  HOH TIP A . 
G 4 HOH 48 73 98  HOH TIP A . 
G 4 HOH 49 74 105 HOH TIP A . 
G 4 HOH 50 75 108 HOH TIP A . 
G 4 HOH 51 76 111 HOH TIP A . 
G 4 HOH 52 77 112 HOH TIP A . 
G 4 HOH 53 78 35  HOH TIP A . 
H 4 HOH 1  26 2   HOH TIP B . 
H 4 HOH 2  27 7   HOH TIP B . 
H 4 HOH 3  28 11  HOH TIP B . 
H 4 HOH 4  29 13  HOH TIP B . 
H 4 HOH 5  30 15  HOH TIP B . 
H 4 HOH 6  31 16  HOH TIP B . 
H 4 HOH 7  32 18  HOH TIP B . 
H 4 HOH 8  33 20  HOH TIP B . 
H 4 HOH 9  34 22  HOH TIP B . 
H 4 HOH 10 35 27  HOH TIP B . 
H 4 HOH 11 36 31  HOH TIP B . 
H 4 HOH 12 37 32  HOH TIP B . 
H 4 HOH 13 39 37  HOH TIP B . 
H 4 HOH 14 40 38  HOH TIP B . 
H 4 HOH 15 41 40  HOH TIP B . 
H 4 HOH 16 42 41  HOH TIP B . 
H 4 HOH 17 43 44  HOH TIP B . 
H 4 HOH 18 44 51  HOH TIP B . 
H 4 HOH 19 45 52  HOH TIP B . 
H 4 HOH 20 46 54  HOH TIP B . 
H 4 HOH 21 47 58  HOH TIP B . 
H 4 HOH 22 48 59  HOH TIP B . 
H 4 HOH 23 49 64  HOH TIP B . 
H 4 HOH 24 50 66  HOH TIP B . 
H 4 HOH 25 51 67  HOH TIP B . 
H 4 HOH 26 52 69  HOH TIP B . 
H 4 HOH 27 53 73  HOH TIP B . 
H 4 HOH 28 54 74  HOH TIP B . 
H 4 HOH 29 55 78  HOH TIP B . 
H 4 HOH 30 56 80  HOH TIP B . 
H 4 HOH 31 57 81  HOH TIP B . 
H 4 HOH 32 58 85  HOH TIP B . 
H 4 HOH 33 59 88  HOH TIP B . 
H 4 HOH 34 60 90  HOH TIP B . 
H 4 HOH 35 61 97  HOH TIP B . 
H 4 HOH 36 62 99  HOH TIP B . 
H 4 HOH 37 63 100 HOH TIP B . 
H 4 HOH 38 64 101 HOH TIP B . 
H 4 HOH 39 65 102 HOH TIP B . 
H 4 HOH 40 66 104 HOH TIP B . 
H 4 HOH 41 67 106 HOH TIP B . 
H 4 HOH 42 68 109 HOH TIP B . 
H 4 HOH 43 69 110 HOH TIP B . 
# 
loop_
_pdbx_struct_mod_residue.id 
_pdbx_struct_mod_residue.label_asym_id 
_pdbx_struct_mod_residue.label_comp_id 
_pdbx_struct_mod_residue.label_seq_id 
_pdbx_struct_mod_residue.auth_asym_id 
_pdbx_struct_mod_residue.auth_comp_id 
_pdbx_struct_mod_residue.auth_seq_id 
_pdbx_struct_mod_residue.PDB_ins_code 
_pdbx_struct_mod_residue.parent_comp_id 
_pdbx_struct_mod_residue.details 
1 A UMS 3 A UMS 3 ? DU ? 
2 B UMS 3 B UMS 3 ? DU ? 
# 
_struct_site_keywords.site_id   1 
_struct_site_keywords.text      'MAJOR GROOVE BINDER' 
# 
_pdbx_struct_assembly.id                   1 
_pdbx_struct_assembly.details              author_and_software_defined_assembly 
_pdbx_struct_assembly.method_details       PISA 
_pdbx_struct_assembly.oligomeric_details   dimeric 
_pdbx_struct_assembly.oligomeric_count     2 
# 
_pdbx_struct_assembly_gen.assembly_id       1 
_pdbx_struct_assembly_gen.oper_expression   1 
_pdbx_struct_assembly_gen.asym_id_list      A,B,C,D,E,F,G,H 
# 
loop_
_pdbx_struct_assembly_prop.biol_id 
_pdbx_struct_assembly_prop.type 
_pdbx_struct_assembly_prop.value 
_pdbx_struct_assembly_prop.details 
1 'ABSA (A^2)' 6490 ? 
1 MORE         -17  ? 
1 'SSA (A^2)'  7530 ? 
# 
_pdbx_struct_oper_list.id                   1 
_pdbx_struct_oper_list.type                 'identity operation' 
_pdbx_struct_oper_list.name                 1_555 
_pdbx_struct_oper_list.symmetry_operation   x,y,z 
_pdbx_struct_oper_list.matrix[1][1]         1.0000000000 
_pdbx_struct_oper_list.matrix[1][2]         0.0000000000 
_pdbx_struct_oper_list.matrix[1][3]         0.0000000000 
_pdbx_struct_oper_list.vector[1]            0.0000000000 
_pdbx_struct_oper_list.matrix[2][1]         0.0000000000 
_pdbx_struct_oper_list.matrix[2][2]         1.0000000000 
_pdbx_struct_oper_list.matrix[2][3]         0.0000000000 
_pdbx_struct_oper_list.vector[2]            0.0000000000 
_pdbx_struct_oper_list.matrix[3][1]         0.0000000000 
_pdbx_struct_oper_list.matrix[3][2]         0.0000000000 
_pdbx_struct_oper_list.matrix[3][3]         1.0000000000 
_pdbx_struct_oper_list.vector[3]            0.0000000000 
# 
loop_
_pdbx_struct_conn_angle.id 
_pdbx_struct_conn_angle.ptnr1_label_atom_id 
_pdbx_struct_conn_angle.ptnr1_label_alt_id 
_pdbx_struct_conn_angle.ptnr1_label_asym_id 
_pdbx_struct_conn_angle.ptnr1_label_comp_id 
_pdbx_struct_conn_angle.ptnr1_label_seq_id 
_pdbx_struct_conn_angle.ptnr1_auth_atom_id 
_pdbx_struct_conn_angle.ptnr1_auth_asym_id 
_pdbx_struct_conn_angle.ptnr1_auth_comp_id 
_pdbx_struct_conn_angle.ptnr1_auth_seq_id 
_pdbx_struct_conn_angle.ptnr1_PDB_ins_code 
_pdbx_struct_conn_angle.ptnr1_symmetry 
_pdbx_struct_conn_angle.ptnr2_label_atom_id 
_pdbx_struct_conn_angle.ptnr2_label_alt_id 
_pdbx_struct_conn_angle.ptnr2_label_asym_id 
_pdbx_struct_conn_angle.ptnr2_label_comp_id 
_pdbx_struct_conn_angle.ptnr2_label_seq_id 
_pdbx_struct_conn_angle.ptnr2_auth_atom_id 
_pdbx_struct_conn_angle.ptnr2_auth_asym_id 
_pdbx_struct_conn_angle.ptnr2_auth_comp_id 
_pdbx_struct_conn_angle.ptnr2_auth_seq_id 
_pdbx_struct_conn_angle.ptnr2_PDB_ins_code 
_pdbx_struct_conn_angle.ptnr2_symmetry 
_pdbx_struct_conn_angle.ptnr3_label_atom_id 
_pdbx_struct_conn_angle.ptnr3_label_alt_id 
_pdbx_struct_conn_angle.ptnr3_label_asym_id 
_pdbx_struct_conn_angle.ptnr3_label_comp_id 
_pdbx_struct_conn_angle.ptnr3_label_seq_id 
_pdbx_struct_conn_angle.ptnr3_auth_atom_id 
_pdbx_struct_conn_angle.ptnr3_auth_asym_id 
_pdbx_struct_conn_angle.ptnr3_auth_comp_id 
_pdbx_struct_conn_angle.ptnr3_auth_seq_id 
_pdbx_struct_conn_angle.ptnr3_PDB_ins_code 
_pdbx_struct_conn_angle.ptnr3_symmetry 
_pdbx_struct_conn_angle.value 
_pdbx_struct_conn_angle.value_esd 
1 O4 ? B UMS 3 ? B UMS 3 ? 1_555 K ? F K . ? B K 25 ? 1_555 O6 ? B G   4 ? B G   4  ? 1_555 75.3 ? 
2 O4 ? B UMS 3 ? B UMS 3 ? 1_555 K ? F K . ? B K 25 ? 1_555 O  ? H HOH . ? B HOH 63 ? 1_555 82.6 ? 
3 O6 ? B G   4 ? B G   4 ? 1_555 K ? F K . ? B K 25 ? 1_555 O  ? H HOH . ? B HOH 63 ? 1_555 80.4 ? 
# 
loop_
_pdbx_audit_revision_history.ordinal 
_pdbx_audit_revision_history.data_content_type 
_pdbx_audit_revision_history.major_revision 
_pdbx_audit_revision_history.minor_revision 
_pdbx_audit_revision_history.revision_date 
1 'Structure model' 1 0 2008-05-06 
2 'Structure model' 1 1 2011-07-13 
3 'Structure model' 1 2 2019-12-11 
4 'Structure model' 1 3 2023-11-01 
# 
_pdbx_audit_revision_details.ordinal             1 
_pdbx_audit_revision_details.revision_ordinal    1 
_pdbx_audit_revision_details.data_content_type   'Structure model' 
_pdbx_audit_revision_details.provider            repository 
_pdbx_audit_revision_details.type                'Initial release' 
_pdbx_audit_revision_details.description         ? 
_pdbx_audit_revision_details.details             ? 
# 
loop_
_pdbx_audit_revision_group.ordinal 
_pdbx_audit_revision_group.revision_ordinal 
_pdbx_audit_revision_group.data_content_type 
_pdbx_audit_revision_group.group 
1 2 'Structure model' 'Version format compliance' 
2 3 'Structure model' 'Data collection'           
3 3 'Structure model' 'Derived calculations'      
4 4 'Structure model' 'Data collection'           
5 4 'Structure model' 'Database references'       
6 4 'Structure model' 'Derived calculations'      
7 4 'Structure model' 'Refinement description'    
# 
loop_
_pdbx_audit_revision_category.ordinal 
_pdbx_audit_revision_category.revision_ordinal 
_pdbx_audit_revision_category.data_content_type 
_pdbx_audit_revision_category.category 
1 3 'Structure model' reflns                        
2 3 'Structure model' struct_conn                   
3 4 'Structure model' chem_comp_atom                
4 4 'Structure model' chem_comp_bond                
5 4 'Structure model' database_2                    
6 4 'Structure model' pdbx_initial_refinement_model 
7 4 'Structure model' struct_conn                   
8 4 'Structure model' struct_conn_type              
9 4 'Structure model' struct_site                   
# 
loop_
_pdbx_audit_revision_item.ordinal 
_pdbx_audit_revision_item.revision_ordinal 
_pdbx_audit_revision_item.data_content_type 
_pdbx_audit_revision_item.item 
1  3 'Structure model' '_reflns.pdbx_Rsym_value'             
2  3 'Structure model' '_struct_conn.pdbx_leaving_atom_flag' 
3  4 'Structure model' '_database_2.pdbx_DOI'                
4  4 'Structure model' '_database_2.pdbx_database_accession' 
5  4 'Structure model' '_struct_conn.conn_type_id'           
6  4 'Structure model' '_struct_conn.id'                     
7  4 'Structure model' '_struct_conn.pdbx_dist_value'        
8  4 'Structure model' '_struct_conn.pdbx_leaving_atom_flag' 
9  4 'Structure model' '_struct_conn.ptnr1_auth_asym_id'     
10 4 'Structure model' '_struct_conn.ptnr1_auth_comp_id'     
11 4 'Structure model' '_struct_conn.ptnr1_auth_seq_id'      
12 4 'Structure model' '_struct_conn.ptnr1_label_asym_id'    
13 4 'Structure model' '_struct_conn.ptnr1_label_atom_id'    
14 4 'Structure model' '_struct_conn.ptnr1_label_comp_id'    
15 4 'Structure model' '_struct_conn.ptnr1_label_seq_id'     
16 4 'Structure model' '_struct_conn.ptnr2_auth_asym_id'     
17 4 'Structure model' '_struct_conn.ptnr2_auth_comp_id'     
18 4 'Structure model' '_struct_conn.ptnr2_auth_seq_id'      
19 4 'Structure model' '_struct_conn.ptnr2_label_asym_id'    
20 4 'Structure model' '_struct_conn.ptnr2_label_atom_id'    
21 4 'Structure model' '_struct_conn.ptnr2_label_comp_id'    
22 4 'Structure model' '_struct_conn.ptnr2_label_seq_id'     
23 4 'Structure model' '_struct_conn_type.id'                
24 4 'Structure model' '_struct_site.pdbx_auth_asym_id'      
25 4 'Structure model' '_struct_site.pdbx_auth_comp_id'      
26 4 'Structure model' '_struct_site.pdbx_auth_seq_id'       
# 
loop_
_software.name 
_software.classification 
_software.version 
_software.citation_id 
_software.pdbx_ordinal 
CNS       refinement        1.1 ? 1 
DNA       'data collection' .   ? 2 
DENZO     'data reduction'  .   ? 3 
SCALEPACK 'data scaling'    .   ? 4 
MOLREP    phasing           .   ? 5 
# 
loop_
_chem_comp_atom.comp_id 
_chem_comp_atom.atom_id 
_chem_comp_atom.type_symbol 
_chem_comp_atom.pdbx_aromatic_flag 
_chem_comp_atom.pdbx_stereo_config 
_chem_comp_atom.pdbx_ordinal 
A   OP3    O  N N 1   
A   P      P  N N 2   
A   OP1    O  N N 3   
A   OP2    O  N N 4   
A   "O5'"  O  N N 5   
A   "C5'"  C  N N 6   
A   "C4'"  C  N R 7   
A   "O4'"  O  N N 8   
A   "C3'"  C  N S 9   
A   "O3'"  O  N N 10  
A   "C2'"  C  N R 11  
A   "O2'"  O  N N 12  
A   "C1'"  C  N R 13  
A   N9     N  Y N 14  
A   C8     C  Y N 15  
A   N7     N  Y N 16  
A   C5     C  Y N 17  
A   C6     C  Y N 18  
A   N6     N  N N 19  
A   N1     N  Y N 20  
A   C2     C  Y N 21  
A   N3     N  Y N 22  
A   C4     C  Y N 23  
A   HOP3   H  N N 24  
A   HOP2   H  N N 25  
A   "H5'"  H  N N 26  
A   "H5''" H  N N 27  
A   "H4'"  H  N N 28  
A   "H3'"  H  N N 29  
A   "HO3'" H  N N 30  
A   "H2'"  H  N N 31  
A   "HO2'" H  N N 32  
A   "H1'"  H  N N 33  
A   H8     H  N N 34  
A   H61    H  N N 35  
A   H62    H  N N 36  
A   H2     H  N N 37  
C   OP3    O  N N 38  
C   P      P  N N 39  
C   OP1    O  N N 40  
C   OP2    O  N N 41  
C   "O5'"  O  N N 42  
C   "C5'"  C  N N 43  
C   "C4'"  C  N R 44  
C   "O4'"  O  N N 45  
C   "C3'"  C  N S 46  
C   "O3'"  O  N N 47  
C   "C2'"  C  N R 48  
C   "O2'"  O  N N 49  
C   "C1'"  C  N R 50  
C   N1     N  N N 51  
C   C2     C  N N 52  
C   O2     O  N N 53  
C   N3     N  N N 54  
C   C4     C  N N 55  
C   N4     N  N N 56  
C   C5     C  N N 57  
C   C6     C  N N 58  
C   HOP3   H  N N 59  
C   HOP2   H  N N 60  
C   "H5'"  H  N N 61  
C   "H5''" H  N N 62  
C   "H4'"  H  N N 63  
C   "H3'"  H  N N 64  
C   "HO3'" H  N N 65  
C   "H2'"  H  N N 66  
C   "HO2'" H  N N 67  
C   "H1'"  H  N N 68  
C   H41    H  N N 69  
C   H42    H  N N 70  
C   H5     H  N N 71  
C   H6     H  N N 72  
G   OP3    O  N N 73  
G   P      P  N N 74  
G   OP1    O  N N 75  
G   OP2    O  N N 76  
G   "O5'"  O  N N 77  
G   "C5'"  C  N N 78  
G   "C4'"  C  N R 79  
G   "O4'"  O  N N 80  
G   "C3'"  C  N S 81  
G   "O3'"  O  N N 82  
G   "C2'"  C  N R 83  
G   "O2'"  O  N N 84  
G   "C1'"  C  N R 85  
G   N9     N  Y N 86  
G   C8     C  Y N 87  
G   N7     N  Y N 88  
G   C5     C  Y N 89  
G   C6     C  N N 90  
G   O6     O  N N 91  
G   N1     N  N N 92  
G   C2     C  N N 93  
G   N2     N  N N 94  
G   N3     N  N N 95  
G   C4     C  Y N 96  
G   HOP3   H  N N 97  
G   HOP2   H  N N 98  
G   "H5'"  H  N N 99  
G   "H5''" H  N N 100 
G   "H4'"  H  N N 101 
G   "H3'"  H  N N 102 
G   "HO3'" H  N N 103 
G   "H2'"  H  N N 104 
G   "HO2'" H  N N 105 
G   "H1'"  H  N N 106 
G   H8     H  N N 107 
G   H1     H  N N 108 
G   H21    H  N N 109 
G   H22    H  N N 110 
HOH O      O  N N 111 
HOH H1     H  N N 112 
HOH H2     H  N N 113 
K   K      K  N N 114 
NMY C1     C  N R 115 
NMY O1     O  N N 116 
NMY C2     C  N R 117 
NMY N2     N  N N 118 
NMY C3     C  N R 119 
NMY O3     O  N N 120 
NMY C4     C  N S 121 
NMY O4     O  N N 122 
NMY C5     C  N R 123 
NMY O5     O  N N 124 
NMY C6     C  N N 125 
NMY C7     C  N R 126 
NMY N7     N  N N 127 
NMY C12    C  N S 128 
NMY C11    C  N R 129 
NMY O11    O  N N 130 
NMY C10    C  N R 131 
NMY C9     C  N S 132 
NMY N9     N  N N 133 
NMY C8     C  N N 134 
NMY C13    C  N S 135 
NMY C14    C  N R 136 
NMY C15    C  N S 137 
NMY C16    C  N R 138 
NMY O16    O  N N 139 
NMY C17    C  N N 140 
NMY C21    C  N S 141 
NMY C20    C  N R 142 
NMY C19    C  N R 143 
NMY C18    C  N R 144 
NMY O18    O  N N 145 
NMY C22    C  N S 146 
NMY O22    O  N N 147 
NMY C23    C  N N 148 
NMY N6     N  N N 149 
NMY O14    O  N N 150 
NMY O20    O  N N 151 
NMY O21    O  N N 152 
NMY O17    O  N N 153 
NMY O12    O  N N 154 
NMY N19    N  N N 155 
NMY N23    N  N N 156 
NMY H1     H  N N 157 
NMY H2     H  N N 158 
NMY HN21   H  N N 159 
NMY HN22   H  N N 160 
NMY H3     H  N N 161 
NMY HO3    H  N N 162 
NMY H4     H  N N 163 
NMY HO4    H  N N 164 
NMY H5     H  N N 165 
NMY H61    H  N N 166 
NMY H62    H  N N 167 
NMY H7     H  N N 168 
NMY H71    H  N N 169 
NMY H72    H  N N 170 
NMY H12    H  N N 171 
NMY H11    H  N N 172 
NMY H10    H  N N 173 
NMY H9     H  N N 174 
NMY H91    H  N N 175 
NMY H92    H  N N 176 
NMY H81    H  N N 177 
NMY H82    H  N N 178 
NMY H13    H  N N 179 
NMY H14    H  N N 180 
NMY H15    H  N N 181 
NMY H16    H  N N 182 
NMY H171   H  N N 183 
NMY H172   H  N N 184 
NMY H21    H  N N 185 
NMY H20    H  N N 186 
NMY H19    H  N N 187 
NMY H18    H  N N 188 
NMY H22    H  N N 189 
NMY H231   H  N N 190 
NMY H232   H  N N 191 
NMY HN61   H  N N 192 
NMY HN62   H  N N 193 
NMY HO41   H  N N 194 
NMY HO22   H  N N 195 
NMY HO21   H  N N 196 
NMY H17    H  N N 197 
NMY HO12   H  N N 198 
NMY H191   H  N N 199 
NMY H192   H  N N 200 
NMY HN31   H  N N 201 
NMY HN32   H  N N 202 
U   OP3    O  N N 203 
U   P      P  N N 204 
U   OP1    O  N N 205 
U   OP2    O  N N 206 
U   "O5'"  O  N N 207 
U   "C5'"  C  N N 208 
U   "C4'"  C  N R 209 
U   "O4'"  O  N N 210 
U   "C3'"  C  N S 211 
U   "O3'"  O  N N 212 
U   "C2'"  C  N R 213 
U   "O2'"  O  N N 214 
U   "C1'"  C  N R 215 
U   N1     N  N N 216 
U   C2     C  N N 217 
U   O2     O  N N 218 
U   N3     N  N N 219 
U   C4     C  N N 220 
U   O4     O  N N 221 
U   C5     C  N N 222 
U   C6     C  N N 223 
U   HOP3   H  N N 224 
U   HOP2   H  N N 225 
U   "H5'"  H  N N 226 
U   "H5''" H  N N 227 
U   "H4'"  H  N N 228 
U   "H3'"  H  N N 229 
U   "HO3'" H  N N 230 
U   "H2'"  H  N N 231 
U   "HO2'" H  N N 232 
U   "H1'"  H  N N 233 
U   H3     H  N N 234 
U   H5     H  N N 235 
U   H6     H  N N 236 
UMS OP3    O  N N 237 
UMS P      P  N N 238 
UMS OP1    O  N N 239 
UMS OP2    O  N N 240 
UMS "O5'"  O  N N 241 
UMS "C5'"  C  N N 242 
UMS "C4'"  C  N R 243 
UMS "O4'"  O  N N 244 
UMS "C3'"  C  N R 245 
UMS "O3'"  O  N N 246 
UMS "C2'"  C  N R 247 
UMS "SE2'" SE N N 248 
UMS "C1'"  C  N R 249 
UMS "CA'"  C  N N 250 
UMS N1     N  N N 251 
UMS C2     C  N N 252 
UMS O2     O  N N 253 
UMS N3     N  N N 254 
UMS C4     C  N N 255 
UMS O4     O  N N 256 
UMS C5     C  N N 257 
UMS C6     C  N N 258 
UMS HOP3   H  N N 259 
UMS HOP2   H  N N 260 
UMS "H5'"  H  N N 261 
UMS "H5'2" H  N N 262 
UMS "H4'"  H  N N 263 
UMS "H3'"  H  N N 264 
UMS "HO3'" H  N N 265 
UMS "H2'"  H  N N 266 
UMS "H1'"  H  N N 267 
UMS "HA'"  H  N N 268 
UMS "HA'2" H  N N 269 
UMS "HA'3" H  N N 270 
UMS H3     H  N N 271 
UMS H5     H  N N 272 
UMS H6     H  N N 273 
# 
loop_
_chem_comp_bond.comp_id 
_chem_comp_bond.atom_id_1 
_chem_comp_bond.atom_id_2 
_chem_comp_bond.value_order 
_chem_comp_bond.pdbx_aromatic_flag 
_chem_comp_bond.pdbx_stereo_config 
_chem_comp_bond.pdbx_ordinal 
A   OP3    P      sing N N 1   
A   OP3    HOP3   sing N N 2   
A   P      OP1    doub N N 3   
A   P      OP2    sing N N 4   
A   P      "O5'"  sing N N 5   
A   OP2    HOP2   sing N N 6   
A   "O5'"  "C5'"  sing N N 7   
A   "C5'"  "C4'"  sing N N 8   
A   "C5'"  "H5'"  sing N N 9   
A   "C5'"  "H5''" sing N N 10  
A   "C4'"  "O4'"  sing N N 11  
A   "C4'"  "C3'"  sing N N 12  
A   "C4'"  "H4'"  sing N N 13  
A   "O4'"  "C1'"  sing N N 14  
A   "C3'"  "O3'"  sing N N 15  
A   "C3'"  "C2'"  sing N N 16  
A   "C3'"  "H3'"  sing N N 17  
A   "O3'"  "HO3'" sing N N 18  
A   "C2'"  "O2'"  sing N N 19  
A   "C2'"  "C1'"  sing N N 20  
A   "C2'"  "H2'"  sing N N 21  
A   "O2'"  "HO2'" sing N N 22  
A   "C1'"  N9     sing N N 23  
A   "C1'"  "H1'"  sing N N 24  
A   N9     C8     sing Y N 25  
A   N9     C4     sing Y N 26  
A   C8     N7     doub Y N 27  
A   C8     H8     sing N N 28  
A   N7     C5     sing Y N 29  
A   C5     C6     sing Y N 30  
A   C5     C4     doub Y N 31  
A   C6     N6     sing N N 32  
A   C6     N1     doub Y N 33  
A   N6     H61    sing N N 34  
A   N6     H62    sing N N 35  
A   N1     C2     sing Y N 36  
A   C2     N3     doub Y N 37  
A   C2     H2     sing N N 38  
A   N3     C4     sing Y N 39  
C   OP3    P      sing N N 40  
C   OP3    HOP3   sing N N 41  
C   P      OP1    doub N N 42  
C   P      OP2    sing N N 43  
C   P      "O5'"  sing N N 44  
C   OP2    HOP2   sing N N 45  
C   "O5'"  "C5'"  sing N N 46  
C   "C5'"  "C4'"  sing N N 47  
C   "C5'"  "H5'"  sing N N 48  
C   "C5'"  "H5''" sing N N 49  
C   "C4'"  "O4'"  sing N N 50  
C   "C4'"  "C3'"  sing N N 51  
C   "C4'"  "H4'"  sing N N 52  
C   "O4'"  "C1'"  sing N N 53  
C   "C3'"  "O3'"  sing N N 54  
C   "C3'"  "C2'"  sing N N 55  
C   "C3'"  "H3'"  sing N N 56  
C   "O3'"  "HO3'" sing N N 57  
C   "C2'"  "O2'"  sing N N 58  
C   "C2'"  "C1'"  sing N N 59  
C   "C2'"  "H2'"  sing N N 60  
C   "O2'"  "HO2'" sing N N 61  
C   "C1'"  N1     sing N N 62  
C   "C1'"  "H1'"  sing N N 63  
C   N1     C2     sing N N 64  
C   N1     C6     sing N N 65  
C   C2     O2     doub N N 66  
C   C2     N3     sing N N 67  
C   N3     C4     doub N N 68  
C   C4     N4     sing N N 69  
C   C4     C5     sing N N 70  
C   N4     H41    sing N N 71  
C   N4     H42    sing N N 72  
C   C5     C6     doub N N 73  
C   C5     H5     sing N N 74  
C   C6     H6     sing N N 75  
G   OP3    P      sing N N 76  
G   OP3    HOP3   sing N N 77  
G   P      OP1    doub N N 78  
G   P      OP2    sing N N 79  
G   P      "O5'"  sing N N 80  
G   OP2    HOP2   sing N N 81  
G   "O5'"  "C5'"  sing N N 82  
G   "C5'"  "C4'"  sing N N 83  
G   "C5'"  "H5'"  sing N N 84  
G   "C5'"  "H5''" sing N N 85  
G   "C4'"  "O4'"  sing N N 86  
G   "C4'"  "C3'"  sing N N 87  
G   "C4'"  "H4'"  sing N N 88  
G   "O4'"  "C1'"  sing N N 89  
G   "C3'"  "O3'"  sing N N 90  
G   "C3'"  "C2'"  sing N N 91  
G   "C3'"  "H3'"  sing N N 92  
G   "O3'"  "HO3'" sing N N 93  
G   "C2'"  "O2'"  sing N N 94  
G   "C2'"  "C1'"  sing N N 95  
G   "C2'"  "H2'"  sing N N 96  
G   "O2'"  "HO2'" sing N N 97  
G   "C1'"  N9     sing N N 98  
G   "C1'"  "H1'"  sing N N 99  
G   N9     C8     sing Y N 100 
G   N9     C4     sing Y N 101 
G   C8     N7     doub Y N 102 
G   C8     H8     sing N N 103 
G   N7     C5     sing Y N 104 
G   C5     C6     sing N N 105 
G   C5     C4     doub Y N 106 
G   C6     O6     doub N N 107 
G   C6     N1     sing N N 108 
G   N1     C2     sing N N 109 
G   N1     H1     sing N N 110 
G   C2     N2     sing N N 111 
G   C2     N3     doub N N 112 
G   N2     H21    sing N N 113 
G   N2     H22    sing N N 114 
G   N3     C4     sing N N 115 
HOH O      H1     sing N N 116 
HOH O      H2     sing N N 117 
NMY C1     O5     sing N N 118 
NMY C1     O1     sing N N 119 
NMY C1     C2     sing N N 120 
NMY C1     H1     sing N N 121 
NMY O1     C10    sing N N 122 
NMY C2     N2     sing N N 123 
NMY C2     C3     sing N N 124 
NMY C2     H2     sing N N 125 
NMY N2     HN21   sing N N 126 
NMY N2     HN22   sing N N 127 
NMY C3     C4     sing N N 128 
NMY C3     O3     sing N N 129 
NMY C3     H3     sing N N 130 
NMY O3     HO3    sing N N 131 
NMY C4     C5     sing N N 132 
NMY C4     O4     sing N N 133 
NMY C4     H4     sing N N 134 
NMY O4     HO4    sing N N 135 
NMY C5     O5     sing N N 136 
NMY C5     C6     sing N N 137 
NMY C5     H5     sing N N 138 
NMY C6     N6     sing N N 139 
NMY C6     H61    sing N N 140 
NMY C6     H62    sing N N 141 
NMY C7     N7     sing N N 142 
NMY C7     C12    sing N N 143 
NMY C7     C8     sing N N 144 
NMY C7     H7     sing N N 145 
NMY N7     H71    sing N N 146 
NMY N7     H72    sing N N 147 
NMY C12    O12    sing N N 148 
NMY C12    C11    sing N N 149 
NMY C12    H12    sing N N 150 
NMY C11    O11    sing N N 151 
NMY C11    C10    sing N N 152 
NMY C11    H11    sing N N 153 
NMY O11    C13    sing N N 154 
NMY C10    C9     sing N N 155 
NMY C10    H10    sing N N 156 
NMY C9     C8     sing N N 157 
NMY C9     N9     sing N N 158 
NMY C9     H9     sing N N 159 
NMY N9     H91    sing N N 160 
NMY N9     H92    sing N N 161 
NMY C8     H81    sing N N 162 
NMY C8     H82    sing N N 163 
NMY C13    C14    sing N N 164 
NMY C13    O16    sing N N 165 
NMY C13    H13    sing N N 166 
NMY C14    O14    sing N N 167 
NMY C14    C15    sing N N 168 
NMY C14    H14    sing N N 169 
NMY C15    O18    sing N N 170 
NMY C15    C16    sing N N 171 
NMY C15    H15    sing N N 172 
NMY C16    O16    sing N N 173 
NMY C16    C17    sing N N 174 
NMY C16    H16    sing N N 175 
NMY C17    O17    sing N N 176 
NMY C17    H171   sing N N 177 
NMY C17    H172   sing N N 178 
NMY C21    C20    sing N N 179 
NMY C21    C22    sing N N 180 
NMY C21    O21    sing N N 181 
NMY C21    H21    sing N N 182 
NMY C20    C19    sing N N 183 
NMY C20    O20    sing N N 184 
NMY C20    H20    sing N N 185 
NMY C19    N23    sing N N 186 
NMY C19    C18    sing N N 187 
NMY C19    H19    sing N N 188 
NMY C18    O22    sing N N 189 
NMY C18    O18    sing N N 190 
NMY C18    H18    sing N N 191 
NMY C22    O22    sing N N 192 
NMY C22    C23    sing N N 193 
NMY C22    H22    sing N N 194 
NMY C23    N19    sing N N 195 
NMY C23    H231   sing N N 196 
NMY C23    H232   sing N N 197 
NMY N6     HN61   sing N N 198 
NMY N6     HN62   sing N N 199 
NMY O14    HO41   sing N N 200 
NMY O20    HO22   sing N N 201 
NMY O21    HO21   sing N N 202 
NMY O17    H17    sing N N 203 
NMY O12    HO12   sing N N 204 
NMY N19    H191   sing N N 205 
NMY N19    H192   sing N N 206 
NMY N23    HN31   sing N N 207 
NMY N23    HN32   sing N N 208 
U   OP3    P      sing N N 209 
U   OP3    HOP3   sing N N 210 
U   P      OP1    doub N N 211 
U   P      OP2    sing N N 212 
U   P      "O5'"  sing N N 213 
U   OP2    HOP2   sing N N 214 
U   "O5'"  "C5'"  sing N N 215 
U   "C5'"  "C4'"  sing N N 216 
U   "C5'"  "H5'"  sing N N 217 
U   "C5'"  "H5''" sing N N 218 
U   "C4'"  "O4'"  sing N N 219 
U   "C4'"  "C3'"  sing N N 220 
U   "C4'"  "H4'"  sing N N 221 
U   "O4'"  "C1'"  sing N N 222 
U   "C3'"  "O3'"  sing N N 223 
U   "C3'"  "C2'"  sing N N 224 
U   "C3'"  "H3'"  sing N N 225 
U   "O3'"  "HO3'" sing N N 226 
U   "C2'"  "O2'"  sing N N 227 
U   "C2'"  "C1'"  sing N N 228 
U   "C2'"  "H2'"  sing N N 229 
U   "O2'"  "HO2'" sing N N 230 
U   "C1'"  N1     sing N N 231 
U   "C1'"  "H1'"  sing N N 232 
U   N1     C2     sing N N 233 
U   N1     C6     sing N N 234 
U   C2     O2     doub N N 235 
U   C2     N3     sing N N 236 
U   N3     C4     sing N N 237 
U   N3     H3     sing N N 238 
U   C4     O4     doub N N 239 
U   C4     C5     sing N N 240 
U   C5     C6     doub N N 241 
U   C5     H5     sing N N 242 
U   C6     H6     sing N N 243 
UMS OP3    P      sing N N 244 
UMS OP3    HOP3   sing N N 245 
UMS P      OP1    doub N N 246 
UMS P      OP2    sing N N 247 
UMS P      "O5'"  sing N N 248 
UMS OP2    HOP2   sing N N 249 
UMS "O5'"  "C5'"  sing N N 250 
UMS "C5'"  "C4'"  sing N N 251 
UMS "C5'"  "H5'"  sing N N 252 
UMS "C5'"  "H5'2" sing N N 253 
UMS "C4'"  "O4'"  sing N N 254 
UMS "C4'"  "C3'"  sing N N 255 
UMS "C4'"  "H4'"  sing N N 256 
UMS "O4'"  "C1'"  sing N N 257 
UMS "C3'"  "O3'"  sing N N 258 
UMS "C3'"  "C2'"  sing N N 259 
UMS "C3'"  "H3'"  sing N N 260 
UMS "O3'"  "HO3'" sing N N 261 
UMS "C2'"  "SE2'" sing N N 262 
UMS "C2'"  "C1'"  sing N N 263 
UMS "C2'"  "H2'"  sing N N 264 
UMS "SE2'" "CA'"  sing N N 265 
UMS "C1'"  N1     sing N N 266 
UMS "C1'"  "H1'"  sing N N 267 
UMS "CA'"  "HA'"  sing N N 268 
UMS "CA'"  "HA'2" sing N N 269 
UMS "CA'"  "HA'3" sing N N 270 
UMS N1     C2     sing N N 271 
UMS N1     C6     sing N N 272 
UMS C2     O2     doub N N 273 
UMS C2     N3     sing N N 274 
UMS N3     C4     sing N N 275 
UMS N3     H3     sing N N 276 
UMS C4     O4     doub N N 277 
UMS C4     C5     sing N N 278 
UMS C5     C6     doub N N 279 
UMS C5     H5     sing N N 280 
UMS C6     H6     sing N N 281 
# 
loop_
_ndb_struct_conf_na.entry_id 
_ndb_struct_conf_na.feature 
3C7R 'double helix'        
3C7R 'a-form double helix' 
3C7R 'internal loop'       
# 
loop_
_ndb_struct_na_base_pair.model_number 
_ndb_struct_na_base_pair.i_label_asym_id 
_ndb_struct_na_base_pair.i_label_comp_id 
_ndb_struct_na_base_pair.i_label_seq_id 
_ndb_struct_na_base_pair.i_symmetry 
_ndb_struct_na_base_pair.j_label_asym_id 
_ndb_struct_na_base_pair.j_label_comp_id 
_ndb_struct_na_base_pair.j_label_seq_id 
_ndb_struct_na_base_pair.j_symmetry 
_ndb_struct_na_base_pair.shear 
_ndb_struct_na_base_pair.stretch 
_ndb_struct_na_base_pair.stagger 
_ndb_struct_na_base_pair.buckle 
_ndb_struct_na_base_pair.propeller 
_ndb_struct_na_base_pair.opening 
_ndb_struct_na_base_pair.pair_number 
_ndb_struct_na_base_pair.pair_name 
_ndb_struct_na_base_pair.i_auth_asym_id 
_ndb_struct_na_base_pair.i_auth_seq_id 
_ndb_struct_na_base_pair.i_PDB_ins_code 
_ndb_struct_na_base_pair.j_auth_asym_id 
_ndb_struct_na_base_pair.j_auth_seq_id 
_ndb_struct_na_base_pair.j_PDB_ins_code 
_ndb_struct_na_base_pair.hbond_type_28 
_ndb_struct_na_base_pair.hbond_type_12 
1 A C   1  1_555 B G   23 1_555 -0.063 -0.262 -0.032 11.910 -19.445 -2.470 1  A_C1:G23_B   A 1  ? B 23 ? 19 1 
1 A U   2  1_555 B A   22 1_555 -0.119 -0.326 -0.042 0.806  -15.236 1.228  2  A_U2:A22_B   A 2  ? B 22 ? 20 1 
1 A UMS 3  1_555 B A   21 1_555 0.088  -0.455 -0.133 3.951  -10.389 0.734  3  A_UMS3:A21_B A 3  ? B 21 ? 20 1 
1 A G   4  1_555 B C   20 1_555 -0.150 -0.234 -0.153 -2.782 -16.582 -0.347 4  A_G4:C20_B   A 4  ? B 20 ? 19 1 
1 A C   5  1_555 B G   19 1_555 0.204  -0.165 -0.043 0.486  -12.691 1.455  5  A_C5:G19_B   A 5  ? B 19 ? 19 1 
1 A U   6  1_555 B A   18 1_555 -0.080 -0.201 0.099  1.773  -10.185 6.588  6  A_U6:A18_B   A 6  ? B 18 ? 20 1 
1 A G   7  1_555 B C   17 1_555 -0.290 -0.086 -0.088 -9.148 -25.425 4.569  7  A_G7:C17_B   A 7  ? B 17 ? 19 1 
1 A G   10 1_555 B C   15 1_555 -0.511 -0.276 -0.236 -3.142 -4.879  -1.301 8  A_G10:C15_B  A 10 ? B 15 ? 19 1 
1 A U   11 1_555 B A   14 1_555 -0.140 -0.229 -0.001 -0.693 -7.626  1.473  9  A_U11:A14_B  A 11 ? B 14 ? 20 1 
1 A G   12 1_555 B C   13 1_555 -0.229 -0.232 0.197  3.516  -6.840  2.134  10 A_G12:C13_B  A 12 ? B 13 ? 19 1 
1 A C   13 1_555 B G   12 1_555 0.319  -0.220 -0.132 4.835  -14.752 3.946  11 A_C13:G12_B  A 13 ? B 12 ? 19 1 
1 A A   14 1_555 B U   11 1_555 0.276  -0.042 -0.198 -6.735 -6.474  0.784  12 A_A14:U11_B  A 14 ? B 11 ? 20 1 
1 A C   15 1_555 B G   10 1_555 0.349  -0.210 -0.094 1.442  -2.630  -0.938 13 A_C15:G10_B  A 15 ? B 10 ? 19 1 
1 A C   17 1_555 B G   7  1_555 0.268  -0.171 -0.254 9.336  -24.294 4.872  14 A_C17:G7_B   A 17 ? B 7  ? 19 1 
1 A A   18 1_555 B U   6  1_555 -0.168 -0.157 0.082  -1.324 -16.573 7.944  15 A_A18:U6_B   A 18 ? B 6  ? 20 1 
1 A G   19 1_555 B C   5  1_555 -0.100 -0.192 0.033  2.261  -14.244 1.054  16 A_G19:C5_B   A 19 ? B 5  ? 19 1 
1 A C   20 1_555 B G   4  1_555 0.140  -0.133 0.011  1.972  -12.545 2.531  17 A_C20:G4_B   A 20 ? B 4  ? 19 1 
1 A A   21 1_555 B UMS 3  1_555 -0.237 -0.122 -0.072 -7.584 -12.165 4.746  18 A_A21:UMS3_B A 21 ? B 3  ? 20 1 
1 A A   22 1_555 B U   2  1_555 0.119  -0.290 0.238  1.133  -8.548  1.136  19 A_A22:U2_B   A 22 ? B 2  ? 20 1 
1 A G   23 1_555 B C   1  1_555 0.121  -0.147 -0.046 -6.660 -21.835 3.042  20 A_G23:C1_B   A 23 ? B 1  ? 19 1 
# 
loop_
_ndb_struct_na_base_pair_step.model_number 
_ndb_struct_na_base_pair_step.i_label_asym_id_1 
_ndb_struct_na_base_pair_step.i_label_comp_id_1 
_ndb_struct_na_base_pair_step.i_label_seq_id_1 
_ndb_struct_na_base_pair_step.i_symmetry_1 
_ndb_struct_na_base_pair_step.j_label_asym_id_1 
_ndb_struct_na_base_pair_step.j_label_comp_id_1 
_ndb_struct_na_base_pair_step.j_label_seq_id_1 
_ndb_struct_na_base_pair_step.j_symmetry_1 
_ndb_struct_na_base_pair_step.i_label_asym_id_2 
_ndb_struct_na_base_pair_step.i_label_comp_id_2 
_ndb_struct_na_base_pair_step.i_label_seq_id_2 
_ndb_struct_na_base_pair_step.i_symmetry_2 
_ndb_struct_na_base_pair_step.j_label_asym_id_2 
_ndb_struct_na_base_pair_step.j_label_comp_id_2 
_ndb_struct_na_base_pair_step.j_label_seq_id_2 
_ndb_struct_na_base_pair_step.j_symmetry_2 
_ndb_struct_na_base_pair_step.shift 
_ndb_struct_na_base_pair_step.slide 
_ndb_struct_na_base_pair_step.rise 
_ndb_struct_na_base_pair_step.tilt 
_ndb_struct_na_base_pair_step.roll 
_ndb_struct_na_base_pair_step.twist 
_ndb_struct_na_base_pair_step.x_displacement 
_ndb_struct_na_base_pair_step.y_displacement 
_ndb_struct_na_base_pair_step.helical_rise 
_ndb_struct_na_base_pair_step.inclination 
_ndb_struct_na_base_pair_step.tip 
_ndb_struct_na_base_pair_step.helical_twist 
_ndb_struct_na_base_pair_step.step_number 
_ndb_struct_na_base_pair_step.step_name 
_ndb_struct_na_base_pair_step.i_auth_asym_id_1 
_ndb_struct_na_base_pair_step.i_auth_seq_id_1 
_ndb_struct_na_base_pair_step.i_PDB_ins_code_1 
_ndb_struct_na_base_pair_step.j_auth_asym_id_1 
_ndb_struct_na_base_pair_step.j_auth_seq_id_1 
_ndb_struct_na_base_pair_step.j_PDB_ins_code_1 
_ndb_struct_na_base_pair_step.i_auth_asym_id_2 
_ndb_struct_na_base_pair_step.i_auth_seq_id_2 
_ndb_struct_na_base_pair_step.i_PDB_ins_code_2 
_ndb_struct_na_base_pair_step.j_auth_asym_id_2 
_ndb_struct_na_base_pair_step.j_auth_seq_id_2 
_ndb_struct_na_base_pair_step.j_PDB_ins_code_2 
1 A C   1  1_555 B G   23 1_555 A U   2  1_555 B A   22 1_555 -0.484 -1.539 3.468 -5.114 12.322 33.242 -4.273 0.056  2.783 20.540 
8.525   35.749 1  AA_C1U2:A22G23_BB   A 1  ? B 23 ? A 2  ? B 22 ? 
1 A U   2  1_555 B A   22 1_555 A UMS 3  1_555 B A   21 1_555 -0.332 -1.162 3.189 -1.313 9.159  33.580 -3.245 0.369  2.796 15.491 
2.220   34.796 2  AA_U2UMS3:A21A22_BB A 2  ? B 22 ? A 3  ? B 21 ? 
1 A UMS 3  1_555 B A   21 1_555 A G   4  1_555 B C   20 1_555 0.101  -1.368 3.297 0.330  16.161 31.020 -4.521 -0.123 2.324 27.964 
-0.571  34.887 3  AA_UMS3G4:C20A21_BB A 3  ? B 21 ? A 4  ? B 20 ? 
1 A G   4  1_555 B C   20 1_555 A C   5  1_555 B G   19 1_555 0.591  -1.322 3.218 0.108  6.781  33.983 -3.207 -0.976 2.910 11.461 
-0.182  34.634 4  AA_G4C5:G19C20_BB   A 4  ? B 20 ? A 5  ? B 19 ? 
1 A C   5  1_555 B G   19 1_555 A U   6  1_555 B A   18 1_555 0.306  -1.794 3.224 0.617  5.791  26.988 -5.074 -0.501 2.791 12.229 
-1.304  27.598 5  AA_C5U6:A18G19_BB   A 5  ? B 19 ? A 6  ? B 18 ? 
1 A U   6  1_555 B A   18 1_555 A G   7  1_555 B C   17 1_555 -0.160 -1.462 3.352 2.331  14.678 32.784 -4.334 0.571  2.477 24.499 
-3.891  35.911 6  AA_U6G7:C17A18_BB   A 6  ? B 18 ? A 7  ? B 17 ? 
1 A G   7  1_555 B C   17 1_555 A G   10 1_555 B C   15 1_555 -1.399 -3.801 6.257 8.472  24.576 76.908 -4.076 1.473  4.917 19.251 
-6.637  80.533 7  AA_G7G10:C15C17_BB  A 7  ? B 17 ? A 10 ? B 15 ? 
1 A G   10 1_555 B C   15 1_555 A U   11 1_555 B A   14 1_555 -0.344 -2.409 3.288 -1.435 1.402  33.940 -4.342 0.361  3.200 2.399  
2.455   33.998 8  AA_G10U11:A14C15_BB A 10 ? B 15 ? A 11 ? B 14 ? 
1 A U   11 1_555 B A   14 1_555 A G   12 1_555 B C   13 1_555 -0.806 -1.812 3.051 -2.627 8.461  25.940 -5.629 1.144  2.418 18.186 
5.646   27.387 9  AA_U11G12:C13A14_BB A 11 ? B 14 ? A 12 ? B 13 ? 
1 A G   12 1_555 B C   13 1_555 A C   13 1_555 B G   12 1_555 0.567  -1.293 3.213 3.164  13.168 35.623 -3.533 -0.498 2.629 20.628 
-4.956  38.032 10 AA_G12C13:G12C13_BB A 12 ? B 13 ? A 13 ? B 12 ? 
1 A C   13 1_555 B G   12 1_555 A A   14 1_555 B U   11 1_555 0.315  -1.629 3.372 0.588  14.985 30.801 -4.961 -0.451 2.356 26.345 
-1.034  34.179 11 AA_C13A14:U11G12_BB A 13 ? B 12 ? A 14 ? B 11 ? 
1 A A   14 1_555 B U   11 1_555 A C   15 1_555 B G   10 1_555 0.418  -2.457 3.166 0.897  -1.451 30.582 -4.369 -0.616 3.287 -2.748 
-1.698  30.628 12 AA_A14C15:G10U11_BB A 14 ? B 11 ? A 15 ? B 10 ? 
1 A C   15 1_555 B G   10 1_555 A C   17 1_555 B G   7  1_555 1.684  -3.764 6.212 -2.856 19.202 77.562 -3.861 -1.453 5.264 15.108 
2.247   79.581 13 AA_C15C17:G7G10_BB  A 15 ? B 10 ? A 17 ? B 7  ? 
1 A C   17 1_555 B G   7  1_555 A A   18 1_555 B U   6  1_555 0.237  -1.485 3.466 -2.731 13.350 30.932 -4.660 -0.838 2.594 23.645 
4.838   33.733 14 AA_C17A18:U6G7_BB   A 17 ? B 7  ? A 18 ? B 6  ? 
1 A A   18 1_555 B U   6  1_555 A G   19 1_555 B C   5  1_555 -0.697 -1.361 3.115 -2.090 7.042  31.460 -3.592 0.914  2.792 12.770 
3.790   32.285 15 AA_A18G19:C5U6_BB   A 18 ? B 6  ? A 19 ? B 5  ? 
1 A G   19 1_555 B C   5  1_555 A C   20 1_555 B G   4  1_555 0.253  -1.388 3.224 0.220  7.327  33.023 -3.502 -0.402 2.860 12.696 
-0.381  33.805 16 AA_G19C20:G4C5_BB   A 19 ? B 5  ? A 20 ? B 4  ? 
1 A C   20 1_555 B G   4  1_555 A A   21 1_555 B UMS 3  1_555 0.097  -1.500 3.325 1.812  13.211 29.975 -4.771 0.118  2.465 24.098 
-3.305  32.745 17 AA_C20A21:UMS3G4_BB A 20 ? B 4  ? A 21 ? B 3  ? 
1 A A   21 1_555 B UMS 3  1_555 A A   22 1_555 B U   2  1_555 -0.069 -1.282 2.955 -1.711 7.847  32.622 -3.326 -0.122 2.586 13.712 
2.990   33.570 18 AA_A21A22:U2UMS3_BB A 21 ? B 3  ? A 22 ? B 2  ? 
1 A A   22 1_555 B U   2  1_555 A G   23 1_555 B C   1  1_555 0.613  -1.438 3.357 6.489  14.668 34.795 -3.975 -0.149 2.633 23.073 
-10.207 38.210 19 AA_A22G23:C1U2_BB   A 22 ? B 2  ? A 23 ? B 1  ? 
# 
loop_
_pdbx_entity_nonpoly.entity_id 
_pdbx_entity_nonpoly.name 
_pdbx_entity_nonpoly.comp_id 
2 NEOMYCIN        NMY 
3 'POTASSIUM ION' K   
4 water           HOH 
# 
_pdbx_initial_refinement_model.id               1 
_pdbx_initial_refinement_model.entity_id_list   ? 
_pdbx_initial_refinement_model.type             'experimental model' 
_pdbx_initial_refinement_model.source_name      PDB 
_pdbx_initial_refinement_model.accession_code   3C3Z 
_pdbx_initial_refinement_model.details          ? 
# 
